data_5ULJ
#
_entry.id   5ULJ
#
_cell.length_a   89.350
_cell.length_b   102.476
_cell.length_c   101.194
_cell.angle_alpha   90.000
_cell.angle_beta   112.850
_cell.angle_gamma   90.000
#
_symmetry.space_group_name_H-M   'P 1 21 1'
#
loop_
_entity.id
_entity.type
_entity.pdbx_description
1 polymer RAI1
2 non-polymer 'CALCIUM ION'
3 non-polymer '[[(2R,3S,4R,5R)-5-(3-aminocarbonyl-4H-pyridin-1-yl)-3,4-bis(oxidanyl)oxolan-2-yl]methoxy-oxidanyl-phosphoryl] [(2R,3S,4R,5R)-5-(6-aminopurin-9-yl)-4-oxidanyl-3-phosphonooxy-oxolan-2-yl]methyl hydrogen phosphate'
4 non-polymer PYROPHOSPHATE
5 water water
#
_entity_poly.entity_id   1
_entity_poly.type   'polypeptide(L)'
_entity_poly.pdbx_seq_one_letter_code
;LVPRGSHMMKTLSLQSRAKTTALKQPKEIFAFARDIDGEFVYDQKIVKDENVSYYYLPDSKIDGSIDLQAGYAKFKKIPE
EKNMSDMKCLLTALTKYEQEHNNGEKVNVDIITYRGLMTKLLALPYNLNDPVDLNVLAYDGQLFINSDEEIELARRKEED
EHKQQSMTPEKYDHMKRCEFSGYKFEAIATLPKPWADCSRQQIDKRGKKMVNNYEQYISVIKTGIGEAKMLLAGEVDCVW
DYIPEDGKDVLSHYMELKTTRILESNGQVVNFEKKLFKTWAQCFLMGIRKVVYGFRDDSFFLRDVELYKTEEIPLLIKNN
ALTENKSGGKINCTTALKWYGAVIEWLLQEIPRDDTSKAYRVSFDPSTRTFTLRELMGNENSRLRNGEMLTSEFKQWRES
I
;
_entity_poly.pdbx_strand_id   A,B,C,D
#
loop_
_chem_comp.id
_chem_comp.type
_chem_comp.name
_chem_comp.formula
0WD non-polymer '[[(2R,3S,4R,5R)-5-(3-aminocarbonyl-4H-pyridin-1-yl)-3,4-bis(oxidanyl)oxolan-2-yl]methoxy-oxidanyl-phosphoryl] [(2R,3S,4R,5R)-5-(6-aminopurin-9-yl)-4-oxidanyl-3-phosphonooxy-oxolan-2-yl]methyl hydrogen phosphate' 'C21 H30 N7 O17 P3'
CA non-polymer 'CALCIUM ION' 'Ca 2'
PPV non-polymer PYROPHOSPHATE 'H4 O7 P2'
#
# COMPACT_ATOMS: atom_id res chain seq x y z
N MET A 9 -8.80 -10.59 -0.05
CA MET A 9 -8.72 -9.68 1.08
C MET A 9 -9.82 -9.96 2.10
N LYS A 10 -9.59 -10.95 2.96
CA LYS A 10 -10.53 -11.26 4.02
C LYS A 10 -10.16 -10.48 5.28
N THR A 11 -11.17 -10.21 6.12
CA THR A 11 -10.92 -9.55 7.40
C THR A 11 -11.45 -10.39 8.55
N LEU A 12 -10.87 -10.20 9.73
CA LEU A 12 -11.33 -10.87 10.93
C LEU A 12 -11.79 -9.83 11.95
N SER A 13 -12.92 -10.09 12.58
CA SER A 13 -13.43 -9.18 13.61
C SER A 13 -12.42 -9.05 14.75
N LEU A 14 -12.17 -7.80 15.17
CA LEU A 14 -11.26 -7.54 16.28
C LEU A 14 -11.84 -8.04 17.59
N GLN A 15 -13.11 -8.39 17.57
CA GLN A 15 -13.79 -8.92 18.75
C GLN A 15 -13.86 -10.45 18.72
N SER A 16 -13.11 -11.05 17.80
CA SER A 16 -13.07 -12.51 17.69
C SER A 16 -12.48 -13.15 18.93
N ARG A 17 -13.16 -14.16 19.45
CA ARG A 17 -12.69 -14.90 20.63
CA ARG A 17 -12.69 -14.90 20.63
C ARG A 17 -12.87 -16.40 20.45
N ALA A 18 -11.90 -17.17 20.91
CA ALA A 18 -12.02 -18.62 20.90
C ALA A 18 -12.95 -19.05 22.03
N LYS A 19 -13.58 -20.22 21.87
CA LYS A 19 -14.54 -20.71 22.86
C LYS A 19 -13.92 -20.80 24.26
N THR A 20 -12.82 -21.54 24.35
CA THR A 20 -12.03 -21.58 25.58
C THR A 20 -10.62 -21.16 25.23
N THR A 21 -9.81 -20.92 26.26
CA THR A 21 -8.42 -20.54 26.03
C THR A 21 -7.64 -21.73 25.48
N ALA A 22 -8.09 -22.94 25.82
CA ALA A 22 -7.57 -24.19 25.26
C ALA A 22 -6.05 -24.28 25.29
N LEU A 23 -5.50 -24.36 26.51
CA LEU A 23 -4.05 -24.31 26.71
C LEU A 23 -3.36 -25.64 26.48
N LYS A 24 -2.10 -25.57 26.06
CA LYS A 24 -1.25 -26.75 25.91
C LYS A 24 0.10 -26.50 26.57
N GLN A 25 0.73 -27.55 27.06
CA GLN A 25 2.03 -27.43 27.71
C GLN A 25 3.17 -27.50 26.70
N PRO A 26 3.95 -26.41 26.59
CA PRO A 26 5.06 -26.35 25.64
C PRO A 26 6.25 -27.20 26.10
N LYS A 27 7.09 -27.62 25.15
CA LYS A 27 8.32 -28.31 25.48
C LYS A 27 9.40 -27.98 24.47
N GLU A 28 10.60 -27.68 24.96
CA GLU A 28 11.75 -27.43 24.09
C GLU A 28 12.19 -28.72 23.42
N ILE A 29 12.46 -28.66 22.12
CA ILE A 29 12.95 -29.83 21.39
C ILE A 29 14.38 -29.62 20.90
N PHE A 30 14.75 -28.37 20.64
CA PHE A 30 16.15 -28.04 20.35
C PHE A 30 16.44 -26.56 20.56
N ALA A 31 17.71 -26.21 20.52
CA ALA A 31 18.13 -24.83 20.73
C ALA A 31 19.32 -24.48 19.85
N PHE A 32 19.47 -23.20 19.54
CA PHE A 32 20.67 -22.70 18.86
C PHE A 32 20.98 -21.32 19.40
N ALA A 33 22.16 -20.80 19.09
CA ALA A 33 22.57 -19.53 19.66
C ALA A 33 23.49 -18.72 18.76
N ARG A 34 23.41 -17.40 18.91
CA ARG A 34 24.40 -16.49 18.34
C ARG A 34 25.28 -16.01 19.48
N ASP A 35 26.57 -16.26 19.41
CA ASP A 35 27.45 -15.90 20.52
C ASP A 35 27.91 -14.46 20.42
N ILE A 36 28.80 -14.07 21.32
CA ILE A 36 29.23 -12.68 21.47
C ILE A 36 30.01 -12.18 20.25
N ASP A 37 30.38 -13.10 19.36
CA ASP A 37 31.16 -12.75 18.19
C ASP A 37 30.33 -12.80 16.90
N GLY A 38 29.05 -13.07 17.04
CA GLY A 38 28.15 -13.08 15.90
C GLY A 38 28.09 -14.41 15.18
N GLU A 39 28.82 -15.40 15.69
CA GLU A 39 28.82 -16.74 15.11
C GLU A 39 27.67 -17.56 15.68
N PHE A 40 27.14 -18.47 14.88
CA PHE A 40 25.99 -19.27 15.30
C PHE A 40 26.39 -20.67 15.76
N VAL A 41 25.79 -21.11 16.85
CA VAL A 41 26.09 -22.41 17.45
C VAL A 41 24.88 -23.33 17.37
N TYR A 42 25.06 -24.53 16.82
CA TYR A 42 23.95 -25.45 16.58
C TYR A 42 24.04 -26.76 17.35
N ASP A 43 25.23 -27.11 17.81
CA ASP A 43 25.40 -28.35 18.56
C ASP A 43 24.72 -28.26 19.92
N GLN A 44 23.87 -29.24 20.21
CA GLN A 44 23.01 -29.19 21.39
C GLN A 44 23.77 -29.23 22.72
N LYS A 45 24.81 -30.05 22.81
CA LYS A 45 25.58 -30.13 24.04
C LYS A 45 26.45 -28.88 24.22
N ILE A 46 27.03 -28.41 23.12
CA ILE A 46 27.88 -27.23 23.16
C ILE A 46 27.10 -25.97 23.55
N VAL A 47 25.94 -25.77 22.93
CA VAL A 47 25.16 -24.56 23.16
C VAL A 47 24.69 -24.47 24.61
N LYS A 48 24.43 -25.62 25.23
CA LYS A 48 23.98 -25.64 26.62
C LYS A 48 25.15 -25.60 27.58
N ASP A 49 26.33 -25.95 27.07
CA ASP A 49 27.54 -25.93 27.87
C ASP A 49 28.21 -24.56 27.89
N GLU A 50 28.01 -23.78 26.84
CA GLU A 50 28.81 -22.57 26.65
C GLU A 50 28.00 -21.30 26.37
N ASN A 51 26.74 -21.43 26.00
CA ASN A 51 25.94 -20.26 25.62
C ASN A 51 24.76 -20.02 26.54
N VAL A 52 24.84 -20.56 27.76
CA VAL A 52 23.78 -20.36 28.75
C VAL A 52 24.25 -19.46 29.89
N SER A 53 23.48 -18.44 30.19
CA SER A 53 23.77 -17.56 31.32
C SER A 53 23.01 -18.02 32.57
N TYR A 54 23.57 -17.75 33.74
CA TYR A 54 22.95 -18.17 34.99
C TYR A 54 22.68 -16.97 35.88
N TYR A 55 21.46 -16.88 36.39
CA TYR A 55 21.05 -15.74 37.20
C TYR A 55 21.82 -15.64 38.50
N TYR A 56 22.38 -14.47 38.76
CA TYR A 56 23.04 -14.20 40.03
C TYR A 56 23.02 -12.71 40.35
N LEU A 57 22.19 -12.33 41.30
CA LEU A 57 22.08 -10.94 41.70
C LEU A 57 21.85 -10.85 43.20
N PRO A 58 22.93 -10.72 43.98
CA PRO A 58 22.84 -10.62 45.44
C PRO A 58 21.98 -9.45 45.86
N ASP A 59 21.18 -9.64 46.91
CA ASP A 59 20.35 -8.56 47.44
C ASP A 59 21.24 -7.49 48.07
N SER A 60 22.52 -7.81 48.21
CA SER A 60 23.52 -6.87 48.70
C SER A 60 23.71 -5.69 47.75
N LYS A 61 23.75 -5.97 46.44
CA LYS A 61 24.05 -4.94 45.46
C LYS A 61 22.79 -4.30 44.86
N ILE A 62 21.67 -4.43 45.56
CA ILE A 62 20.46 -3.72 45.18
C ILE A 62 20.22 -2.63 46.22
N ASP A 63 21.11 -1.66 46.23
CA ASP A 63 21.12 -0.61 47.23
C ASP A 63 21.19 0.78 46.59
N GLY A 64 21.06 0.83 45.28
CA GLY A 64 21.08 2.09 44.55
C GLY A 64 22.47 2.55 44.18
N SER A 65 23.44 1.63 44.25
CA SER A 65 24.83 1.98 43.96
C SER A 65 25.20 1.70 42.51
N ILE A 66 24.47 0.79 41.87
CA ILE A 66 24.80 0.37 40.51
C ILE A 66 24.15 1.25 39.44
N ASP A 67 24.98 1.84 38.59
CA ASP A 67 24.51 2.67 37.48
C ASP A 67 24.36 1.81 36.22
N LEU A 68 23.13 1.67 35.75
CA LEU A 68 22.83 0.82 34.59
C LEU A 68 23.19 1.53 33.29
N GLN A 69 23.64 2.77 33.39
CA GLN A 69 24.08 3.52 32.23
C GLN A 69 25.60 3.58 32.12
N ALA A 70 26.30 3.16 33.18
CA ALA A 70 27.76 3.16 33.19
C ALA A 70 28.35 2.17 32.19
N GLY A 71 29.26 2.67 31.35
CA GLY A 71 29.89 1.84 30.34
C GLY A 71 29.16 1.87 29.02
N TYR A 72 28.28 2.85 28.85
CA TYR A 72 27.47 2.99 27.64
C TYR A 72 28.33 3.11 26.39
N ALA A 73 29.51 3.71 26.53
CA ALA A 73 30.41 3.93 25.40
C ALA A 73 31.02 2.63 24.87
N LYS A 74 31.09 1.61 25.72
CA LYS A 74 31.69 0.34 25.33
C LYS A 74 30.63 -0.68 24.92
N PHE A 75 29.42 -0.21 24.65
CA PHE A 75 28.33 -1.07 24.20
C PHE A 75 28.66 -1.69 22.86
N LYS A 76 28.67 -3.02 22.81
CA LYS A 76 28.88 -3.73 21.54
C LYS A 76 27.54 -4.00 20.87
N LYS A 77 27.17 -3.12 19.95
CA LYS A 77 25.86 -3.19 19.31
C LYS A 77 25.93 -3.83 17.94
N ILE A 78 25.12 -4.86 17.72
CA ILE A 78 25.06 -5.49 16.40
C ILE A 78 24.26 -4.59 15.45
N PRO A 79 24.78 -4.41 14.22
CA PRO A 79 24.02 -3.66 13.22
C PRO A 79 22.70 -4.37 12.90
N GLU A 80 21.60 -3.64 12.89
CA GLU A 80 20.27 -4.24 12.79
C GLU A 80 19.99 -4.82 11.40
N GLU A 81 21.00 -4.80 10.54
CA GLU A 81 20.92 -5.47 9.24
C GLU A 81 21.01 -6.97 9.41
N LYS A 82 21.78 -7.41 10.41
CA LYS A 82 22.16 -8.80 10.54
C LYS A 82 21.43 -9.55 11.66
N ASN A 83 20.42 -8.92 12.24
CA ASN A 83 19.80 -9.46 13.44
C ASN A 83 18.67 -10.46 13.19
N MET A 84 18.98 -11.51 12.43
CA MET A 84 18.05 -12.61 12.17
C MET A 84 16.68 -12.15 11.69
N SER A 85 16.67 -11.24 10.72
CA SER A 85 15.42 -10.75 10.16
C SER A 85 14.79 -11.78 9.22
N ASP A 86 15.57 -12.79 8.86
CA ASP A 86 15.09 -13.89 8.04
C ASP A 86 14.80 -15.13 8.89
N MET A 87 14.73 -16.29 8.24
CA MET A 87 14.51 -17.54 8.96
C MET A 87 15.65 -18.51 8.72
N LYS A 88 16.76 -17.99 8.20
CA LYS A 88 17.90 -18.82 7.79
C LYS A 88 18.43 -19.71 8.91
N CYS A 89 18.82 -19.11 10.02
CA CYS A 89 19.44 -19.85 11.11
C CYS A 89 18.44 -20.76 11.82
N LEU A 90 17.18 -20.33 11.90
CA LEU A 90 16.12 -21.16 12.47
C LEU A 90 15.96 -22.44 11.65
N LEU A 91 15.90 -22.30 10.33
CA LEU A 91 15.72 -23.44 9.44
C LEU A 91 16.96 -24.33 9.40
N THR A 92 18.12 -23.73 9.61
CA THR A 92 19.37 -24.50 9.72
C THR A 92 19.29 -25.42 10.92
N ALA A 93 18.83 -24.88 12.05
CA ALA A 93 18.71 -25.65 13.28
C ALA A 93 17.58 -26.68 13.18
N LEU A 94 16.49 -26.31 12.52
CA LEU A 94 15.36 -27.21 12.34
C LEU A 94 15.75 -28.40 11.47
N THR A 95 16.51 -28.12 10.40
CA THR A 95 17.01 -29.17 9.53
C THR A 95 17.83 -30.17 10.32
N LYS A 96 18.76 -29.65 11.12
CA LYS A 96 19.60 -30.47 11.99
C LYS A 96 18.77 -31.34 12.92
N TYR A 97 17.75 -30.74 13.53
CA TYR A 97 16.89 -31.47 14.46
C TYR A 97 16.15 -32.62 13.79
N GLU A 98 15.54 -32.34 12.64
CA GLU A 98 14.77 -33.35 11.92
C GLU A 98 15.67 -34.48 11.44
N GLN A 99 16.90 -34.13 11.05
CA GLN A 99 17.88 -35.12 10.62
C GLN A 99 18.34 -36.02 11.77
N GLU A 100 18.65 -35.39 12.91
CA GLU A 100 19.36 -36.08 13.98
C GLU A 100 18.47 -36.59 15.12
N HIS A 101 17.26 -36.07 15.23
CA HIS A 101 16.42 -36.45 16.36
C HIS A 101 14.97 -36.77 16.00
N ASN A 102 14.59 -36.54 14.75
CA ASN A 102 13.23 -36.85 14.32
C ASN A 102 13.22 -37.91 13.23
N ASN A 103 14.24 -38.77 13.23
CA ASN A 103 14.35 -39.89 12.29
C ASN A 103 14.26 -39.47 10.82
N GLY A 104 14.76 -38.28 10.51
CA GLY A 104 14.77 -37.79 9.15
C GLY A 104 13.40 -37.42 8.62
N GLU A 105 12.47 -37.15 9.53
CA GLU A 105 11.11 -36.74 9.17
C GLU A 105 10.86 -35.30 9.61
N LYS A 106 9.96 -34.62 8.92
CA LYS A 106 9.63 -33.23 9.26
C LYS A 106 8.97 -33.16 10.63
N VAL A 107 9.18 -32.05 11.33
CA VAL A 107 8.58 -31.86 12.64
C VAL A 107 7.06 -31.77 12.49
N ASN A 108 6.33 -32.40 13.41
CA ASN A 108 4.89 -32.51 13.29
C ASN A 108 4.15 -31.31 13.88
N VAL A 109 4.15 -30.20 13.15
CA VAL A 109 3.41 -29.01 13.55
C VAL A 109 2.69 -28.40 12.35
N ASP A 110 1.79 -27.46 12.61
CA ASP A 110 1.08 -26.77 11.55
C ASP A 110 1.74 -25.44 11.22
N ILE A 111 2.36 -24.82 12.22
CA ILE A 111 2.93 -23.49 12.08
C ILE A 111 4.37 -23.42 12.59
N ILE A 112 5.23 -22.78 11.81
CA ILE A 112 6.62 -22.55 12.21
C ILE A 112 6.94 -21.06 12.17
N THR A 113 7.28 -20.48 13.31
CA THR A 113 7.51 -19.04 13.38
C THR A 113 8.30 -18.63 14.62
N TYR A 114 8.47 -17.32 14.80
CA TYR A 114 9.16 -16.78 15.97
C TYR A 114 8.18 -16.42 17.09
N ARG A 115 8.64 -16.53 18.32
CA ARG A 115 7.83 -16.20 19.49
C ARG A 115 7.37 -14.75 19.47
N GLY A 116 8.30 -13.85 19.16
CA GLY A 116 8.02 -12.42 19.19
C GLY A 116 6.91 -11.99 18.25
N LEU A 117 6.79 -12.68 17.12
CA LEU A 117 5.74 -12.39 16.16
C LEU A 117 4.38 -12.79 16.71
N MET A 118 4.33 -13.90 17.43
CA MET A 118 3.08 -14.36 18.03
C MET A 118 2.71 -13.48 19.23
N THR A 119 3.72 -12.93 19.89
CA THR A 119 3.50 -12.00 20.99
C THR A 119 2.79 -10.75 20.47
N LYS A 120 3.17 -10.31 19.28
CA LYS A 120 2.53 -9.17 18.64
C LYS A 120 1.03 -9.39 18.45
N LEU A 121 0.68 -10.60 17.99
CA LEU A 121 -0.72 -10.94 17.78
C LEU A 121 -1.45 -11.06 19.11
N LEU A 122 -0.81 -11.67 20.09
CA LEU A 122 -1.41 -11.91 21.40
C LEU A 122 -1.67 -10.58 22.14
N ALA A 123 -0.79 -9.61 21.94
CA ALA A 123 -0.88 -8.35 22.68
C ALA A 123 -1.67 -7.28 21.92
N LEU A 124 -2.05 -7.59 20.68
CA LEU A 124 -2.75 -6.64 19.81
C LEU A 124 -3.99 -5.96 20.42
N PRO A 125 -4.89 -6.73 21.09
CA PRO A 125 -6.14 -6.09 21.56
C PRO A 125 -5.94 -4.90 22.48
N TYR A 126 -4.79 -4.81 23.14
CA TYR A 126 -4.52 -3.70 24.04
C TYR A 126 -3.33 -2.89 23.56
N ASN A 127 -3.05 -3.02 22.25
CA ASN A 127 -2.03 -2.22 21.59
C ASN A 127 -2.48 -1.88 20.18
N LEU A 128 -3.64 -1.24 20.07
CA LEU A 128 -4.28 -0.98 18.79
C LEU A 128 -3.61 0.13 17.99
N ASN A 129 -2.54 0.71 18.54
CA ASN A 129 -1.82 1.77 17.85
C ASN A 129 -0.59 1.23 17.11
N ASP A 130 -0.25 -0.02 17.38
CA ASP A 130 0.93 -0.64 16.76
C ASP A 130 0.57 -1.45 15.53
N PRO A 131 1.21 -1.15 14.39
CA PRO A 131 0.98 -1.90 13.15
C PRO A 131 1.58 -3.28 13.19
N VAL A 132 0.92 -4.25 12.55
CA VAL A 132 1.43 -5.61 12.45
C VAL A 132 1.40 -6.08 11.01
N ASP A 133 2.52 -6.57 10.52
CA ASP A 133 2.59 -7.11 9.16
C ASP A 133 3.38 -8.42 9.15
N LEU A 134 2.72 -9.50 8.78
CA LEU A 134 3.34 -10.82 8.79
C LEU A 134 3.19 -11.53 7.45
N ASN A 135 4.30 -12.03 6.93
CA ASN A 135 4.28 -12.86 5.73
C ASN A 135 3.96 -14.30 6.09
N VAL A 136 3.02 -14.90 5.38
CA VAL A 136 2.67 -16.30 5.59
C VAL A 136 2.72 -17.07 4.28
N LEU A 137 3.38 -18.21 4.30
CA LEU A 137 3.41 -19.07 3.11
C LEU A 137 3.26 -20.54 3.48
N ALA A 138 2.56 -21.28 2.63
CA ALA A 138 2.39 -22.71 2.82
C ALA A 138 3.51 -23.48 2.13
N TYR A 139 4.12 -24.40 2.85
CA TYR A 139 5.17 -25.24 2.28
C TYR A 139 5.26 -26.57 3.02
N ASP A 140 5.29 -27.65 2.26
CA ASP A 140 5.39 -29.00 2.81
C ASP A 140 4.30 -29.29 3.83
N GLY A 141 3.10 -28.76 3.57
CA GLY A 141 1.96 -28.97 4.43
C GLY A 141 2.02 -28.18 5.74
N GLN A 142 2.85 -27.15 5.76
CA GLN A 142 3.03 -26.33 6.97
C GLN A 142 2.99 -24.84 6.64
N LEU A 143 2.64 -24.04 7.64
CA LEU A 143 2.64 -22.58 7.49
C LEU A 143 3.88 -21.97 8.11
N PHE A 144 4.60 -21.18 7.33
CA PHE A 144 5.77 -20.47 7.83
C PHE A 144 5.44 -18.99 7.96
N ILE A 145 5.74 -18.41 9.12
CA ILE A 145 5.35 -17.03 9.40
C ILE A 145 6.55 -16.17 9.82
N ASN A 146 6.73 -15.06 9.12
CA ASN A 146 7.81 -14.14 9.41
C ASN A 146 7.39 -12.69 9.18
N SER A 147 8.07 -11.76 9.83
CA SER A 147 7.87 -10.34 9.53
C SER A 147 8.50 -10.06 8.17
N ASP A 148 8.11 -8.95 7.56
CA ASP A 148 8.64 -8.60 6.24
C ASP A 148 9.85 -7.68 6.37
N GLU A 149 10.99 -8.13 5.84
CA GLU A 149 12.26 -7.42 5.98
C GLU A 149 12.20 -5.98 5.48
N GLU A 150 11.69 -5.78 4.27
CA GLU A 150 11.64 -4.47 3.66
C GLU A 150 10.70 -3.53 4.42
N ILE A 151 9.58 -4.07 4.88
CA ILE A 151 8.64 -3.30 5.68
C ILE A 151 9.26 -2.92 7.02
N GLU A 152 9.87 -3.90 7.68
CA GLU A 152 10.51 -3.68 8.98
C GLU A 152 11.63 -2.64 8.87
N LEU A 153 12.41 -2.74 7.81
CA LEU A 153 13.51 -1.81 7.58
C LEU A 153 12.99 -0.39 7.41
N ALA A 154 11.95 -0.24 6.59
CA ALA A 154 11.37 1.08 6.33
C ALA A 154 10.67 1.64 7.57
N ARG A 155 9.98 0.77 8.30
CA ARG A 155 9.26 1.17 9.51
C ARG A 155 10.23 1.59 10.60
N ARG A 156 11.39 0.92 10.65
CA ARG A 156 12.41 1.22 11.65
C ARG A 156 13.00 2.61 11.44
N LYS A 157 13.27 2.96 10.17
CA LYS A 157 13.84 4.26 9.85
C LYS A 157 12.85 5.39 10.08
N GLU A 158 11.58 5.15 9.75
CA GLU A 158 10.55 6.18 9.89
C GLU A 158 10.32 6.53 11.36
N GLU A 159 10.43 5.52 12.23
CA GLU A 159 10.17 5.72 13.65
C GLU A 159 11.31 6.46 14.31
N ASP A 160 12.51 6.27 13.79
CA ASP A 160 13.68 6.99 14.28
C ASP A 160 13.60 8.44 13.86
N GLU A 161 13.12 8.68 12.63
CA GLU A 161 12.94 10.04 12.12
C GLU A 161 11.96 10.81 12.99
N HIS A 162 10.84 10.17 13.33
CA HIS A 162 9.84 10.77 14.20
C HIS A 162 10.43 11.16 15.54
N LYS A 163 11.23 10.27 16.10
CA LYS A 163 11.87 10.52 17.39
C LYS A 163 12.82 11.71 17.30
N GLN A 164 13.59 11.78 16.23
CA GLN A 164 14.53 12.88 16.04
C GLN A 164 13.82 14.23 15.86
N GLN A 165 12.66 14.20 15.23
CA GLN A 165 11.89 15.43 15.02
C GLN A 165 11.11 15.83 16.26
N SER A 166 10.97 14.90 17.20
CA SER A 166 10.15 15.14 18.39
C SER A 166 10.96 15.20 19.68
N MET A 167 12.23 14.80 19.62
CA MET A 167 13.06 14.77 20.81
C MET A 167 14.24 15.72 20.74
N THR A 168 14.59 16.29 21.89
CA THR A 168 15.85 17.02 22.04
C THR A 168 16.99 16.03 21.98
N PRO A 169 18.23 16.52 21.73
CA PRO A 169 19.39 15.63 21.80
C PRO A 169 19.51 14.93 23.15
N GLU A 170 19.10 15.62 24.22
CA GLU A 170 19.16 15.06 25.57
C GLU A 170 18.21 13.87 25.73
N LYS A 171 16.97 14.04 25.29
CA LYS A 171 15.97 12.98 25.42
C LYS A 171 16.27 11.81 24.50
N TYR A 172 16.78 12.11 23.31
CA TYR A 172 17.14 11.08 22.34
C TYR A 172 18.28 10.23 22.88
N ASP A 173 19.27 10.87 23.49
CA ASP A 173 20.39 10.18 24.10
C ASP A 173 19.92 9.36 25.30
N HIS A 174 18.93 9.90 26.02
CA HIS A 174 18.36 9.22 27.18
C HIS A 174 17.68 7.92 26.75
N MET A 175 16.99 7.97 25.61
CA MET A 175 16.34 6.79 25.05
C MET A 175 17.34 5.68 24.72
N LYS A 176 18.45 6.09 24.09
CA LYS A 176 19.52 5.14 23.75
C LYS A 176 20.08 4.45 24.99
N ARG A 177 20.22 5.23 26.07
CA ARG A 177 20.77 4.71 27.31
C ARG A 177 19.77 3.79 28.03
N CYS A 178 18.48 4.03 27.81
CA CYS A 178 17.45 3.15 28.34
C CYS A 178 17.54 1.78 27.69
N GLU A 179 17.76 1.76 26.38
CA GLU A 179 17.97 0.53 25.64
C GLU A 179 19.20 -0.21 26.16
N PHE A 180 20.28 0.54 26.35
CA PHE A 180 21.53 -0.02 26.86
C PHE A 180 21.37 -0.61 28.26
N SER A 181 20.59 0.07 29.09
CA SER A 181 20.45 -0.31 30.50
C SER A 181 19.85 -1.69 30.68
N GLY A 182 19.04 -2.12 29.72
CA GLY A 182 18.46 -3.45 29.74
C GLY A 182 19.52 -4.52 29.57
N TYR A 183 20.44 -4.29 28.64
CA TYR A 183 21.53 -5.23 28.40
C TYR A 183 22.56 -5.15 29.51
N LYS A 184 22.73 -3.95 30.08
CA LYS A 184 23.65 -3.76 31.20
C LYS A 184 23.17 -4.57 32.41
N PHE A 185 21.87 -4.53 32.67
CA PHE A 185 21.28 -5.25 33.78
C PHE A 185 21.49 -6.76 33.64
N GLU A 186 21.28 -7.27 32.42
CA GLU A 186 21.48 -8.68 32.16
C GLU A 186 22.94 -9.09 32.39
N ALA A 187 23.85 -8.18 32.09
CA ALA A 187 25.27 -8.43 32.27
C ALA A 187 25.65 -8.53 33.75
N ILE A 188 25.12 -7.63 34.55
CA ILE A 188 25.46 -7.57 35.97
C ILE A 188 24.62 -8.51 36.82
N ALA A 189 23.62 -9.15 36.22
CA ALA A 189 22.73 -10.05 36.95
C ALA A 189 22.91 -11.50 36.54
N THR A 190 23.89 -11.77 35.69
CA THR A 190 24.13 -13.14 35.22
C THR A 190 25.59 -13.55 35.32
N LEU A 191 25.79 -14.86 35.38
CA LEU A 191 27.13 -15.44 35.35
C LEU A 191 27.25 -16.37 34.16
N PRO A 192 28.44 -16.42 33.54
CA PRO A 192 28.69 -17.27 32.37
C PRO A 192 28.45 -18.75 32.69
N LYS A 193 28.78 -19.14 33.92
CA LYS A 193 28.62 -20.51 34.38
C LYS A 193 28.09 -20.47 35.82
N PRO A 194 27.72 -21.64 36.38
CA PRO A 194 27.38 -21.66 37.82
C PRO A 194 28.50 -21.09 38.69
N TRP A 195 28.14 -20.59 39.86
CA TRP A 195 29.07 -19.90 40.76
C TRP A 195 30.39 -20.65 40.98
N ALA A 196 30.28 -21.94 41.28
CA ALA A 196 31.45 -22.76 41.61
C ALA A 196 32.46 -22.83 40.48
N ASP A 197 31.99 -22.71 39.24
CA ASP A 197 32.86 -22.85 38.08
C ASP A 197 33.41 -21.51 37.60
N CYS A 198 33.09 -20.44 38.32
CA CYS A 198 33.50 -19.10 37.91
C CYS A 198 34.74 -18.61 38.64
N SER A 199 35.47 -17.70 37.99
CA SER A 199 36.57 -17.01 38.63
C SER A 199 36.04 -15.84 39.45
N ARG A 200 36.90 -15.21 40.24
CA ARG A 200 36.45 -14.12 41.10
C ARG A 200 36.41 -12.80 40.31
N GLN A 201 37.13 -12.77 39.19
CA GLN A 201 37.04 -11.61 38.29
C GLN A 201 35.65 -11.56 37.67
N GLN A 202 35.13 -12.74 37.33
CA GLN A 202 33.79 -12.85 36.76
C GLN A 202 32.72 -12.60 37.83
N ILE A 203 33.14 -12.66 39.09
CA ILE A 203 32.25 -12.35 40.21
C ILE A 203 32.70 -11.07 40.90
N MET A 210 31.89 -8.12 27.65
CA MET A 210 31.35 -6.88 27.12
C MET A 210 29.82 -6.86 27.19
N VAL A 211 29.26 -5.71 27.55
CA VAL A 211 27.82 -5.52 27.44
C VAL A 211 27.46 -5.42 25.97
N ASN A 212 26.57 -6.30 25.51
CA ASN A 212 26.29 -6.43 24.09
C ASN A 212 24.89 -6.93 23.80
N ASN A 213 24.49 -6.85 22.54
CA ASN A 213 23.24 -7.46 22.10
C ASN A 213 23.50 -8.47 21.00
N TYR A 214 24.73 -8.99 20.97
CA TYR A 214 25.11 -10.07 20.06
C TYR A 214 24.65 -11.41 20.58
N GLU A 215 24.91 -11.66 21.86
CA GLU A 215 24.57 -12.92 22.51
C GLU A 215 23.07 -13.16 22.51
N GLN A 216 22.65 -14.23 21.84
CA GLN A 216 21.24 -14.61 21.79
C GLN A 216 21.08 -16.12 21.91
N TYR A 217 20.50 -16.57 23.01
CA TYR A 217 20.21 -17.98 23.21
C TYR A 217 18.77 -18.26 22.78
N ILE A 218 18.62 -19.00 21.68
CA ILE A 218 17.30 -19.25 21.13
C ILE A 218 16.79 -20.65 21.45
N SER A 219 15.74 -20.71 22.25
CA SER A 219 15.04 -21.97 22.49
C SER A 219 14.00 -22.17 21.40
N VAL A 220 13.84 -23.42 20.96
CA VAL A 220 12.80 -23.74 19.99
C VAL A 220 11.87 -24.80 20.58
N ILE A 221 10.60 -24.44 20.73
CA ILE A 221 9.65 -25.28 21.44
C ILE A 221 8.55 -25.82 20.54
N LYS A 222 8.07 -27.01 20.87
CA LYS A 222 6.83 -27.52 20.31
C LYS A 222 5.69 -27.18 21.27
N THR A 223 4.68 -26.48 20.75
CA THR A 223 3.56 -26.06 21.58
C THR A 223 2.30 -26.01 20.73
N GLY A 224 1.28 -25.30 21.21
CA GLY A 224 0.07 -25.14 20.44
C GLY A 224 -1.04 -24.43 21.19
N ILE A 225 -2.12 -24.16 20.48
CA ILE A 225 -3.31 -23.59 21.08
C ILE A 225 -4.53 -24.09 20.29
N GLY A 226 -5.56 -24.51 21.01
CA GLY A 226 -6.70 -25.14 20.37
C GLY A 226 -6.28 -26.39 19.62
N GLU A 227 -6.58 -26.44 18.34
CA GLU A 227 -6.25 -27.59 17.51
C GLU A 227 -4.93 -27.42 16.78
N ALA A 228 -4.34 -26.22 16.91
CA ALA A 228 -3.12 -25.90 16.19
C ALA A 228 -1.87 -26.39 16.91
N LYS A 229 -0.99 -27.05 16.16
CA LYS A 229 0.33 -27.42 16.67
C LYS A 229 1.36 -26.45 16.09
N MET A 230 2.20 -25.91 16.95
CA MET A 230 3.09 -24.83 16.53
C MET A 230 4.54 -25.02 16.97
N LEU A 231 5.45 -24.48 16.17
CA LEU A 231 6.85 -24.41 16.54
C LEU A 231 7.25 -22.95 16.76
N LEU A 232 7.68 -22.63 17.97
CA LEU A 232 8.07 -21.27 18.29
C LEU A 232 9.55 -21.17 18.63
N ALA A 233 10.25 -20.23 18.00
CA ALA A 233 11.63 -19.93 18.35
C ALA A 233 11.66 -18.62 19.14
N GLY A 234 12.23 -18.66 20.34
CA GLY A 234 12.27 -17.48 21.20
C GLY A 234 13.53 -17.34 22.02
N GLU A 235 14.01 -16.11 22.14
CA GLU A 235 15.20 -15.81 22.91
C GLU A 235 14.95 -15.99 24.41
N VAL A 236 15.92 -16.60 25.08
CA VAL A 236 15.86 -16.78 26.53
C VAL A 236 17.04 -16.08 27.19
N ASP A 237 16.78 -15.33 28.26
CA ASP A 237 17.81 -14.52 28.91
C ASP A 237 18.79 -15.36 29.72
N CYS A 238 18.27 -16.19 30.63
CA CYS A 238 19.13 -16.98 31.50
C CYS A 238 18.41 -18.16 32.15
N VAL A 239 19.15 -18.91 32.95
CA VAL A 239 18.60 -20.03 33.70
C VAL A 239 18.55 -19.68 35.19
N TRP A 240 17.44 -20.03 35.84
CA TRP A 240 17.27 -19.76 37.26
C TRP A 240 18.23 -20.59 38.11
N ASP A 241 18.32 -21.88 37.84
CA ASP A 241 19.19 -22.75 38.62
C ASP A 241 20.12 -23.59 37.74
N TYR A 242 19.55 -24.56 37.02
CA TYR A 242 20.36 -25.51 36.27
C TYR A 242 19.66 -26.05 35.03
N ILE A 243 20.44 -26.52 34.08
CA ILE A 243 19.93 -27.28 32.94
C ILE A 243 19.99 -28.77 33.25
N PRO A 244 18.82 -29.42 33.34
CA PRO A 244 18.76 -30.87 33.59
C PRO A 244 19.41 -31.65 32.46
N GLU A 245 20.09 -32.74 32.78
CA GLU A 245 20.89 -33.45 31.77
C GLU A 245 20.04 -34.24 30.79
N ASP A 246 18.97 -34.87 31.28
CA ASP A 246 18.13 -35.71 30.44
C ASP A 246 17.18 -34.91 29.55
N GLY A 247 17.35 -33.59 29.55
CA GLY A 247 16.59 -32.71 28.68
C GLY A 247 15.08 -32.77 28.92
N LYS A 248 14.70 -32.96 30.18
CA LYS A 248 13.29 -33.00 30.54
C LYS A 248 12.90 -31.78 31.36
N ASP A 249 11.77 -31.16 31.01
CA ASP A 249 11.23 -30.00 31.72
C ASP A 249 12.26 -28.87 31.78
N VAL A 250 13.00 -28.68 30.69
CA VAL A 250 14.05 -27.68 30.63
C VAL A 250 13.48 -26.25 30.66
N LEU A 251 12.31 -26.07 30.05
CA LEU A 251 11.68 -24.75 29.96
C LEU A 251 11.38 -24.14 31.34
N SER A 252 11.12 -24.99 32.32
CA SER A 252 10.76 -24.54 33.65
C SER A 252 11.94 -23.93 34.40
N HIS A 253 13.14 -24.03 33.83
CA HIS A 253 14.34 -23.53 34.48
C HIS A 253 14.81 -22.20 33.88
N TYR A 254 14.17 -21.79 32.80
CA TYR A 254 14.54 -20.55 32.12
C TYR A 254 13.98 -19.32 32.84
N MET A 255 14.60 -18.16 32.58
CA MET A 255 14.15 -16.90 33.15
C MET A 255 14.09 -15.80 32.10
N GLU A 256 13.36 -14.73 32.44
CA GLU A 256 13.36 -13.53 31.63
C GLU A 256 13.83 -12.34 32.47
N LEU A 257 14.67 -11.50 31.89
CA LEU A 257 15.19 -10.33 32.59
C LEU A 257 14.72 -9.03 31.93
N LYS A 258 14.14 -8.14 32.72
CA LYS A 258 13.61 -6.89 32.20
C LYS A 258 14.01 -5.70 33.08
N THR A 259 14.00 -4.51 32.50
CA THR A 259 14.22 -3.29 33.26
C THR A 259 13.14 -2.26 32.99
N THR A 260 12.87 -1.42 33.98
CA THR A 260 11.91 -0.34 33.84
C THR A 260 12.15 0.70 34.93
N ARG A 261 11.55 1.87 34.77
CA ARG A 261 11.72 2.93 35.75
C ARG A 261 10.91 2.64 37.01
N ILE A 262 11.42 3.07 38.16
CA ILE A 262 10.71 2.97 39.43
C ILE A 262 9.32 3.59 39.33
N LEU A 263 8.37 3.04 40.07
CA LEU A 263 6.98 3.48 40.02
C LEU A 263 6.70 4.55 41.06
N GLU A 264 6.87 5.81 40.68
CA GLU A 264 6.67 6.92 41.60
C GLU A 264 5.48 7.80 41.22
N SER A 265 4.65 7.31 40.30
CA SER A 265 3.42 8.00 39.94
C SER A 265 2.42 7.03 39.30
N ASN A 266 1.15 7.44 39.27
CA ASN A 266 0.10 6.61 38.68
C ASN A 266 0.34 6.35 37.20
N GLY A 267 0.86 7.35 36.50
CA GLY A 267 1.15 7.22 35.08
C GLY A 267 2.18 6.16 34.78
N GLN A 268 3.20 6.07 35.62
CA GLN A 268 4.26 5.08 35.44
C GLN A 268 3.77 3.68 35.80
N VAL A 269 2.85 3.60 36.75
CA VAL A 269 2.22 2.32 37.08
C VAL A 269 1.43 1.82 35.88
N VAL A 270 0.74 2.74 35.21
CA VAL A 270 0.00 2.43 33.99
C VAL A 270 0.97 1.95 32.91
N ASN A 271 2.09 2.66 32.77
CA ASN A 271 3.13 2.26 31.83
C ASN A 271 3.68 0.87 32.14
N PHE A 272 3.85 0.58 33.42
CA PHE A 272 4.41 -0.70 33.83
C PHE A 272 3.44 -1.86 33.59
N GLU A 273 2.15 -1.61 33.84
CA GLU A 273 1.12 -2.63 33.63
C GLU A 273 1.08 -3.05 32.15
N LYS A 274 1.27 -2.08 31.26
CA LYS A 274 1.30 -2.35 29.84
C LYS A 274 2.57 -3.13 29.46
N LYS A 275 3.67 -2.80 30.13
CA LYS A 275 4.92 -3.54 29.94
C LYS A 275 4.80 -4.95 30.47
N LEU A 276 4.20 -5.07 31.67
CA LEU A 276 4.06 -6.35 32.34
C LEU A 276 3.17 -7.30 31.54
N PHE A 277 2.17 -6.75 30.86
CA PHE A 277 1.30 -7.54 30.02
C PHE A 277 2.05 -8.13 28.83
N LYS A 278 2.85 -7.31 28.16
CA LYS A 278 3.65 -7.77 27.03
C LYS A 278 4.67 -8.79 27.48
N THR A 279 5.22 -8.60 28.67
CA THR A 279 6.17 -9.52 29.24
C THR A 279 5.51 -10.86 29.53
N TRP A 280 4.31 -10.82 30.10
CA TRP A 280 3.54 -12.03 30.35
C TRP A 280 3.30 -12.79 29.06
N ALA A 281 2.86 -12.07 28.03
CA ALA A 281 2.59 -12.67 26.72
C ALA A 281 3.84 -13.35 26.18
N GLN A 282 4.96 -12.66 26.28
CA GLN A 282 6.24 -13.15 25.82
C GLN A 282 6.64 -14.45 26.50
N CYS A 283 6.50 -14.47 27.83
CA CYS A 283 6.90 -15.62 28.63
C CYS A 283 5.89 -16.77 28.53
N PHE A 284 4.61 -16.43 28.54
CA PHE A 284 3.56 -17.44 28.52
C PHE A 284 3.61 -18.30 27.26
N LEU A 285 3.79 -17.66 26.11
CA LEU A 285 3.87 -18.37 24.85
C LEU A 285 5.07 -19.32 24.82
N MET A 286 6.12 -18.95 25.54
CA MET A 286 7.38 -19.67 25.49
C MET A 286 7.49 -20.72 26.61
N GLY A 287 6.58 -20.64 27.58
CA GLY A 287 6.61 -21.55 28.71
C GLY A 287 7.58 -21.11 29.79
N ILE A 288 7.99 -19.85 29.72
CA ILE A 288 8.87 -19.27 30.73
C ILE A 288 8.07 -18.96 31.99
N ARG A 289 8.52 -19.49 33.13
CA ARG A 289 7.75 -19.38 34.37
C ARG A 289 8.24 -18.29 35.31
N LYS A 290 9.41 -17.71 35.01
CA LYS A 290 9.97 -16.69 35.88
C LYS A 290 10.41 -15.44 35.12
N VAL A 291 10.09 -14.28 35.68
CA VAL A 291 10.56 -13.00 35.17
C VAL A 291 11.11 -12.14 36.30
N VAL A 292 12.25 -11.50 36.06
CA VAL A 292 12.81 -10.57 37.02
C VAL A 292 12.87 -9.16 36.43
N TYR A 293 12.26 -8.21 37.14
CA TYR A 293 12.29 -6.81 36.74
C TYR A 293 13.26 -6.02 37.62
N GLY A 294 14.17 -5.29 36.99
CA GLY A 294 15.03 -4.36 37.69
C GLY A 294 14.45 -2.97 37.58
N PHE A 295 14.29 -2.30 38.71
CA PHE A 295 13.72 -0.96 38.73
C PHE A 295 14.79 0.11 38.94
N ARG A 296 14.87 1.04 37.99
CA ARG A 296 15.90 2.09 38.02
C ARG A 296 15.29 3.47 38.16
N ASP A 297 16.08 4.43 38.64
CA ASP A 297 15.64 5.81 38.72
C ASP A 297 16.05 6.58 37.46
N ASP A 298 15.83 7.89 37.47
CA ASP A 298 16.14 8.73 36.32
C ASP A 298 17.63 8.76 36.00
N SER A 299 18.45 8.54 37.03
CA SER A 299 19.90 8.50 36.86
C SER A 299 20.38 7.08 36.58
N PHE A 300 19.42 6.19 36.28
CA PHE A 300 19.66 4.80 35.89
C PHE A 300 20.24 3.94 37.01
N PHE A 301 20.15 4.40 38.25
CA PHE A 301 20.62 3.60 39.38
C PHE A 301 19.61 2.52 39.74
N LEU A 302 20.10 1.29 39.87
CA LEU A 302 19.25 0.14 40.20
C LEU A 302 18.77 0.23 41.66
N ARG A 303 17.48 0.49 41.83
CA ARG A 303 16.92 0.75 43.16
C ARG A 303 16.21 -0.47 43.77
N ASP A 304 15.65 -1.31 42.92
CA ASP A 304 14.81 -2.41 43.40
C ASP A 304 14.76 -3.55 42.40
N VAL A 305 14.47 -4.76 42.89
CA VAL A 305 14.30 -5.92 42.03
C VAL A 305 13.05 -6.69 42.45
N GLU A 306 12.38 -7.31 41.50
CA GLU A 306 11.17 -8.07 41.80
C GLU A 306 11.06 -9.30 40.92
N LEU A 307 10.90 -10.47 41.55
CA LEU A 307 10.71 -11.71 40.83
C LEU A 307 9.23 -12.01 40.66
N TYR A 308 8.82 -12.28 39.42
CA TYR A 308 7.43 -12.63 39.14
C TYR A 308 7.32 -14.07 38.66
N LYS A 309 6.30 -14.78 39.15
CA LYS A 309 5.87 -16.02 38.52
C LYS A 309 4.97 -15.63 37.36
N THR A 310 5.20 -16.20 36.19
CA THR A 310 4.44 -15.82 35.01
C THR A 310 2.94 -16.02 35.20
N GLU A 311 2.57 -17.09 35.89
CA GLU A 311 1.16 -17.43 36.08
C GLU A 311 0.42 -16.49 37.03
N GLU A 312 1.16 -15.70 37.80
CA GLU A 312 0.53 -14.80 38.77
C GLU A 312 0.27 -13.41 38.19
N ILE A 313 0.87 -13.13 37.04
CA ILE A 313 0.75 -11.82 36.41
C ILE A 313 -0.68 -11.47 35.96
N PRO A 314 -1.41 -12.41 35.32
CA PRO A 314 -2.77 -12.05 34.90
C PRO A 314 -3.68 -11.57 36.04
N LEU A 315 -3.56 -12.19 37.21
CA LEU A 315 -4.36 -11.77 38.36
C LEU A 315 -3.88 -10.43 38.92
N LEU A 316 -2.57 -10.22 38.88
CA LEU A 316 -1.98 -8.95 39.31
C LEU A 316 -2.55 -7.79 38.51
N ILE A 317 -2.63 -7.97 37.20
CA ILE A 317 -3.16 -6.96 36.30
C ILE A 317 -4.66 -6.74 36.53
N LYS A 318 -5.40 -7.83 36.63
CA LYS A 318 -6.85 -7.77 36.80
C LYS A 318 -7.23 -7.07 38.11
N ASN A 319 -6.48 -7.33 39.16
CA ASN A 319 -6.78 -6.78 40.48
C ASN A 319 -6.19 -5.41 40.72
N ASN A 320 -5.43 -4.90 39.75
CA ASN A 320 -4.77 -3.61 39.90
C ASN A 320 -5.77 -2.46 40.00
N ALA A 321 -5.61 -1.63 41.02
CA ALA A 321 -6.53 -0.52 41.26
C ALA A 321 -6.22 0.68 40.36
N LEU A 322 -6.10 0.43 39.06
CA LEU A 322 -5.88 1.49 38.08
C LEU A 322 -6.44 1.08 36.72
N GLY A 329 -9.59 -1.31 26.34
CA GLY A 329 -9.73 -0.75 27.67
C GLY A 329 -8.88 -1.45 28.71
N LYS A 330 -9.53 -2.05 29.68
CA LYS A 330 -8.83 -2.77 30.75
C LYS A 330 -8.14 -4.03 30.23
N ILE A 331 -6.85 -4.14 30.49
CA ILE A 331 -6.06 -5.28 30.03
C ILE A 331 -6.53 -6.59 30.67
N ASN A 332 -6.85 -7.57 29.82
CA ASN A 332 -7.27 -8.89 30.27
C ASN A 332 -6.49 -9.97 29.53
N CYS A 333 -5.64 -10.70 30.26
CA CYS A 333 -4.80 -11.71 29.65
C CYS A 333 -5.60 -12.86 29.04
N THR A 334 -6.69 -13.22 29.68
CA THR A 334 -7.56 -14.29 29.18
C THR A 334 -8.22 -13.89 27.87
N THR A 335 -8.71 -12.66 27.81
CA THR A 335 -9.32 -12.12 26.61
C THR A 335 -8.32 -12.09 25.46
N ALA A 336 -7.11 -11.64 25.75
CA ALA A 336 -6.04 -11.58 24.75
C ALA A 336 -5.74 -12.97 24.20
N LEU A 337 -5.73 -13.96 25.09
CA LEU A 337 -5.45 -15.33 24.70
C LEU A 337 -6.55 -15.92 23.82
N LYS A 338 -7.79 -15.54 24.11
CA LYS A 338 -8.92 -15.99 23.31
C LYS A 338 -8.88 -15.37 21.92
N TRP A 339 -8.44 -14.12 21.85
CA TRP A 339 -8.23 -13.46 20.57
C TRP A 339 -7.14 -14.16 19.77
N TYR A 340 -6.04 -14.47 20.46
CA TYR A 340 -4.91 -15.17 19.84
C TYR A 340 -5.34 -16.51 19.27
N GLY A 341 -6.11 -17.27 20.04
CA GLY A 341 -6.63 -18.55 19.59
C GLY A 341 -7.50 -18.43 18.36
N ALA A 342 -8.30 -17.38 18.30
CA ALA A 342 -9.17 -17.14 17.16
C ALA A 342 -8.36 -16.81 15.91
N VAL A 343 -7.29 -16.06 16.07
CA VAL A 343 -6.44 -15.67 14.96
C VAL A 343 -5.74 -16.87 14.33
N ILE A 344 -5.11 -17.68 15.18
CA ILE A 344 -4.40 -18.87 14.73
C ILE A 344 -5.34 -19.82 13.99
N GLU A 345 -6.54 -20.02 14.56
CA GLU A 345 -7.55 -20.86 13.94
C GLU A 345 -7.98 -20.30 12.59
N TRP A 346 -8.11 -18.98 12.52
CA TRP A 346 -8.53 -18.29 11.29
C TRP A 346 -7.51 -18.50 10.16
N LEU A 347 -6.23 -18.36 10.49
CA LEU A 347 -5.17 -18.52 9.51
C LEU A 347 -5.12 -19.93 8.95
N LEU A 348 -5.28 -20.92 9.82
CA LEU A 348 -5.24 -22.32 9.39
C LEU A 348 -6.48 -22.69 8.58
N GLN A 349 -7.56 -21.94 8.76
CA GLN A 349 -8.79 -22.20 8.02
C GLN A 349 -8.81 -21.50 6.66
N GLU A 350 -8.16 -20.34 6.58
CA GLU A 350 -8.28 -19.49 5.40
C GLU A 350 -7.12 -19.61 4.42
N ILE A 351 -6.00 -20.15 4.89
CA ILE A 351 -4.85 -20.34 4.02
C ILE A 351 -4.70 -21.79 3.61
N PRO A 352 -4.92 -22.07 2.31
CA PRO A 352 -4.82 -23.43 1.77
C PRO A 352 -3.42 -24.01 1.99
N ARG A 353 -3.36 -25.15 2.67
CA ARG A 353 -2.10 -25.73 3.10
C ARG A 353 -1.30 -26.35 1.97
N ASP A 354 -1.99 -26.72 0.89
CA ASP A 354 -1.35 -27.49 -0.19
C ASP A 354 -1.03 -26.65 -1.42
N ASP A 355 -1.32 -25.36 -1.36
CA ASP A 355 -1.01 -24.46 -2.46
C ASP A 355 0.29 -23.71 -2.21
N THR A 356 1.37 -24.16 -2.84
CA THR A 356 2.68 -23.58 -2.64
C THR A 356 3.03 -22.54 -3.70
N SER A 357 2.03 -22.12 -4.47
CA SER A 357 2.23 -21.16 -5.55
C SER A 357 1.96 -19.73 -5.10
N LYS A 358 1.49 -19.58 -3.87
CA LYS A 358 1.10 -18.27 -3.37
C LYS A 358 1.80 -17.89 -2.07
N ALA A 359 1.81 -16.59 -1.79
CA ALA A 359 2.27 -16.06 -0.50
C ALA A 359 1.23 -15.10 0.04
N TYR A 360 1.06 -15.08 1.36
CA TYR A 360 0.03 -14.24 1.97
C TYR A 360 0.63 -13.25 2.96
N ARG A 361 -0.13 -12.21 3.27
CA ARG A 361 0.27 -11.26 4.29
C ARG A 361 -0.88 -10.93 5.24
N VAL A 362 -0.64 -11.13 6.52
CA VAL A 362 -1.59 -10.76 7.56
C VAL A 362 -1.21 -9.36 8.06
N SER A 363 -2.18 -8.45 8.06
CA SER A 363 -1.89 -7.07 8.39
C SER A 363 -2.92 -6.44 9.32
N PHE A 364 -2.44 -5.82 10.40
CA PHE A 364 -3.29 -4.99 11.23
C PHE A 364 -2.97 -3.52 10.99
N ASP A 365 -3.97 -2.76 10.60
CA ASP A 365 -3.81 -1.34 10.32
C ASP A 365 -4.47 -0.52 11.43
N PRO A 366 -3.66 0.20 12.21
CA PRO A 366 -4.13 0.99 13.36
C PRO A 366 -5.12 2.09 12.99
N SER A 367 -4.90 2.76 11.86
CA SER A 367 -5.72 3.89 11.47
C SER A 367 -7.14 3.47 11.09
N THR A 368 -7.28 2.27 10.55
CA THR A 368 -8.59 1.75 10.16
C THR A 368 -9.10 0.70 11.14
N ARG A 369 -8.22 0.26 12.03
CA ARG A 369 -8.55 -0.78 13.00
C ARG A 369 -9.06 -2.05 12.31
N THR A 370 -8.36 -2.46 11.25
CA THR A 370 -8.74 -3.64 10.50
C THR A 370 -7.68 -4.72 10.56
N PHE A 371 -8.11 -5.96 10.65
CA PHE A 371 -7.22 -7.12 10.66
C PHE A 371 -7.47 -7.92 9.38
N THR A 372 -6.53 -7.85 8.44
CA THR A 372 -6.77 -8.41 7.11
C THR A 372 -5.80 -9.51 6.71
N LEU A 373 -6.31 -10.44 5.90
CA LEU A 373 -5.49 -11.45 5.25
C LEU A 373 -5.64 -11.30 3.75
N ARG A 374 -4.52 -11.21 3.05
CA ARG A 374 -4.58 -11.03 1.61
C ARG A 374 -3.45 -11.77 0.89
N GLU A 375 -3.73 -12.20 -0.33
CA GLU A 375 -2.71 -12.79 -1.19
C GLU A 375 -1.83 -11.68 -1.74
N LEU A 376 -0.52 -11.84 -1.60
CA LEU A 376 0.42 -10.87 -2.14
C LEU A 376 0.49 -10.98 -3.66
N MET A 377 0.41 -9.83 -4.33
CA MET A 377 0.25 -9.82 -5.80
C MET A 377 1.40 -9.13 -6.53
N GLY A 378 2.51 -8.90 -5.82
CA GLY A 378 3.65 -8.23 -6.43
C GLY A 378 4.81 -9.19 -6.64
N ASN A 379 4.51 -10.49 -6.55
CA ASN A 379 5.51 -11.54 -6.62
C ASN A 379 6.55 -11.42 -5.51
N GLU A 380 6.10 -11.02 -4.32
CA GLU A 380 6.94 -11.10 -3.13
C GLU A 380 7.27 -12.56 -2.87
N ASN A 381 6.35 -13.43 -3.30
CA ASN A 381 6.49 -14.87 -3.18
C ASN A 381 7.83 -15.42 -3.65
N SER A 382 8.35 -14.85 -4.74
CA SER A 382 9.62 -15.29 -5.31
C SER A 382 10.77 -15.09 -4.33
N ARG A 383 10.85 -13.90 -3.74
CA ARG A 383 11.90 -13.59 -2.78
C ARG A 383 11.74 -14.37 -1.48
N LEU A 384 10.49 -14.48 -1.02
CA LEU A 384 10.20 -15.15 0.24
C LEU A 384 10.56 -16.63 0.21
N ARG A 385 10.33 -17.27 -0.94
CA ARG A 385 10.59 -18.70 -1.06
C ARG A 385 12.02 -18.99 -1.52
N ASN A 386 12.80 -17.95 -1.72
CA ASN A 386 14.18 -18.12 -2.16
C ASN A 386 15.16 -17.24 -1.40
N GLY A 387 15.10 -17.28 -0.06
CA GLY A 387 16.05 -16.54 0.75
C GLY A 387 15.51 -15.96 2.04
N GLU A 388 14.50 -15.09 1.93
CA GLU A 388 14.01 -14.36 3.09
C GLU A 388 13.34 -15.25 4.12
N MET A 389 12.55 -16.22 3.66
CA MET A 389 11.90 -17.15 4.57
C MET A 389 12.41 -18.57 4.34
N LEU A 390 12.00 -19.19 3.24
CA LEU A 390 12.53 -20.50 2.88
C LEU A 390 13.94 -20.36 2.30
N THR A 391 14.79 -21.33 2.61
CA THR A 391 16.16 -21.34 2.09
C THR A 391 16.39 -22.55 1.20
N SER A 392 17.38 -22.45 0.33
CA SER A 392 17.72 -23.56 -0.56
C SER A 392 18.11 -24.80 0.22
N GLU A 393 18.88 -24.60 1.30
CA GLU A 393 19.32 -25.70 2.14
C GLU A 393 18.14 -26.42 2.78
N PHE A 394 17.18 -25.66 3.28
CA PHE A 394 16.01 -26.24 3.94
C PHE A 394 15.10 -26.95 2.94
N LYS A 395 14.85 -26.33 1.80
CA LYS A 395 13.98 -26.89 0.78
C LYS A 395 14.54 -28.21 0.24
N GLN A 396 15.84 -28.24 -0.04
CA GLN A 396 16.47 -29.47 -0.54
C GLN A 396 16.36 -30.60 0.47
N TRP A 397 16.48 -30.26 1.76
CA TRP A 397 16.33 -31.25 2.81
C TRP A 397 14.92 -31.83 2.83
N ARG A 398 13.92 -30.94 2.86
CA ARG A 398 12.53 -31.36 2.88
C ARG A 398 12.16 -32.14 1.62
N GLU A 399 12.74 -31.77 0.50
CA GLU A 399 12.53 -32.47 -0.76
C GLU A 399 13.12 -33.88 -0.71
N SER A 400 14.25 -34.01 -0.01
CA SER A 400 14.99 -35.27 0.03
C SER A 400 14.29 -36.34 0.87
N ILE A 401 13.41 -35.90 1.76
CA ILE A 401 12.69 -36.83 2.63
C ILE A 401 11.68 -37.66 1.84
N LEU B 1 -66.66 3.85 -21.71
CA LEU B 1 -67.43 3.05 -22.66
C LEU B 1 -66.52 2.25 -23.59
N VAL B 2 -65.23 2.27 -23.29
CA VAL B 2 -64.23 1.59 -24.12
C VAL B 2 -64.46 0.09 -24.19
N PRO B 3 -64.67 -0.43 -25.42
CA PRO B 3 -64.80 -1.88 -25.65
C PRO B 3 -63.51 -2.58 -25.26
N ARG B 4 -63.62 -3.78 -24.72
CA ARG B 4 -62.44 -4.50 -24.25
C ARG B 4 -62.42 -5.95 -24.69
N GLY B 5 -61.24 -6.41 -25.12
CA GLY B 5 -61.07 -7.76 -25.59
C GLY B 5 -60.86 -8.75 -24.45
N SER B 6 -60.73 -10.03 -24.80
CA SER B 6 -60.55 -11.08 -23.81
C SER B 6 -59.10 -11.13 -23.34
N HIS B 7 -58.89 -10.85 -22.06
CA HIS B 7 -57.55 -10.89 -21.47
C HIS B 7 -57.50 -11.85 -20.29
N MET B 8 -56.31 -12.39 -20.03
CA MET B 8 -56.09 -13.23 -18.88
C MET B 8 -56.11 -12.37 -17.60
N MET B 9 -57.24 -12.41 -16.91
CA MET B 9 -57.37 -11.81 -15.59
C MET B 9 -58.27 -12.66 -14.72
N LYS B 10 -57.76 -13.11 -13.58
CA LYS B 10 -58.54 -13.94 -12.68
C LYS B 10 -58.67 -13.27 -11.32
N THR B 11 -59.83 -13.45 -10.70
CA THR B 11 -60.13 -12.83 -9.43
C THR B 11 -60.22 -13.86 -8.32
N LEU B 12 -59.55 -13.57 -7.21
CA LEU B 12 -59.66 -14.41 -6.01
C LEU B 12 -60.47 -13.69 -4.96
N SER B 13 -61.58 -14.30 -4.55
CA SER B 13 -62.45 -13.74 -3.52
C SER B 13 -61.68 -13.55 -2.22
N LEU B 14 -61.93 -12.45 -1.53
CA LEU B 14 -61.26 -12.16 -0.26
C LEU B 14 -61.72 -13.10 0.84
N GLN B 15 -62.75 -13.89 0.55
CA GLN B 15 -63.29 -14.85 1.50
C GLN B 15 -62.64 -16.22 1.34
N SER B 16 -61.72 -16.34 0.39
CA SER B 16 -61.03 -17.59 0.12
C SER B 16 -60.21 -18.05 1.33
N ARG B 17 -60.36 -19.32 1.69
CA ARG B 17 -59.64 -19.89 2.83
C ARG B 17 -59.14 -21.29 2.52
N ALA B 18 -57.91 -21.58 2.90
CA ALA B 18 -57.36 -22.93 2.79
C ALA B 18 -57.46 -23.63 4.13
N LYS B 19 -57.10 -24.92 4.16
CA LYS B 19 -57.15 -25.69 5.40
C LYS B 19 -55.88 -25.52 6.22
N LYS B 24 -44.83 -25.90 8.31
CA LYS B 24 -43.69 -26.16 7.43
C LYS B 24 -42.43 -25.54 7.97
N GLN B 25 -41.63 -26.34 8.67
CA GLN B 25 -40.45 -25.88 9.39
C GLN B 25 -39.48 -25.07 8.54
N PRO B 26 -39.36 -23.76 8.85
CA PRO B 26 -38.45 -22.87 8.15
C PRO B 26 -36.98 -23.19 8.45
N LYS B 27 -36.12 -23.00 7.46
CA LYS B 27 -34.71 -23.34 7.58
C LYS B 27 -33.85 -22.37 6.77
N GLU B 28 -32.90 -21.72 7.43
CA GLU B 28 -31.98 -20.84 6.71
C GLU B 28 -30.98 -21.68 5.92
N ILE B 29 -30.77 -21.32 4.65
CA ILE B 29 -29.83 -22.04 3.82
C ILE B 29 -28.61 -21.17 3.48
N PHE B 30 -28.80 -19.86 3.42
CA PHE B 30 -27.67 -18.94 3.28
C PHE B 30 -28.04 -17.52 3.70
N ALA B 31 -27.03 -16.66 3.77
CA ALA B 31 -27.23 -15.28 4.15
C ALA B 31 -26.28 -14.35 3.40
N PHE B 32 -26.64 -13.08 3.33
CA PHE B 32 -25.75 -12.06 2.77
C PHE B 32 -26.03 -10.74 3.45
N ALA B 33 -25.14 -9.78 3.27
CA ALA B 33 -25.27 -8.51 3.99
C ALA B 33 -24.80 -7.32 3.16
N ARG B 34 -25.32 -6.15 3.53
CA ARG B 34 -24.89 -4.88 2.96
C ARG B 34 -24.13 -4.10 4.03
N ASP B 35 -22.97 -3.54 3.68
CA ASP B 35 -22.17 -2.82 4.66
C ASP B 35 -22.54 -1.34 4.70
N ILE B 36 -21.78 -0.57 5.47
CA ILE B 36 -22.09 0.84 5.71
C ILE B 36 -21.90 1.71 4.47
N ASP B 37 -21.21 1.18 3.47
CA ASP B 37 -20.98 1.92 2.23
C ASP B 37 -21.89 1.44 1.10
N GLY B 38 -22.81 0.53 1.43
CA GLY B 38 -23.75 0.03 0.45
C GLY B 38 -23.20 -1.15 -0.34
N GLU B 39 -21.99 -1.58 0.00
CA GLU B 39 -21.39 -2.74 -0.65
C GLU B 39 -21.93 -4.03 -0.05
N PHE B 40 -21.94 -5.09 -0.83
CA PHE B 40 -22.53 -6.35 -0.39
C PHE B 40 -21.51 -7.43 -0.07
N VAL B 41 -21.76 -8.17 1.01
CA VAL B 41 -20.89 -9.24 1.46
C VAL B 41 -21.57 -10.58 1.26
N TYR B 42 -20.91 -11.51 0.59
CA TYR B 42 -21.55 -12.78 0.21
C TYR B 42 -20.91 -14.01 0.85
N ASP B 43 -19.70 -13.87 1.38
CA ASP B 43 -19.03 -15.00 2.03
C ASP B 43 -19.72 -15.34 3.34
N GLN B 44 -20.12 -16.60 3.49
CA GLN B 44 -20.94 -17.03 4.62
C GLN B 44 -20.26 -16.84 5.98
N LYS B 45 -18.98 -17.20 6.06
CA LYS B 45 -18.28 -17.12 7.34
C LYS B 45 -17.97 -15.68 7.73
N ILE B 46 -17.67 -14.84 6.76
CA ILE B 46 -17.42 -13.43 7.03
C ILE B 46 -18.70 -12.73 7.48
N VAL B 47 -19.79 -13.04 6.79
CA VAL B 47 -21.10 -12.48 7.09
C VAL B 47 -21.54 -12.82 8.51
N LYS B 48 -21.34 -14.08 8.90
CA LYS B 48 -21.71 -14.54 10.24
C LYS B 48 -20.78 -13.98 11.32
N ASP B 49 -19.59 -13.56 10.92
CA ASP B 49 -18.58 -13.10 11.88
C ASP B 49 -18.59 -11.59 12.07
N GLU B 50 -19.01 -10.84 11.05
CA GLU B 50 -18.84 -9.40 11.07
C GLU B 50 -20.11 -8.59 10.83
N ASN B 51 -21.13 -9.22 10.26
CA ASN B 51 -22.33 -8.48 9.87
C ASN B 51 -23.57 -8.88 10.67
N VAL B 52 -23.36 -9.54 11.80
CA VAL B 52 -24.43 -9.92 12.69
C VAL B 52 -24.27 -9.23 14.04
N SER B 53 -25.35 -8.65 14.54
CA SER B 53 -25.32 -8.01 15.86
C SER B 53 -26.04 -8.87 16.89
N TYR B 54 -25.82 -8.57 18.17
CA TYR B 54 -26.36 -9.38 19.26
C TYR B 54 -27.09 -8.51 20.28
N TYR B 55 -28.27 -8.97 20.69
CA TYR B 55 -29.12 -8.18 21.58
C TYR B 55 -28.57 -8.05 23.00
N TYR B 56 -28.52 -6.82 23.48
CA TYR B 56 -28.24 -6.56 24.89
C TYR B 56 -28.80 -5.21 25.31
N LEU B 57 -29.76 -5.25 26.22
CA LEU B 57 -30.36 -4.04 26.76
C LEU B 57 -30.69 -4.27 28.23
N PRO B 58 -29.74 -3.89 29.11
CA PRO B 58 -29.88 -4.13 30.55
C PRO B 58 -31.11 -3.46 31.13
N ASP B 59 -31.84 -4.17 31.97
CA ASP B 59 -33.10 -3.67 32.55
C ASP B 59 -32.89 -2.39 33.34
N SER B 60 -31.67 -2.18 33.83
CA SER B 60 -31.35 -1.00 34.61
C SER B 60 -31.43 0.27 33.78
N LYS B 61 -31.38 0.14 32.46
CA LYS B 61 -31.42 1.32 31.60
C LYS B 61 -32.73 1.46 30.83
N ILE B 62 -33.78 0.84 31.33
CA ILE B 62 -35.12 1.14 30.87
C ILE B 62 -35.78 1.96 31.98
N ASP B 63 -35.36 3.21 32.08
CA ASP B 63 -35.78 4.10 33.15
C ASP B 63 -35.99 5.52 32.64
N GLY B 64 -35.93 5.68 31.33
CA GLY B 64 -36.13 6.98 30.71
C GLY B 64 -34.84 7.74 30.46
N SER B 65 -33.72 7.04 30.52
CA SER B 65 -32.42 7.67 30.32
C SER B 65 -31.98 7.61 28.85
N ILE B 66 -32.45 6.60 28.13
CA ILE B 66 -32.07 6.43 26.73
C ILE B 66 -32.91 7.32 25.82
N ASP B 67 -32.24 8.21 25.08
CA ASP B 67 -32.91 9.11 24.15
C ASP B 67 -32.85 8.55 22.73
N LEU B 68 -34.00 8.17 22.20
CA LEU B 68 -34.06 7.50 20.90
C LEU B 68 -34.07 8.47 19.72
N GLN B 69 -34.04 9.76 20.00
CA GLN B 69 -33.92 10.75 18.93
C GLN B 69 -32.56 11.42 18.96
N ALA B 70 -31.70 10.96 19.86
CA ALA B 70 -30.34 11.49 19.96
C ALA B 70 -29.50 10.99 18.79
N GLY B 71 -28.79 11.91 18.14
CA GLY B 71 -27.97 11.57 16.98
C GLY B 71 -28.76 11.56 15.69
N TYR B 72 -29.98 12.09 15.76
CA TYR B 72 -30.88 12.13 14.60
C TYR B 72 -30.26 12.85 13.40
N ALA B 73 -29.49 13.90 13.67
CA ALA B 73 -28.85 14.67 12.62
C ALA B 73 -27.78 13.87 11.89
N LYS B 74 -27.28 12.82 12.53
CA LYS B 74 -26.20 12.02 11.97
C LYS B 74 -26.71 10.84 11.15
N PHE B 75 -28.02 10.68 11.09
CA PHE B 75 -28.64 9.54 10.40
C PHE B 75 -28.22 9.43 8.95
N LYS B 76 -27.64 8.29 8.59
CA LYS B 76 -27.25 8.00 7.22
C LYS B 76 -28.28 7.08 6.57
N LYS B 77 -29.13 7.67 5.72
CA LYS B 77 -30.26 6.95 5.14
C LYS B 77 -30.02 6.62 3.67
N ILE B 78 -30.20 5.36 3.30
CA ILE B 78 -29.97 4.92 1.93
C ILE B 78 -31.12 5.36 1.03
N PRO B 79 -30.80 5.85 -0.18
CA PRO B 79 -31.81 6.26 -1.16
C PRO B 79 -32.75 5.11 -1.53
N GLU B 80 -33.98 5.45 -1.89
CA GLU B 80 -34.99 4.46 -2.26
C GLU B 80 -34.57 3.67 -3.49
N GLU B 81 -33.80 4.31 -4.37
CA GLU B 81 -33.31 3.67 -5.58
C GLU B 81 -32.39 2.48 -5.28
N LYS B 82 -31.79 2.50 -4.09
CA LYS B 82 -30.88 1.44 -3.69
C LYS B 82 -31.46 0.56 -2.58
N ASN B 83 -32.78 0.65 -2.40
CA ASN B 83 -33.47 -0.13 -1.37
C ASN B 83 -33.75 -1.57 -1.84
N MET B 84 -32.80 -2.15 -2.55
CA MET B 84 -32.92 -3.52 -3.08
C MET B 84 -34.25 -3.72 -3.80
N SER B 85 -34.57 -2.79 -4.69
CA SER B 85 -35.84 -2.83 -5.42
C SER B 85 -35.80 -3.88 -6.53
N ASP B 86 -34.60 -4.32 -6.89
CA ASP B 86 -34.46 -5.43 -7.83
C ASP B 86 -34.09 -6.70 -7.07
N MET B 87 -33.77 -7.77 -7.79
CA MET B 87 -33.43 -9.03 -7.15
C MET B 87 -31.97 -9.39 -7.39
N LYS B 88 -31.18 -8.41 -7.81
CA LYS B 88 -29.80 -8.65 -8.24
C LYS B 88 -28.93 -9.29 -7.16
N CYS B 89 -28.93 -8.72 -5.96
CA CYS B 89 -28.07 -9.21 -4.89
C CYS B 89 -28.58 -10.54 -4.34
N LEU B 90 -29.90 -10.70 -4.27
CA LEU B 90 -30.48 -11.96 -3.82
C LEU B 90 -30.09 -13.11 -4.76
N LEU B 91 -30.15 -12.84 -6.06
CA LEU B 91 -29.82 -13.86 -7.05
C LEU B 91 -28.31 -14.13 -7.10
N THR B 92 -27.52 -13.11 -6.79
CA THR B 92 -26.07 -13.27 -6.69
C THR B 92 -25.74 -14.23 -5.54
N ALA B 93 -26.41 -14.02 -4.41
CA ALA B 93 -26.23 -14.88 -3.25
C ALA B 93 -26.78 -16.29 -3.52
N LEU B 94 -27.92 -16.36 -4.21
CA LEU B 94 -28.53 -17.64 -4.53
C LEU B 94 -27.64 -18.45 -5.47
N THR B 95 -27.08 -17.79 -6.46
CA THR B 95 -26.18 -18.41 -7.41
C THR B 95 -24.99 -19.02 -6.67
N LYS B 96 -24.39 -18.24 -5.78
CA LYS B 96 -23.24 -18.68 -4.99
C LYS B 96 -23.61 -19.90 -4.14
N TYR B 97 -24.80 -19.89 -3.57
CA TYR B 97 -25.26 -21.01 -2.76
C TYR B 97 -25.44 -22.28 -3.59
N GLU B 98 -26.13 -22.15 -4.71
CA GLU B 98 -26.41 -23.29 -5.58
C GLU B 98 -25.12 -23.88 -6.14
N GLN B 99 -24.14 -23.02 -6.39
CA GLN B 99 -22.83 -23.47 -6.87
C GLN B 99 -22.03 -24.18 -5.79
N GLU B 100 -22.04 -23.63 -4.58
CA GLU B 100 -21.09 -24.05 -3.55
C GLU B 100 -21.67 -24.95 -2.45
N HIS B 101 -23.00 -25.03 -2.37
CA HIS B 101 -23.60 -25.79 -1.27
C HIS B 101 -24.81 -26.63 -1.68
N ASN B 102 -25.24 -26.53 -2.93
CA ASN B 102 -26.37 -27.33 -3.40
C ASN B 102 -26.00 -28.24 -4.56
N ASN B 103 -24.73 -28.63 -4.61
CA ASN B 103 -24.22 -29.56 -5.61
C ASN B 103 -24.44 -29.10 -7.05
N GLY B 104 -24.39 -27.79 -7.28
CA GLY B 104 -24.55 -27.24 -8.61
C GLY B 104 -25.96 -27.39 -9.16
N GLU B 105 -26.92 -27.56 -8.27
CA GLU B 105 -28.32 -27.69 -8.65
C GLU B 105 -29.13 -26.49 -8.17
N LYS B 106 -30.22 -26.20 -8.86
CA LYS B 106 -31.08 -25.09 -8.46
C LYS B 106 -31.79 -25.42 -7.14
N VAL B 107 -32.04 -24.39 -6.34
CA VAL B 107 -32.71 -24.57 -5.05
C VAL B 107 -34.09 -25.20 -5.28
N ASN B 108 -34.45 -26.15 -4.42
CA ASN B 108 -35.68 -26.91 -4.59
C ASN B 108 -36.91 -26.21 -4.00
N VAL B 109 -37.35 -25.14 -4.66
CA VAL B 109 -38.56 -24.43 -4.25
C VAL B 109 -39.43 -24.10 -5.46
N ASP B 110 -40.68 -23.75 -5.21
CA ASP B 110 -41.59 -23.34 -6.27
C ASP B 110 -41.60 -21.82 -6.43
N ILE B 111 -41.37 -21.12 -5.33
CA ILE B 111 -41.44 -19.66 -5.31
C ILE B 111 -40.18 -19.05 -4.71
N ILE B 112 -39.66 -18.02 -5.37
CA ILE B 112 -38.51 -17.26 -4.88
C ILE B 112 -38.90 -15.79 -4.74
N THR B 113 -38.82 -15.26 -3.52
CA THR B 113 -39.27 -13.90 -3.27
C THR B 113 -38.73 -13.33 -1.95
N TYR B 114 -39.18 -12.12 -1.60
CA TYR B 114 -38.81 -11.48 -0.34
C TYR B 114 -39.90 -11.71 0.71
N ARG B 115 -39.49 -11.77 1.97
CA ARG B 115 -40.41 -11.98 3.08
C ARG B 115 -41.45 -10.87 3.17
N GLY B 116 -41.00 -9.63 3.03
CA GLY B 116 -41.87 -8.47 3.18
C GLY B 116 -43.03 -8.46 2.20
N LEU B 117 -42.80 -8.99 1.00
CA LEU B 117 -43.83 -9.06 -0.01
C LEU B 117 -44.92 -10.06 0.37
N MET B 118 -44.50 -11.15 1.02
CA MET B 118 -45.45 -12.15 1.47
C MET B 118 -46.19 -11.68 2.72
N THR B 119 -45.53 -10.82 3.50
CA THR B 119 -46.16 -10.20 4.66
C THR B 119 -47.36 -9.36 4.23
N LYS B 120 -47.21 -8.65 3.12
CA LYS B 120 -48.28 -7.83 2.55
C LYS B 120 -49.51 -8.68 2.21
N LEU B 121 -49.26 -9.88 1.72
CA LEU B 121 -50.34 -10.80 1.37
C LEU B 121 -50.99 -11.40 2.61
N LEU B 122 -50.16 -11.78 3.58
CA LEU B 122 -50.64 -12.39 4.82
C LEU B 122 -51.45 -11.41 5.66
N ALA B 123 -51.07 -10.13 5.63
CA ALA B 123 -51.72 -9.12 6.46
C ALA B 123 -52.83 -8.38 5.71
N LEU B 124 -53.05 -8.75 4.46
CA LEU B 124 -54.06 -8.11 3.62
C LEU B 124 -55.49 -8.08 4.19
N PRO B 125 -55.99 -9.20 4.77
CA PRO B 125 -57.39 -9.19 5.21
C PRO B 125 -57.74 -8.12 6.24
N TYR B 126 -56.75 -7.60 6.95
CA TYR B 126 -57.01 -6.59 7.97
C TYR B 126 -56.28 -5.29 7.65
N ASN B 127 -55.88 -5.16 6.39
CA ASN B 127 -55.29 -3.93 5.87
C ASN B 127 -55.81 -3.64 4.47
N LEU B 128 -57.12 -3.47 4.37
CA LEU B 128 -57.81 -3.36 3.08
C LEU B 128 -57.62 -2.00 2.40
N ASN B 129 -56.95 -1.08 3.08
CA ASN B 129 -56.72 0.25 2.53
C ASN B 129 -55.35 0.38 1.86
N ASP B 130 -54.53 -0.67 1.97
CA ASP B 130 -53.19 -0.65 1.41
C ASP B 130 -53.12 -1.37 0.07
N PRO B 131 -52.63 -0.66 -0.97
CA PRO B 131 -52.48 -1.25 -2.30
C PRO B 131 -51.33 -2.26 -2.37
N VAL B 132 -51.51 -3.30 -3.17
CA VAL B 132 -50.46 -4.30 -3.37
C VAL B 132 -50.25 -4.52 -4.86
N ASP B 133 -49.00 -4.42 -5.30
CA ASP B 133 -48.65 -4.74 -6.68
C ASP B 133 -47.38 -5.59 -6.73
N LEU B 134 -47.53 -6.81 -7.24
CA LEU B 134 -46.42 -7.75 -7.30
C LEU B 134 -46.25 -8.33 -8.69
N ASN B 135 -45.04 -8.25 -9.22
CA ASN B 135 -44.71 -8.91 -10.47
C ASN B 135 -44.40 -10.38 -10.26
N VAL B 136 -44.96 -11.23 -11.12
CA VAL B 136 -44.70 -12.66 -11.06
C VAL B 136 -44.29 -13.17 -12.44
N LEU B 137 -43.22 -13.94 -12.49
CA LEU B 137 -42.81 -14.57 -13.75
C LEU B 137 -42.27 -15.98 -13.51
N ALA B 138 -42.49 -16.84 -14.49
CA ALA B 138 -41.99 -18.21 -14.43
C ALA B 138 -40.65 -18.31 -15.15
N TYR B 139 -39.67 -18.93 -14.48
CA TYR B 139 -38.37 -19.17 -15.08
C TYR B 139 -37.72 -20.40 -14.46
N ASP B 140 -37.25 -21.30 -15.32
CA ASP B 140 -36.58 -22.52 -14.90
C ASP B 140 -37.44 -23.33 -13.94
N GLY B 141 -38.75 -23.36 -14.19
CA GLY B 141 -39.68 -24.14 -13.40
C GLY B 141 -40.01 -23.51 -12.06
N GLN B 142 -39.67 -22.25 -11.88
CA GLN B 142 -39.90 -21.56 -10.61
C GLN B 142 -40.59 -20.22 -10.81
N LEU B 143 -41.36 -19.80 -9.80
CA LEU B 143 -42.00 -18.50 -9.83
C LEU B 143 -41.17 -17.49 -9.05
N PHE B 144 -40.83 -16.39 -9.72
CA PHE B 144 -40.12 -15.30 -9.06
C PHE B 144 -41.11 -14.17 -8.79
N ILE B 145 -41.13 -13.69 -7.55
CA ILE B 145 -42.07 -12.65 -7.16
C ILE B 145 -41.35 -11.44 -6.59
N ASN B 146 -41.61 -10.28 -7.17
CA ASN B 146 -41.01 -9.03 -6.72
C ASN B 146 -42.00 -7.88 -6.84
N SER B 147 -41.81 -6.86 -6.00
CA SER B 147 -42.56 -5.63 -6.15
C SER B 147 -42.10 -4.95 -7.45
N ASP B 148 -42.95 -4.15 -8.05
CA ASP B 148 -42.58 -3.48 -9.28
C ASP B 148 -41.76 -2.22 -8.99
N GLU B 149 -40.53 -2.20 -9.51
CA GLU B 149 -39.57 -1.16 -9.17
C GLU B 149 -40.05 0.25 -9.51
N GLU B 150 -40.59 0.43 -10.71
CA GLU B 150 -41.02 1.76 -11.14
C GLU B 150 -42.25 2.23 -10.37
N ILE B 151 -43.16 1.31 -10.06
CA ILE B 151 -44.32 1.64 -9.25
C ILE B 151 -43.89 2.00 -7.82
N GLU B 152 -42.96 1.22 -7.28
CA GLU B 152 -42.45 1.46 -5.93
C GLU B 152 -41.75 2.82 -5.84
N LEU B 153 -40.92 3.13 -6.82
CA LEU B 153 -40.21 4.41 -6.86
C LEU B 153 -41.17 5.58 -6.95
N ALA B 154 -42.18 5.44 -7.83
CA ALA B 154 -43.16 6.50 -8.03
C ALA B 154 -44.04 6.70 -6.79
N ARG B 155 -44.41 5.60 -6.15
CA ARG B 155 -45.27 5.66 -4.98
C ARG B 155 -44.55 6.31 -3.79
N ARG B 156 -43.28 5.98 -3.61
CA ARG B 156 -42.50 6.54 -2.52
C ARG B 156 -42.18 8.02 -2.77
N LYS B 157 -41.88 8.35 -4.03
CA LYS B 157 -41.66 9.74 -4.42
C LYS B 157 -42.91 10.56 -4.19
N GLU B 158 -44.06 10.04 -4.62
CA GLU B 158 -45.33 10.71 -4.45
C GLU B 158 -45.69 10.88 -2.98
N GLU B 159 -45.49 9.82 -2.20
CA GLU B 159 -45.82 9.84 -0.78
C GLU B 159 -45.01 10.89 -0.01
N ASP B 160 -43.71 10.94 -0.27
CA ASP B 160 -42.83 11.89 0.40
C ASP B 160 -43.20 13.33 0.02
N GLU B 161 -43.31 13.58 -1.27
CA GLU B 161 -43.68 14.92 -1.77
C GLU B 161 -45.04 15.35 -1.21
N HIS B 162 -45.95 14.40 -1.09
CA HIS B 162 -47.26 14.67 -0.51
C HIS B 162 -47.11 15.12 0.94
N LYS B 163 -46.30 14.40 1.70
CA LYS B 163 -46.09 14.71 3.11
C LYS B 163 -45.40 16.06 3.30
N GLN B 164 -44.46 16.36 2.42
CA GLN B 164 -43.78 17.66 2.45
C GLN B 164 -44.78 18.79 2.25
N GLN B 165 -45.74 18.57 1.36
CA GLN B 165 -46.70 19.59 0.96
C GLN B 165 -47.92 19.67 1.89
N SER B 166 -48.16 18.61 2.66
CA SER B 166 -49.37 18.52 3.47
C SER B 166 -49.10 18.53 4.97
N MET B 167 -47.83 18.55 5.35
CA MET B 167 -47.46 18.58 6.77
C MET B 167 -46.72 19.86 7.11
N THR B 168 -46.90 20.31 8.34
CA THR B 168 -46.05 21.36 8.90
C THR B 168 -44.63 20.81 8.98
N PRO B 169 -43.62 21.69 8.91
CA PRO B 169 -42.24 21.23 9.05
C PRO B 169 -42.01 20.48 10.36
N GLU B 170 -42.71 20.89 11.42
CA GLU B 170 -42.60 20.23 12.71
C GLU B 170 -43.11 18.79 12.66
N LYS B 171 -44.28 18.60 12.07
CA LYS B 171 -44.88 17.27 11.99
C LYS B 171 -44.08 16.38 11.05
N TYR B 172 -43.61 16.96 9.95
CA TYR B 172 -42.83 16.23 8.96
C TYR B 172 -41.49 15.78 9.56
N ASP B 173 -40.87 16.67 10.33
CA ASP B 173 -39.62 16.35 10.99
C ASP B 173 -39.84 15.33 12.09
N HIS B 174 -40.97 15.45 12.80
CA HIS B 174 -41.33 14.50 13.83
C HIS B 174 -41.49 13.10 13.26
N MET B 175 -42.03 13.03 12.05
CA MET B 175 -42.21 11.75 11.37
C MET B 175 -40.87 11.10 11.04
N LYS B 176 -39.93 11.91 10.58
CA LYS B 176 -38.59 11.41 10.24
C LYS B 176 -37.85 10.96 11.49
N ARG B 177 -38.10 11.63 12.61
CA ARG B 177 -37.47 11.26 13.88
C ARG B 177 -38.06 9.94 14.39
N CYS B 178 -39.33 9.70 14.07
CA CYS B 178 -39.97 8.44 14.43
C CYS B 178 -39.33 7.29 13.67
N GLU B 179 -39.06 7.50 12.38
CA GLU B 179 -38.36 6.52 11.57
C GLU B 179 -36.96 6.27 12.13
N PHE B 180 -36.30 7.35 12.52
CA PHE B 180 -34.95 7.26 13.09
C PHE B 180 -34.93 6.49 14.40
N SER B 181 -35.96 6.71 15.22
CA SER B 181 -36.01 6.13 16.56
C SER B 181 -35.95 4.60 16.53
N GLY B 182 -36.50 3.99 15.49
CA GLY B 182 -36.46 2.56 15.34
C GLY B 182 -35.05 2.05 15.12
N TYR B 183 -34.31 2.72 14.25
CA TYR B 183 -32.93 2.36 13.97
C TYR B 183 -32.02 2.71 15.14
N LYS B 184 -32.37 3.78 15.85
CA LYS B 184 -31.61 4.19 17.03
C LYS B 184 -31.69 3.13 18.12
N PHE B 185 -32.91 2.60 18.31
CA PHE B 185 -33.15 1.58 19.33
C PHE B 185 -32.38 0.31 19.02
N GLU B 186 -32.31 -0.05 17.75
CA GLU B 186 -31.53 -1.21 17.31
C GLU B 186 -30.05 -0.99 17.63
N ALA B 187 -29.59 0.23 17.43
CA ALA B 187 -28.20 0.60 17.65
C ALA B 187 -27.80 0.50 19.13
N ILE B 188 -28.66 1.02 20.01
CA ILE B 188 -28.34 1.07 21.43
C ILE B 188 -28.63 -0.25 22.13
N ALA B 189 -29.31 -1.17 21.46
CA ALA B 189 -29.69 -2.43 22.09
C ALA B 189 -28.96 -3.63 21.49
N THR B 190 -27.92 -3.38 20.71
CA THR B 190 -27.15 -4.47 20.10
C THR B 190 -25.64 -4.29 20.26
N LEU B 191 -24.94 -5.42 20.21
CA LEU B 191 -23.48 -5.45 20.32
C LEU B 191 -22.88 -6.22 19.14
N PRO B 192 -21.60 -5.92 18.81
CA PRO B 192 -20.91 -6.65 17.74
C PRO B 192 -20.73 -8.12 18.06
N LYS B 193 -20.53 -8.42 19.33
CA LYS B 193 -20.42 -9.79 19.83
C LYS B 193 -21.13 -9.86 21.18
N PRO B 194 -21.56 -11.06 21.59
CA PRO B 194 -22.21 -11.19 22.91
C PRO B 194 -21.33 -10.72 24.06
N TRP B 195 -20.01 -10.75 23.87
CA TRP B 195 -19.05 -10.45 24.94
C TRP B 195 -18.46 -9.06 24.83
N ALA B 196 -18.92 -8.28 23.85
CA ALA B 196 -18.34 -6.97 23.58
C ALA B 196 -18.56 -5.99 24.75
N LYS B 208 -23.76 6.47 20.88
CA LYS B 208 -22.90 7.53 20.36
C LYS B 208 -22.55 7.31 18.90
N LYS B 209 -22.49 6.05 18.49
CA LYS B 209 -22.13 5.69 17.12
C LYS B 209 -23.19 6.14 16.12
N MET B 210 -22.77 6.29 14.87
CA MET B 210 -23.64 6.82 13.82
C MET B 210 -24.69 5.80 13.38
N VAL B 211 -25.95 6.19 13.50
CA VAL B 211 -27.07 5.32 13.12
C VAL B 211 -27.32 5.38 11.62
N ASN B 212 -27.57 4.21 11.01
CA ASN B 212 -27.82 4.12 9.58
C ASN B 212 -28.68 2.92 9.21
N ASN B 213 -29.20 2.93 7.99
CA ASN B 213 -29.92 1.75 7.48
C ASN B 213 -29.22 1.17 6.25
N TYR B 214 -27.96 1.54 6.06
CA TYR B 214 -27.12 0.92 5.04
C TYR B 214 -26.77 -0.50 5.46
N GLU B 215 -26.24 -0.62 6.68
CA GLU B 215 -25.90 -1.93 7.24
C GLU B 215 -27.15 -2.77 7.42
N GLN B 216 -27.21 -3.89 6.71
CA GLN B 216 -28.35 -4.80 6.84
C GLN B 216 -27.95 -6.25 6.62
N TYR B 217 -28.48 -7.12 7.47
CA TYR B 217 -28.20 -8.55 7.43
C TYR B 217 -29.41 -9.30 6.87
N ILE B 218 -29.20 -10.00 5.76
CA ILE B 218 -30.31 -10.68 5.08
C ILE B 218 -30.21 -12.19 5.20
N SER B 219 -31.19 -12.79 5.87
CA SER B 219 -31.28 -14.25 5.94
C SER B 219 -32.13 -14.75 4.79
N VAL B 220 -31.75 -15.88 4.20
CA VAL B 220 -32.54 -16.49 3.15
C VAL B 220 -32.95 -17.90 3.57
N ILE B 221 -34.24 -18.14 3.67
CA ILE B 221 -34.74 -19.38 4.25
C ILE B 221 -35.51 -20.23 3.26
N LYS B 222 -35.55 -21.53 3.55
CA LYS B 222 -36.39 -22.46 2.81
C LYS B 222 -37.58 -22.82 3.69
N THR B 223 -38.78 -22.62 3.16
CA THR B 223 -40.00 -22.84 3.92
C THR B 223 -41.14 -23.20 2.99
N GLY B 224 -42.38 -22.97 3.43
CA GLY B 224 -43.53 -23.20 2.57
C GLY B 224 -44.86 -23.22 3.29
N ILE B 225 -45.91 -23.52 2.53
CA ILE B 225 -47.26 -23.63 3.07
C ILE B 225 -48.08 -24.52 2.13
N GLY B 226 -48.90 -25.40 2.71
CA GLY B 226 -49.65 -26.36 1.93
C GLY B 226 -48.73 -27.33 1.23
N GLU B 227 -48.76 -27.33 -0.11
CA GLU B 227 -47.87 -28.18 -0.88
C GLU B 227 -46.74 -27.34 -1.50
N ALA B 228 -46.81 -26.03 -1.28
CA ALA B 228 -45.86 -25.11 -1.89
C ALA B 228 -44.54 -25.04 -1.14
N LYS B 229 -43.44 -25.09 -1.89
CA LYS B 229 -42.12 -24.87 -1.35
C LYS B 229 -41.65 -23.47 -1.73
N MET B 230 -41.19 -22.70 -0.74
CA MET B 230 -40.88 -21.30 -0.97
C MET B 230 -39.51 -20.88 -0.44
N LEU B 231 -38.87 -19.96 -1.15
CA LEU B 231 -37.63 -19.34 -0.70
C LEU B 231 -37.91 -17.90 -0.32
N LEU B 232 -37.63 -17.55 0.94
CA LEU B 232 -37.86 -16.19 1.42
C LEU B 232 -36.57 -15.52 1.87
N ALA B 233 -36.30 -14.33 1.32
CA ALA B 233 -35.20 -13.51 1.78
C ALA B 233 -35.74 -12.39 2.67
N GLY B 234 -35.20 -12.29 3.88
CA GLY B 234 -35.70 -11.30 4.81
C GLY B 234 -34.62 -10.70 5.69
N GLU B 235 -34.75 -9.40 5.96
CA GLU B 235 -33.85 -8.71 6.87
C GLU B 235 -34.03 -9.23 8.29
N VAL B 236 -32.91 -9.43 8.99
CA VAL B 236 -32.94 -9.88 10.38
C VAL B 236 -32.17 -8.89 11.25
N ASP B 237 -32.82 -8.43 12.32
CA ASP B 237 -32.25 -7.38 13.16
C ASP B 237 -31.02 -7.83 13.95
N CYS B 238 -31.13 -8.92 14.70
CA CYS B 238 -30.04 -9.39 15.52
C CYS B 238 -30.23 -10.82 16.01
N VAL B 239 -29.21 -11.34 16.67
CA VAL B 239 -29.27 -12.66 17.29
C VAL B 239 -29.55 -12.52 18.79
N TRP B 240 -30.47 -13.34 19.30
CA TRP B 240 -30.82 -13.32 20.71
C TRP B 240 -29.65 -13.74 21.60
N ASP B 241 -29.13 -14.94 21.37
CA ASP B 241 -28.05 -15.45 22.20
C ASP B 241 -26.75 -15.68 21.42
N TYR B 242 -26.76 -16.67 20.53
CA TYR B 242 -25.56 -17.05 19.80
C TYR B 242 -25.89 -17.70 18.46
N ILE B 243 -24.90 -17.71 17.57
CA ILE B 243 -25.02 -18.46 16.34
C ILE B 243 -24.32 -19.80 16.50
N PRO B 244 -25.08 -20.90 16.41
CA PRO B 244 -24.53 -22.26 16.55
C PRO B 244 -23.41 -22.53 15.56
N GLU B 245 -22.30 -23.09 16.05
CA GLU B 245 -21.10 -23.28 15.24
C GLU B 245 -21.32 -24.29 14.13
N ASP B 246 -22.06 -25.36 14.42
CA ASP B 246 -22.43 -26.32 13.40
C ASP B 246 -23.15 -25.59 12.28
N GLY B 247 -23.96 -24.60 12.66
CA GLY B 247 -24.65 -23.76 11.71
C GLY B 247 -26.07 -24.25 11.52
N LYS B 248 -26.57 -24.97 12.52
CA LYS B 248 -27.84 -25.68 12.40
C LYS B 248 -28.93 -25.06 13.28
N ASP B 249 -30.12 -24.86 12.69
CA ASP B 249 -31.24 -24.19 13.34
C ASP B 249 -30.81 -22.82 13.85
N VAL B 250 -30.19 -22.04 12.98
CA VAL B 250 -29.74 -20.70 13.35
C VAL B 250 -30.95 -19.76 13.40
N LEU B 251 -31.99 -20.09 12.65
CA LEU B 251 -33.21 -19.27 12.59
C LEU B 251 -33.83 -19.06 13.97
N SER B 252 -33.80 -20.10 14.79
CA SER B 252 -34.41 -20.05 16.12
C SER B 252 -33.69 -19.11 17.07
N HIS B 253 -32.52 -18.62 16.66
CA HIS B 253 -31.72 -17.75 17.52
C HIS B 253 -31.81 -16.29 17.10
N TYR B 254 -32.52 -16.03 16.01
CA TYR B 254 -32.74 -14.67 15.55
C TYR B 254 -33.87 -14.00 16.32
N MET B 255 -33.97 -12.68 16.22
CA MET B 255 -35.05 -11.95 16.85
C MET B 255 -35.33 -10.64 16.14
N GLU B 256 -36.49 -10.06 16.42
CA GLU B 256 -36.94 -8.83 15.76
C GLU B 256 -37.04 -7.68 16.74
N LEU B 257 -36.60 -6.50 16.33
CA LEU B 257 -36.67 -5.30 17.16
C LEU B 257 -37.65 -4.28 16.58
N LYS B 258 -38.56 -3.79 17.42
CA LYS B 258 -39.54 -2.80 17.00
C LYS B 258 -39.62 -1.65 18.02
N THR B 259 -40.06 -0.49 17.56
CA THR B 259 -40.30 0.65 18.46
C THR B 259 -41.67 1.28 18.21
N THR B 260 -42.31 1.72 19.28
CA THR B 260 -43.59 2.41 19.17
C THR B 260 -43.80 3.32 20.37
N ARG B 261 -44.85 4.13 20.31
CA ARG B 261 -45.15 5.06 21.39
C ARG B 261 -45.73 4.32 22.59
N ILE B 262 -45.52 4.85 23.78
CA ILE B 262 -46.11 4.28 24.99
C ILE B 262 -47.63 4.30 24.88
N LEU B 263 -48.28 3.28 25.45
CA LEU B 263 -49.72 3.15 25.34
C LEU B 263 -50.42 3.84 26.50
N GLU B 264 -51.22 4.86 26.17
CA GLU B 264 -51.93 5.64 27.18
C GLU B 264 -53.43 5.63 26.98
N SER B 265 -53.86 5.68 25.72
CA SER B 265 -55.28 5.73 25.39
C SER B 265 -55.76 4.44 24.75
N ASN B 266 -57.08 4.30 24.63
CA ASN B 266 -57.67 3.13 23.99
C ASN B 266 -57.34 3.08 22.50
N GLY B 267 -57.31 4.25 21.87
CA GLY B 267 -56.99 4.33 20.46
C GLY B 267 -55.57 3.89 20.16
N GLN B 268 -54.69 4.04 21.15
CA GLN B 268 -53.31 3.62 21.02
C GLN B 268 -53.17 2.12 21.21
N VAL B 269 -53.90 1.57 22.18
CA VAL B 269 -53.94 0.13 22.39
C VAL B 269 -54.49 -0.53 21.14
N VAL B 270 -55.55 0.07 20.60
CA VAL B 270 -56.10 -0.43 19.36
C VAL B 270 -55.08 -0.34 18.21
N ASN B 271 -54.27 0.73 18.08
CA ASN B 271 -53.38 0.70 16.92
C ASN B 271 -52.23 -0.25 17.22
N PHE B 272 -51.85 -0.39 18.49
CA PHE B 272 -50.71 -1.24 18.82
C PHE B 272 -51.01 -2.68 18.42
N GLU B 273 -52.28 -3.08 18.54
CA GLU B 273 -52.70 -4.40 18.12
C GLU B 273 -52.53 -4.59 16.61
N LYS B 274 -52.81 -3.53 15.85
CA LYS B 274 -52.61 -3.56 14.40
C LYS B 274 -51.13 -3.74 14.07
N LYS B 275 -50.29 -3.01 14.78
CA LYS B 275 -48.84 -3.11 14.62
C LYS B 275 -48.34 -4.50 15.00
N LEU B 276 -48.85 -4.99 16.13
CA LEU B 276 -48.43 -6.29 16.65
C LEU B 276 -48.78 -7.42 15.69
N PHE B 277 -49.90 -7.28 14.99
CA PHE B 277 -50.31 -8.27 13.99
C PHE B 277 -49.37 -8.27 12.80
N LYS B 278 -48.99 -7.09 12.33
CA LYS B 278 -48.05 -6.97 11.21
C LYS B 278 -46.70 -7.55 11.59
N THR B 279 -46.29 -7.31 12.83
CA THR B 279 -45.02 -7.83 13.33
C THR B 279 -45.05 -9.35 13.40
N TRP B 280 -46.17 -9.90 13.86
CA TRP B 280 -46.33 -11.35 13.89
C TRP B 280 -46.19 -11.93 12.50
N ALA B 281 -46.90 -11.32 11.54
CA ALA B 281 -46.88 -11.78 10.15
C ALA B 281 -45.45 -11.78 9.61
N GLN B 282 -44.73 -10.70 9.89
CA GLN B 282 -43.34 -10.55 9.45
C GLN B 282 -42.45 -11.64 10.04
N CYS B 283 -42.62 -11.93 11.32
CA CYS B 283 -41.77 -12.90 12.01
C CYS B 283 -42.19 -14.34 11.74
N PHE B 284 -43.50 -14.58 11.70
CA PHE B 284 -44.02 -15.93 11.50
C PHE B 284 -43.56 -16.53 10.19
N LEU B 285 -43.60 -15.73 9.12
CA LEU B 285 -43.20 -16.19 7.79
C LEU B 285 -41.70 -16.49 7.73
N MET B 286 -40.94 -15.81 8.57
CA MET B 286 -39.48 -15.90 8.52
C MET B 286 -38.93 -16.93 9.52
N GLY B 287 -39.81 -17.44 10.38
CA GLY B 287 -39.40 -18.38 11.41
C GLY B 287 -38.72 -17.70 12.58
N ILE B 288 -38.94 -16.39 12.70
CA ILE B 288 -38.39 -15.61 13.81
C ILE B 288 -39.24 -15.84 15.06
N ARG B 289 -38.59 -16.25 16.14
CA ARG B 289 -39.32 -16.70 17.33
C ARG B 289 -39.42 -15.65 18.44
N LYS B 290 -38.61 -14.60 18.36
CA LYS B 290 -38.62 -13.56 19.39
C LYS B 290 -38.83 -12.16 18.82
N VAL B 291 -39.61 -11.36 19.54
CA VAL B 291 -39.81 -9.95 19.20
C VAL B 291 -39.65 -9.07 20.44
N VAL B 292 -38.87 -7.99 20.31
CA VAL B 292 -38.76 -7.03 21.38
C VAL B 292 -39.29 -5.66 20.95
N TYR B 293 -40.26 -5.15 21.72
CA TYR B 293 -40.79 -3.82 21.49
C TYR B 293 -40.23 -2.83 22.51
N GLY B 294 -39.71 -1.71 22.01
CA GLY B 294 -39.29 -0.63 22.88
C GLY B 294 -40.34 0.48 22.83
N PHE B 295 -40.79 0.90 24.00
CA PHE B 295 -41.83 1.91 24.09
C PHE B 295 -41.25 3.25 24.54
N ARG B 296 -41.51 4.30 23.76
CA ARG B 296 -40.97 5.62 24.05
C ARG B 296 -42.07 6.66 24.25
N ASP B 297 -41.74 7.74 24.94
CA ASP B 297 -42.70 8.81 25.19
C ASP B 297 -42.62 9.89 24.11
N ASP B 298 -43.26 11.03 24.36
CA ASP B 298 -43.32 12.11 23.39
C ASP B 298 -41.96 12.76 23.15
N SER B 299 -41.04 12.58 24.11
CA SER B 299 -39.69 13.13 23.97
C SER B 299 -38.71 12.05 23.54
N PHE B 300 -39.25 10.94 23.03
CA PHE B 300 -38.49 9.82 22.49
C PHE B 300 -37.58 9.13 23.51
N PHE B 301 -37.87 9.30 24.79
CA PHE B 301 -37.14 8.57 25.82
C PHE B 301 -37.72 7.17 25.99
N LEU B 302 -36.84 6.18 26.04
CA LEU B 302 -37.24 4.79 26.19
C LEU B 302 -37.77 4.53 27.61
N ARG B 303 -39.05 4.20 27.71
CA ARG B 303 -39.69 4.07 29.01
C ARG B 303 -40.01 2.61 29.39
N ASP B 304 -40.24 1.77 28.38
CA ASP B 304 -40.56 0.37 28.65
C ASP B 304 -40.09 -0.55 27.52
N VAL B 305 -39.88 -1.82 27.86
CA VAL B 305 -39.47 -2.83 26.90
C VAL B 305 -40.23 -4.13 27.11
N GLU B 306 -40.80 -4.67 26.04
CA GLU B 306 -41.53 -5.93 26.12
C GLU B 306 -40.97 -6.95 25.14
N LEU B 307 -40.70 -8.16 25.65
CA LEU B 307 -40.24 -9.25 24.80
C LEU B 307 -41.40 -10.21 24.55
N TYR B 308 -41.64 -10.51 23.28
CA TYR B 308 -42.72 -11.42 22.89
C TYR B 308 -42.17 -12.69 22.26
N LYS B 309 -42.80 -13.81 22.56
CA LYS B 309 -42.63 -15.01 21.75
C LYS B 309 -43.58 -14.85 20.57
N THR B 310 -43.09 -15.07 19.36
CA THR B 310 -43.90 -14.88 18.17
C THR B 310 -45.17 -15.74 18.22
N GLU B 311 -45.03 -16.95 18.76
CA GLU B 311 -46.13 -17.91 18.81
C GLU B 311 -47.23 -17.53 19.80
N GLU B 312 -46.95 -16.59 20.69
CA GLU B 312 -47.94 -16.20 21.69
C GLU B 312 -48.73 -14.98 21.27
N ILE B 313 -48.28 -14.30 20.22
CA ILE B 313 -48.95 -13.11 19.73
C ILE B 313 -50.39 -13.35 19.22
N PRO B 314 -50.63 -14.43 18.45
CA PRO B 314 -52.02 -14.65 18.02
C PRO B 314 -53.02 -14.79 19.17
N LEU B 315 -52.57 -15.37 20.28
CA LEU B 315 -53.45 -15.55 21.44
C LEU B 315 -53.61 -14.27 22.25
N LEU B 316 -52.55 -13.46 22.28
CA LEU B 316 -52.62 -12.15 22.93
C LEU B 316 -53.63 -11.26 22.23
N ILE B 317 -53.64 -11.32 20.90
CA ILE B 317 -54.58 -10.55 20.10
C ILE B 317 -56.00 -11.07 20.27
N LYS B 318 -56.15 -12.40 20.20
CA LYS B 318 -57.46 -13.03 20.29
C LYS B 318 -58.14 -12.75 21.64
N ASN B 319 -57.37 -12.80 22.71
CA ASN B 319 -57.92 -12.64 24.05
C ASN B 319 -57.88 -11.21 24.57
N ASN B 320 -57.57 -10.27 23.68
CA ASN B 320 -57.60 -8.86 24.04
C ASN B 320 -59.04 -8.38 24.13
N ALA B 321 -59.49 -8.08 25.35
CA ALA B 321 -60.90 -7.77 25.60
C ALA B 321 -61.36 -6.47 24.94
N LEU B 322 -60.46 -5.49 24.86
CA LEU B 322 -60.79 -4.18 24.32
C LEU B 322 -61.23 -4.25 22.86
N THR B 323 -60.62 -5.17 22.10
CA THR B 323 -60.86 -5.25 20.67
C THR B 323 -61.88 -6.31 20.30
N GLU B 324 -62.41 -7.01 21.30
CA GLU B 324 -63.43 -8.02 21.07
C GLU B 324 -64.67 -7.39 20.45
N ASN B 325 -65.18 -8.02 19.40
CA ASN B 325 -66.39 -7.57 18.71
C ASN B 325 -66.33 -6.14 18.17
N LYS B 326 -65.13 -5.60 18.00
CA LYS B 326 -65.01 -4.22 17.52
C LYS B 326 -65.44 -4.13 16.06
N SER B 327 -66.02 -2.98 15.69
CA SER B 327 -66.49 -2.77 14.32
C SER B 327 -65.31 -2.67 13.37
N GLY B 328 -65.33 -3.47 12.32
CA GLY B 328 -64.14 -3.68 11.55
C GLY B 328 -64.13 -4.94 10.71
N GLY B 329 -63.93 -6.11 11.28
CA GLY B 329 -63.87 -6.36 12.70
C GLY B 329 -62.49 -6.74 13.23
N LYS B 330 -62.38 -7.85 13.92
CA LYS B 330 -61.23 -8.14 14.76
C LYS B 330 -60.19 -8.99 14.09
N ILE B 331 -58.93 -8.62 14.28
CA ILE B 331 -57.82 -9.37 13.69
C ILE B 331 -57.78 -10.82 14.18
N ASN B 332 -57.69 -11.75 13.24
CA ASN B 332 -57.51 -13.16 13.56
C ASN B 332 -56.35 -13.73 12.75
N CYS B 333 -55.28 -14.12 13.45
CA CYS B 333 -54.06 -14.59 12.79
C CYS B 333 -54.28 -15.89 12.02
N THR B 334 -55.13 -16.76 12.57
CA THR B 334 -55.44 -18.02 11.92
C THR B 334 -56.20 -17.77 10.62
N THR B 335 -57.17 -16.86 10.67
CA THR B 335 -57.92 -16.47 9.49
C THR B 335 -57.01 -15.88 8.43
N ALA B 336 -56.07 -15.04 8.87
CA ALA B 336 -55.12 -14.42 7.94
C ALA B 336 -54.24 -15.47 7.27
N LEU B 337 -53.85 -16.49 8.03
CA LEU B 337 -53.00 -17.55 7.51
C LEU B 337 -53.73 -18.43 6.51
N LYS B 338 -55.02 -18.66 6.75
CA LYS B 338 -55.84 -19.45 5.83
C LYS B 338 -56.01 -18.73 4.50
N TRP B 339 -56.16 -17.41 4.55
CA TRP B 339 -56.24 -16.59 3.35
C TRP B 339 -54.90 -16.63 2.60
N TYR B 340 -53.81 -16.56 3.34
CA TYR B 340 -52.48 -16.59 2.76
C TYR B 340 -52.25 -17.90 2.02
N GLY B 341 -52.61 -19.01 2.65
CA GLY B 341 -52.49 -20.32 2.04
C GLY B 341 -53.34 -20.44 0.78
N ALA B 342 -54.49 -19.77 0.80
CA ALA B 342 -55.38 -19.75 -0.36
C ALA B 342 -54.73 -19.02 -1.53
N VAL B 343 -54.04 -17.91 -1.22
CA VAL B 343 -53.40 -17.11 -2.25
C VAL B 343 -52.26 -17.87 -2.93
N ILE B 344 -51.40 -18.47 -2.12
CA ILE B 344 -50.24 -19.21 -2.62
C ILE B 344 -50.67 -20.39 -3.50
N GLU B 345 -51.65 -21.16 -3.02
CA GLU B 345 -52.19 -22.28 -3.77
C GLU B 345 -52.80 -21.80 -5.09
N TRP B 346 -53.51 -20.68 -5.02
CA TRP B 346 -54.16 -20.09 -6.19
C TRP B 346 -53.14 -19.67 -7.24
N LEU B 347 -52.09 -18.97 -6.80
CA LEU B 347 -51.05 -18.50 -7.70
C LEU B 347 -50.36 -19.63 -8.45
N LEU B 348 -50.05 -20.71 -7.74
CA LEU B 348 -49.35 -21.85 -8.34
C LEU B 348 -50.25 -22.62 -9.31
N GLN B 349 -51.55 -22.55 -9.10
CA GLN B 349 -52.49 -23.24 -9.98
C GLN B 349 -52.76 -22.46 -11.26
N GLU B 350 -52.81 -21.13 -11.15
CA GLU B 350 -53.24 -20.29 -12.26
C GLU B 350 -52.11 -19.91 -13.22
N ILE B 351 -50.87 -19.99 -12.75
CA ILE B 351 -49.73 -19.59 -13.57
C ILE B 351 -48.97 -20.79 -14.13
N PRO B 352 -49.00 -20.97 -15.45
CA PRO B 352 -48.27 -22.04 -16.13
C PRO B 352 -46.78 -21.95 -15.84
N ARG B 353 -46.25 -22.96 -15.15
CA ARG B 353 -44.87 -22.94 -14.68
C ARG B 353 -43.87 -22.98 -15.84
N ASP B 354 -44.29 -23.50 -16.98
CA ASP B 354 -43.38 -23.73 -18.10
C ASP B 354 -43.46 -22.66 -19.18
N ASP B 355 -44.37 -21.70 -19.02
CA ASP B 355 -44.48 -20.61 -19.99
C ASP B 355 -43.61 -19.43 -19.56
N THR B 356 -42.48 -19.26 -20.23
CA THR B 356 -41.54 -18.21 -19.89
C THR B 356 -41.62 -17.02 -20.84
N SER B 357 -42.72 -16.91 -21.56
CA SER B 357 -42.90 -15.83 -22.53
C SER B 357 -43.69 -14.67 -21.96
N LYS B 358 -44.26 -14.88 -20.78
CA LYS B 358 -45.15 -13.88 -20.19
C LYS B 358 -44.70 -13.41 -18.80
N ALA B 359 -45.20 -12.26 -18.40
CA ALA B 359 -45.04 -11.76 -17.04
C ALA B 359 -46.43 -11.45 -16.47
N TYR B 360 -46.60 -11.67 -15.17
CA TYR B 360 -47.90 -11.47 -14.55
C TYR B 360 -47.86 -10.42 -13.44
N ARG B 361 -49.03 -9.90 -13.12
CA ARG B 361 -49.16 -8.90 -12.06
C ARG B 361 -50.25 -9.29 -11.08
N VAL B 362 -49.86 -9.45 -9.81
CA VAL B 362 -50.83 -9.66 -8.74
C VAL B 362 -51.13 -8.32 -8.09
N SER B 363 -52.40 -7.91 -8.09
CA SER B 363 -52.77 -6.59 -7.60
C SER B 363 -53.94 -6.61 -6.64
N PHE B 364 -53.83 -5.83 -5.57
CA PHE B 364 -54.98 -5.54 -4.73
C PHE B 364 -55.36 -4.07 -4.86
N ASP B 365 -56.59 -3.82 -5.30
CA ASP B 365 -57.09 -2.46 -5.47
C ASP B 365 -57.99 -2.09 -4.30
N PRO B 366 -57.51 -1.19 -3.42
CA PRO B 366 -58.26 -0.80 -2.22
C PRO B 366 -59.61 -0.18 -2.53
N SER B 367 -59.69 0.58 -3.61
CA SER B 367 -60.93 1.29 -3.95
C SER B 367 -62.06 0.34 -4.32
N THR B 368 -61.70 -0.82 -4.88
CA THR B 368 -62.71 -1.81 -5.26
C THR B 368 -62.58 -3.07 -4.39
N ARG B 369 -61.50 -3.13 -3.62
CA ARG B 369 -61.21 -4.28 -2.76
C ARG B 369 -61.29 -5.60 -3.52
N THR B 370 -60.62 -5.63 -4.67
CA THR B 370 -60.54 -6.82 -5.49
C THR B 370 -59.09 -7.30 -5.58
N PHE B 371 -58.92 -8.62 -5.51
CA PHE B 371 -57.59 -9.24 -5.57
C PHE B 371 -57.47 -10.00 -6.89
N THR B 372 -56.65 -9.49 -7.80
CA THR B 372 -56.59 -10.03 -9.15
C THR B 372 -55.20 -10.45 -9.62
N LEU B 373 -55.18 -11.41 -10.52
CA LEU B 373 -53.97 -11.83 -11.22
C LEU B 373 -54.17 -11.66 -12.72
N ARG B 374 -53.27 -10.93 -13.36
CA ARG B 374 -53.42 -10.67 -14.79
C ARG B 374 -52.09 -10.75 -15.54
N GLU B 375 -52.18 -11.04 -16.83
CA GLU B 375 -51.00 -11.01 -17.70
C GLU B 375 -50.68 -9.56 -18.06
N LEU B 376 -49.42 -9.18 -17.87
CA LEU B 376 -48.97 -7.85 -18.27
C LEU B 376 -48.87 -7.77 -19.78
N MET B 377 -49.31 -6.66 -20.35
CA MET B 377 -49.45 -6.56 -21.80
C MET B 377 -48.67 -5.39 -22.40
N GLY B 378 -47.78 -4.79 -21.63
CA GLY B 378 -47.01 -3.66 -22.09
C GLY B 378 -45.54 -3.99 -22.28
N ASN B 379 -45.25 -5.28 -22.42
CA ASN B 379 -43.89 -5.79 -22.56
C ASN B 379 -42.99 -5.43 -21.38
N GLU B 380 -43.59 -5.32 -20.19
CA GLU B 380 -42.82 -5.18 -18.96
C GLU B 380 -41.93 -6.40 -18.79
N ASN B 381 -42.41 -7.52 -19.33
CA ASN B 381 -41.68 -8.79 -19.33
C ASN B 381 -40.23 -8.67 -19.79
N SER B 382 -39.99 -7.83 -20.80
CA SER B 382 -38.65 -7.67 -21.36
C SER B 382 -37.70 -7.00 -20.37
N ARG B 383 -38.22 -6.08 -19.57
CA ARG B 383 -37.42 -5.42 -18.55
C ARG B 383 -37.21 -6.34 -17.34
N LEU B 384 -38.28 -7.01 -16.93
CA LEU B 384 -38.25 -7.88 -15.76
C LEU B 384 -37.26 -9.04 -15.91
N ARG B 385 -37.18 -9.58 -17.13
CA ARG B 385 -36.33 -10.74 -17.38
C ARG B 385 -34.90 -10.34 -17.74
N ASN B 386 -34.63 -9.04 -17.75
CA ASN B 386 -33.30 -8.55 -18.11
C ASN B 386 -32.77 -7.46 -17.19
N GLY B 387 -32.89 -7.67 -15.88
CA GLY B 387 -32.31 -6.72 -14.94
C GLY B 387 -33.08 -6.54 -13.64
N GLU B 388 -34.37 -6.25 -13.75
CA GLU B 388 -35.18 -5.91 -12.58
C GLU B 388 -35.43 -7.14 -11.70
N MET B 389 -35.73 -8.27 -12.33
CA MET B 389 -35.93 -9.50 -11.57
C MET B 389 -34.82 -10.50 -11.91
N LEU B 390 -34.89 -11.09 -13.11
CA LEU B 390 -33.83 -11.96 -13.57
C LEU B 390 -32.61 -11.15 -14.00
N THR B 391 -31.42 -11.67 -13.72
CA THR B 391 -30.18 -11.04 -14.19
C THR B 391 -29.49 -11.95 -15.20
N SER B 392 -28.62 -11.37 -16.01
CA SER B 392 -27.89 -12.14 -17.02
C SER B 392 -26.96 -13.17 -16.39
N GLU B 393 -26.36 -12.79 -15.27
CA GLU B 393 -25.44 -13.68 -14.55
C GLU B 393 -26.18 -14.88 -13.97
N PHE B 394 -27.38 -14.62 -13.43
CA PHE B 394 -28.19 -15.68 -12.85
C PHE B 394 -28.69 -16.64 -13.94
N LYS B 395 -29.14 -16.08 -15.06
CA LYS B 395 -29.63 -16.90 -16.16
C LYS B 395 -28.50 -17.71 -16.78
N GLN B 396 -27.33 -17.09 -16.92
CA GLN B 396 -26.15 -17.78 -17.44
C GLN B 396 -25.81 -18.99 -16.57
N TRP B 397 -25.91 -18.81 -15.25
CA TRP B 397 -25.66 -19.90 -14.32
C TRP B 397 -26.68 -21.03 -14.48
N ARG B 398 -27.96 -20.67 -14.48
CA ARG B 398 -29.03 -21.65 -14.58
C ARG B 398 -29.01 -22.41 -15.90
N GLU B 399 -28.56 -21.73 -16.96
CA GLU B 399 -28.44 -22.36 -18.27
C GLU B 399 -27.30 -23.37 -18.29
N SER B 400 -26.25 -23.10 -17.51
CA SER B 400 -25.06 -23.94 -17.50
C SER B 400 -25.27 -25.28 -16.79
N ILE B 401 -26.35 -25.36 -16.01
CA ILE B 401 -26.65 -26.59 -15.30
C ILE B 401 -27.22 -27.66 -16.22
N MET C 9 -20.25 -0.82 -52.26
CA MET C 9 -19.89 -1.45 -50.99
C MET C 9 -21.05 -2.28 -50.43
N LYS C 10 -20.71 -3.34 -49.72
CA LYS C 10 -21.68 -4.07 -48.92
C LYS C 10 -21.67 -3.51 -47.51
N THR C 11 -22.79 -3.59 -46.81
CA THR C 11 -22.88 -2.95 -45.50
C THR C 11 -23.38 -3.89 -44.42
N LEU C 12 -22.67 -3.89 -43.28
CA LEU C 12 -23.11 -4.62 -42.10
C LEU C 12 -23.66 -3.64 -41.08
N SER C 13 -24.87 -3.91 -40.61
CA SER C 13 -25.50 -3.05 -39.60
C SER C 13 -24.68 -3.06 -38.31
N LEU C 14 -24.52 -1.89 -37.71
CA LEU C 14 -23.82 -1.78 -36.43
C LEU C 14 -24.62 -2.47 -35.32
N GLN C 15 -25.88 -2.76 -35.61
CA GLN C 15 -26.76 -3.42 -34.66
C GLN C 15 -26.68 -4.94 -34.82
N SER C 16 -25.81 -5.40 -35.70
CA SER C 16 -25.63 -6.84 -35.94
C SER C 16 -25.11 -7.53 -34.69
N ARG C 17 -25.82 -8.58 -34.27
CA ARG C 17 -25.44 -9.33 -33.09
C ARG C 17 -25.44 -10.83 -33.37
N ALA C 18 -24.26 -11.44 -33.32
CA ALA C 18 -24.16 -12.88 -33.43
C ALA C 18 -24.75 -13.50 -32.18
N LYS C 19 -25.16 -14.76 -32.30
CA LYS C 19 -25.76 -15.49 -31.18
C LYS C 19 -24.68 -15.92 -30.21
N THR C 20 -25.10 -16.14 -28.97
CA THR C 20 -24.22 -16.60 -27.92
C THR C 20 -23.47 -17.89 -28.29
N THR C 21 -22.14 -17.81 -28.22
CA THR C 21 -21.29 -18.97 -28.40
C THR C 21 -20.45 -19.19 -27.16
N ALA C 22 -20.16 -20.45 -26.87
CA ALA C 22 -19.35 -20.82 -25.72
C ALA C 22 -17.94 -20.27 -25.86
N LEU C 23 -17.31 -19.99 -24.71
CA LEU C 23 -15.98 -19.38 -24.71
C LEU C 23 -14.92 -20.37 -25.17
N LYS C 24 -13.98 -19.88 -25.97
CA LYS C 24 -12.86 -20.69 -26.43
C LYS C 24 -11.72 -20.64 -25.43
N GLN C 25 -10.82 -21.62 -25.51
CA GLN C 25 -9.58 -21.55 -24.76
C GLN C 25 -8.42 -21.37 -25.72
N PRO C 26 -7.94 -20.13 -25.85
CA PRO C 26 -6.79 -19.81 -26.71
C PRO C 26 -5.56 -20.61 -26.32
N LYS C 27 -4.75 -20.98 -27.32
CA LYS C 27 -3.52 -21.71 -27.07
C LYS C 27 -2.38 -21.15 -27.91
N GLU C 28 -1.29 -20.78 -27.25
CA GLU C 28 -0.09 -20.33 -27.95
C GLU C 28 0.54 -21.51 -28.69
N ILE C 29 0.88 -21.29 -29.96
CA ILE C 29 1.52 -22.35 -30.73
C ILE C 29 2.96 -21.98 -31.09
N PHE C 30 3.24 -20.68 -31.14
CA PHE C 30 4.63 -20.21 -31.29
C PHE C 30 4.74 -18.73 -30.93
N ALA C 31 5.98 -18.25 -30.87
CA ALA C 31 6.23 -16.85 -30.53
C ALA C 31 7.48 -16.34 -31.24
N PHE C 32 7.58 -15.02 -31.34
CA PHE C 32 8.79 -14.38 -31.85
C PHE C 32 8.95 -13.02 -31.19
N ALA C 33 10.09 -12.38 -31.40
CA ALA C 33 10.38 -11.14 -30.70
C ALA C 33 11.22 -10.16 -31.52
N ARG C 34 11.16 -8.90 -31.13
CA ARG C 34 12.02 -7.86 -31.69
C ARG C 34 12.92 -7.33 -30.58
N ASP C 35 14.23 -7.37 -30.80
CA ASP C 35 15.16 -6.94 -29.76
C ASP C 35 15.33 -5.43 -29.73
N ILE C 36 16.18 -4.94 -28.84
CA ILE C 36 16.41 -3.51 -28.64
C ILE C 36 16.99 -2.86 -29.90
N ASP C 37 17.73 -3.63 -30.69
CA ASP C 37 18.30 -3.13 -31.93
C ASP C 37 17.22 -2.90 -32.98
N GLY C 38 16.22 -3.79 -32.99
CA GLY C 38 15.15 -3.72 -33.97
C GLY C 38 15.10 -4.97 -34.82
N GLU C 39 15.99 -5.92 -34.52
CA GLU C 39 16.05 -7.17 -35.24
C GLU C 39 15.10 -8.20 -34.64
N PHE C 40 14.62 -9.13 -35.47
CA PHE C 40 13.65 -10.12 -35.03
C PHE C 40 14.30 -11.47 -34.70
N VAL C 41 13.80 -12.10 -33.65
CA VAL C 41 14.29 -13.41 -33.22
C VAL C 41 13.18 -14.45 -33.37
N TYR C 42 13.52 -15.60 -33.95
CA TYR C 42 12.51 -16.60 -34.27
C TYR C 42 12.73 -17.95 -33.61
N ASP C 43 13.91 -18.17 -33.03
CA ASP C 43 14.18 -19.42 -32.32
C ASP C 43 13.37 -19.47 -31.03
N GLN C 44 12.55 -20.51 -30.90
CA GLN C 44 11.62 -20.63 -29.78
C GLN C 44 12.32 -20.62 -28.41
N LYS C 45 13.46 -21.28 -28.33
CA LYS C 45 14.19 -21.36 -27.05
C LYS C 45 14.94 -20.07 -26.75
N ILE C 46 15.50 -19.43 -27.76
CA ILE C 46 16.16 -18.14 -27.58
C ILE C 46 15.15 -17.08 -27.14
N VAL C 47 14.01 -17.07 -27.82
CA VAL C 47 12.95 -16.10 -27.54
C VAL C 47 12.46 -16.18 -26.09
N LYS C 48 12.20 -17.39 -25.62
CA LYS C 48 11.62 -17.57 -24.29
C LYS C 48 12.67 -17.58 -23.17
N ASP C 49 13.95 -17.48 -23.54
CA ASP C 49 15.02 -17.45 -22.54
C ASP C 49 15.65 -16.06 -22.44
N GLU C 50 15.53 -15.27 -23.49
CA GLU C 50 16.23 -13.99 -23.55
C GLU C 50 15.30 -12.79 -23.79
N ASN C 51 14.10 -13.05 -24.28
CA ASN C 51 13.20 -11.96 -24.66
C ASN C 51 11.92 -11.93 -23.82
N VAL C 52 11.95 -12.60 -22.68
CA VAL C 52 10.80 -12.63 -21.77
C VAL C 52 11.10 -11.85 -20.49
N SER C 53 10.17 -10.98 -20.11
CA SER C 53 10.32 -10.21 -18.88
C SER C 53 9.49 -10.82 -17.75
N TYR C 54 9.94 -10.61 -16.51
CA TYR C 54 9.28 -11.22 -15.35
C TYR C 54 8.81 -10.18 -14.34
N TYR C 55 7.57 -10.33 -13.88
CA TYR C 55 6.95 -9.38 -12.97
C TYR C 55 7.52 -9.46 -11.56
N TYR C 56 7.90 -8.31 -11.02
CA TYR C 56 8.35 -8.21 -9.64
C TYR C 56 8.21 -6.77 -9.16
N LEU C 57 7.22 -6.54 -8.29
CA LEU C 57 6.98 -5.21 -7.74
C LEU C 57 6.27 -5.32 -6.40
N PRO C 58 7.05 -5.48 -5.32
CA PRO C 58 6.51 -5.59 -3.96
C PRO C 58 5.61 -4.41 -3.62
N ASP C 59 4.53 -4.66 -2.91
CA ASP C 59 3.57 -3.62 -2.55
C ASP C 59 4.20 -2.55 -1.66
N SER C 60 5.24 -2.93 -0.92
CA SER C 60 5.95 -2.00 -0.06
C SER C 60 6.71 -0.94 -0.85
N LYS C 61 6.93 -1.22 -2.13
CA LYS C 61 7.62 -0.27 -3.00
C LYS C 61 6.66 0.79 -3.53
N ILE C 62 5.37 0.57 -3.31
CA ILE C 62 4.35 1.52 -3.76
C ILE C 62 4.06 2.55 -2.67
N ASP C 63 5.00 3.45 -2.45
CA ASP C 63 4.87 4.47 -1.41
C ASP C 63 4.79 5.88 -2.00
N GLY C 64 4.75 5.96 -3.32
CA GLY C 64 4.65 7.24 -4.01
C GLY C 64 5.99 7.88 -4.29
N SER C 65 7.06 7.07 -4.28
CA SER C 65 8.40 7.58 -4.51
C SER C 65 8.92 7.21 -5.89
N ILE C 66 8.22 6.30 -6.57
CA ILE C 66 8.63 5.85 -7.90
C ILE C 66 8.19 6.85 -8.97
N ASP C 67 9.18 7.52 -9.57
CA ASP C 67 8.92 8.51 -10.61
C ASP C 67 8.78 7.83 -11.98
N LEU C 68 7.60 7.95 -12.58
CA LEU C 68 7.33 7.28 -13.85
C LEU C 68 7.61 8.17 -15.06
N GLN C 69 8.10 9.37 -14.82
CA GLN C 69 8.54 10.24 -15.92
C GLN C 69 10.04 10.48 -15.85
N ALA C 70 10.70 9.76 -14.95
CA ALA C 70 12.14 9.85 -14.79
C ALA C 70 12.86 9.19 -15.96
N GLY C 71 13.79 9.91 -16.57
CA GLY C 71 14.52 9.40 -17.71
C GLY C 71 13.75 9.55 -19.00
N TYR C 72 12.84 10.52 -19.03
CA TYR C 72 11.99 10.75 -20.20
C TYR C 72 12.78 11.18 -21.42
N ALA C 73 13.69 12.14 -21.23
CA ALA C 73 14.45 12.71 -22.33
C ALA C 73 15.29 11.68 -23.07
N LYS C 74 15.66 10.61 -22.37
CA LYS C 74 16.49 9.56 -22.94
C LYS C 74 15.66 8.36 -23.39
N PHE C 75 14.38 8.61 -23.69
CA PHE C 75 13.50 7.58 -24.20
C PHE C 75 13.97 7.11 -25.59
N LYS C 76 14.34 5.83 -25.67
CA LYS C 76 14.72 5.25 -26.95
C LYS C 76 13.48 4.87 -27.73
N LYS C 77 12.96 5.83 -28.50
CA LYS C 77 11.71 5.62 -29.24
C LYS C 77 11.99 5.20 -30.68
N ILE C 78 11.18 4.26 -31.16
CA ILE C 78 11.37 3.71 -32.50
C ILE C 78 10.55 4.49 -33.54
N PRO C 79 11.17 4.80 -34.69
CA PRO C 79 10.46 5.40 -35.82
C PRO C 79 9.21 4.62 -36.19
N GLU C 80 8.11 5.33 -36.40
CA GLU C 80 6.79 4.71 -36.52
C GLU C 80 6.61 3.90 -37.81
N GLU C 81 7.33 4.28 -38.86
CA GLU C 81 7.24 3.56 -40.13
C GLU C 81 7.78 2.15 -39.97
N LYS C 82 8.70 1.99 -39.03
CA LYS C 82 9.29 0.70 -38.72
C LYS C 82 8.54 0.03 -37.58
N ASN C 83 7.53 0.74 -37.06
CA ASN C 83 6.79 0.28 -35.89
C ASN C 83 5.42 -0.26 -36.29
N MET C 84 5.16 -0.32 -37.58
CA MET C 84 3.79 -0.56 -37.98
C MET C 84 3.56 -2.06 -38.12
N SER C 85 2.31 -2.45 -37.98
CA SER C 85 1.97 -3.83 -37.97
C SER C 85 2.43 -4.45 -39.26
N ASP C 86 3.48 -5.23 -39.20
CA ASP C 86 4.07 -5.83 -40.38
C ASP C 86 3.66 -7.28 -40.52
N MET C 87 3.20 -7.66 -41.71
CA MET C 87 2.76 -9.02 -41.97
C MET C 87 3.95 -9.96 -42.22
N LYS C 88 5.06 -9.38 -42.66
CA LYS C 88 6.22 -10.14 -43.08
C LYS C 88 6.83 -10.99 -41.96
N CYS C 89 7.09 -10.36 -40.82
CA CYS C 89 7.71 -11.06 -39.70
C CYS C 89 6.83 -12.16 -39.14
N LEU C 90 5.52 -11.92 -39.15
CA LEU C 90 4.56 -12.91 -38.68
C LEU C 90 4.52 -14.13 -39.58
N LEU C 91 4.50 -13.90 -40.89
CA LEU C 91 4.47 -14.99 -41.86
C LEU C 91 5.78 -15.77 -41.85
N THR C 92 6.87 -15.07 -41.54
CA THR C 92 8.16 -15.72 -41.37
C THR C 92 8.10 -16.69 -40.19
N ALA C 93 7.58 -16.19 -39.06
CA ALA C 93 7.44 -17.01 -37.87
C ALA C 93 6.44 -18.15 -38.09
N LEU C 94 5.36 -17.84 -38.81
CA LEU C 94 4.34 -18.84 -39.11
C LEU C 94 4.90 -19.95 -40.01
N THR C 95 5.76 -19.55 -40.96
CA THR C 95 6.40 -20.51 -41.85
C THR C 95 7.24 -21.50 -41.07
N LYS C 96 8.04 -20.98 -40.13
CA LYS C 96 8.90 -21.81 -39.30
C LYS C 96 8.08 -22.80 -38.47
N TYR C 97 6.96 -22.35 -37.94
CA TYR C 97 6.09 -23.20 -37.14
C TYR C 97 5.50 -24.35 -37.95
N GLU C 98 4.93 -24.02 -39.10
CA GLU C 98 4.26 -25.01 -39.94
C GLU C 98 5.23 -26.08 -40.43
N GLN C 99 6.48 -25.68 -40.67
CA GLN C 99 7.51 -26.61 -41.11
C GLN C 99 7.91 -27.59 -40.01
N GLU C 100 8.02 -27.08 -38.78
CA GLU C 100 8.69 -27.80 -37.71
C GLU C 100 7.77 -28.37 -36.63
N HIS C 101 6.55 -27.86 -36.53
CA HIS C 101 5.66 -28.28 -35.46
C HIS C 101 4.25 -28.64 -35.92
N ASN C 102 4.01 -28.56 -37.22
CA ASN C 102 2.70 -28.90 -37.75
C ASN C 102 2.79 -29.95 -38.85
N ASN C 103 3.88 -30.71 -38.84
CA ASN C 103 4.12 -31.78 -39.81
C ASN C 103 4.08 -31.28 -41.25
N GLY C 104 4.56 -30.07 -41.47
CA GLY C 104 4.63 -29.50 -42.81
C GLY C 104 3.29 -29.15 -43.41
N GLU C 105 2.31 -28.84 -42.56
CA GLU C 105 0.99 -28.44 -43.03
C GLU C 105 0.64 -27.03 -42.58
N LYS C 106 -0.26 -26.40 -43.32
CA LYS C 106 -0.71 -25.06 -42.99
C LYS C 106 -1.49 -25.08 -41.69
N VAL C 107 -1.40 -24.00 -40.92
CA VAL C 107 -2.08 -23.92 -39.63
C VAL C 107 -3.59 -24.00 -39.83
N ASN C 108 -4.25 -24.81 -39.01
CA ASN C 108 -5.68 -25.06 -39.16
C ASN C 108 -6.52 -23.90 -38.64
N VAL C 109 -6.48 -22.77 -39.36
CA VAL C 109 -7.30 -21.61 -39.02
C VAL C 109 -7.96 -21.03 -40.27
N ASP C 110 -8.99 -20.21 -40.05
CA ASP C 110 -9.69 -19.55 -41.15
C ASP C 110 -9.13 -18.14 -41.37
N ILE C 111 -8.67 -17.52 -40.29
CA ILE C 111 -8.21 -16.13 -40.33
C ILE C 111 -6.84 -15.97 -39.69
N ILE C 112 -5.96 -15.23 -40.35
CA ILE C 112 -4.64 -14.91 -39.82
C ILE C 112 -4.45 -13.40 -39.74
N THR C 113 -4.31 -12.89 -38.51
CA THR C 113 -4.21 -11.45 -38.31
C THR C 113 -3.56 -11.09 -36.98
N TYR C 114 -3.54 -9.80 -36.67
CA TYR C 114 -2.99 -9.30 -35.42
C TYR C 114 -4.07 -9.08 -34.38
N ARG C 115 -3.72 -9.23 -33.11
CA ARG C 115 -4.66 -9.08 -32.01
C ARG C 115 -5.22 -7.67 -31.93
N GLY C 116 -4.36 -6.67 -32.11
CA GLY C 116 -4.75 -5.28 -32.00
C GLY C 116 -5.82 -4.86 -32.98
N LEU C 117 -5.84 -5.52 -34.14
CA LEU C 117 -6.83 -5.22 -35.17
C LEU C 117 -8.21 -5.74 -34.75
N MET C 118 -8.24 -6.93 -34.18
CA MET C 118 -9.49 -7.53 -33.70
C MET C 118 -10.00 -6.80 -32.48
N THR C 119 -9.08 -6.27 -31.67
CA THR C 119 -9.44 -5.46 -30.51
C THR C 119 -10.21 -4.22 -30.95
N LYS C 120 -9.78 -3.63 -32.06
CA LYS C 120 -10.46 -2.46 -32.63
C LYS C 120 -11.90 -2.80 -33.02
N LEU C 121 -12.09 -3.96 -33.63
CA LEU C 121 -13.41 -4.40 -34.04
C LEU C 121 -14.28 -4.72 -32.82
N LEU C 122 -13.68 -5.35 -31.83
CA LEU C 122 -14.39 -5.75 -30.62
C LEU C 122 -14.84 -4.53 -29.80
N ALA C 123 -14.01 -3.49 -29.77
CA ALA C 123 -14.30 -2.31 -28.96
C ALA C 123 -15.08 -1.24 -29.72
N LEU C 124 -15.32 -1.49 -31.01
CA LEU C 124 -15.99 -0.52 -31.88
C LEU C 124 -17.34 0.02 -31.37
N PRO C 125 -18.24 -0.84 -30.86
CA PRO C 125 -19.57 -0.31 -30.47
C PRO C 125 -19.55 0.78 -29.41
N TYR C 126 -18.47 0.91 -28.66
CA TYR C 126 -18.38 1.93 -27.63
C TYR C 126 -17.22 2.89 -27.93
N ASN C 127 -16.79 2.88 -29.19
CA ASN C 127 -15.78 3.83 -29.67
C ASN C 127 -16.10 4.24 -31.10
N LEU C 128 -17.28 4.82 -31.28
CA LEU C 128 -17.80 5.14 -32.60
C LEU C 128 -17.10 6.33 -33.26
N ASN C 129 -16.15 6.94 -32.55
CA ASN C 129 -15.40 8.06 -33.10
C ASN C 129 -14.12 7.63 -33.80
N ASP C 130 -13.67 6.42 -33.49
CA ASP C 130 -12.40 5.92 -34.02
C ASP C 130 -12.61 5.16 -35.33
N PRO C 131 -11.91 5.60 -36.40
CA PRO C 131 -12.02 4.96 -37.71
C PRO C 131 -11.27 3.63 -37.78
N VAL C 132 -11.80 2.69 -38.55
CA VAL C 132 -11.16 1.39 -38.74
C VAL C 132 -11.02 1.09 -40.22
N ASP C 133 -9.83 0.72 -40.66
CA ASP C 133 -9.59 0.35 -42.05
C ASP C 133 -8.70 -0.89 -42.12
N LEU C 134 -9.23 -1.96 -42.70
CA LEU C 134 -8.52 -3.22 -42.77
C LEU C 134 -8.47 -3.77 -44.20
N ASN C 135 -7.30 -4.24 -44.60
CA ASN C 135 -7.16 -4.96 -45.86
C ASN C 135 -7.33 -6.46 -45.64
N VAL C 136 -8.18 -7.08 -46.44
CA VAL C 136 -8.43 -8.52 -46.32
C VAL C 136 -8.28 -9.20 -47.68
N LEU C 137 -7.50 -10.27 -47.71
CA LEU C 137 -7.36 -11.06 -48.93
C LEU C 137 -7.38 -12.55 -48.62
N ALA C 138 -7.94 -13.32 -49.55
CA ALA C 138 -7.99 -14.77 -49.42
C ALA C 138 -6.80 -15.40 -50.12
N TYR C 139 -6.11 -16.29 -49.41
CA TYR C 139 -4.98 -17.02 -49.98
C TYR C 139 -4.82 -18.37 -49.31
N ASP C 140 -4.69 -19.42 -50.12
CA ASP C 140 -4.54 -20.79 -49.63
C ASP C 140 -5.68 -21.18 -48.71
N GLY C 141 -6.89 -20.76 -49.06
CA GLY C 141 -8.09 -21.09 -48.31
C GLY C 141 -8.20 -20.38 -46.97
N GLN C 142 -7.43 -19.31 -46.80
CA GLN C 142 -7.43 -18.57 -45.54
C GLN C 142 -7.50 -17.06 -45.77
N LEU C 143 -8.08 -16.35 -44.81
CA LEU C 143 -8.16 -14.90 -44.87
C LEU C 143 -7.01 -14.25 -44.11
N PHE C 144 -6.30 -13.34 -44.77
CA PHE C 144 -5.21 -12.61 -44.15
C PHE C 144 -5.63 -11.16 -43.94
N ILE C 145 -5.63 -10.72 -42.69
CA ILE C 145 -6.12 -9.39 -42.35
C ILE C 145 -5.05 -8.51 -41.71
N ASN C 146 -4.84 -7.33 -42.29
CA ASN C 146 -3.89 -6.38 -41.75
C ASN C 146 -4.39 -4.95 -41.93
N SER C 147 -3.85 -4.02 -41.15
CA SER C 147 -4.13 -2.61 -41.37
C SER C 147 -3.44 -2.15 -42.64
N ASP C 148 -3.89 -1.04 -43.22
CA ASP C 148 -3.29 -0.53 -44.45
C ASP C 148 -2.10 0.37 -44.14
N GLU C 149 -0.98 0.17 -44.82
CA GLU C 149 0.25 0.84 -44.42
C GLU C 149 0.17 2.35 -44.74
N GLU C 150 -0.40 2.70 -45.89
CA GLU C 150 -0.53 4.10 -46.26
C GLU C 150 -1.51 4.86 -45.37
N ILE C 151 -2.64 4.23 -45.07
CA ILE C 151 -3.67 4.86 -44.27
C ILE C 151 -3.19 5.12 -42.85
N GLU C 152 -2.51 4.14 -42.26
CA GLU C 152 -2.04 4.27 -40.89
C GLU C 152 -0.99 5.37 -40.74
N LEU C 153 -0.07 5.47 -41.70
CA LEU C 153 0.94 6.53 -41.70
C LEU C 153 0.29 7.91 -41.78
N ALA C 154 -0.60 8.07 -42.74
CA ALA C 154 -1.27 9.35 -42.96
C ALA C 154 -2.16 9.73 -41.79
N ARG C 155 -2.80 8.74 -41.19
CA ARG C 155 -3.69 8.97 -40.06
C ARG C 155 -2.89 9.31 -38.81
N ARG C 156 -1.76 8.65 -38.63
CA ARG C 156 -0.89 8.92 -37.49
C ARG C 156 -0.32 10.33 -37.57
N LYS C 157 -0.05 10.79 -38.78
CA LYS C 157 0.50 12.11 -39.01
C LYS C 157 -0.53 13.20 -38.74
N GLU C 158 -1.70 13.06 -39.36
CA GLU C 158 -2.76 14.06 -39.25
C GLU C 158 -3.29 14.16 -37.83
N GLU C 159 -3.43 13.01 -37.17
CA GLU C 159 -3.85 12.98 -35.77
C GLU C 159 -2.87 13.78 -34.92
N ASP C 160 -1.59 13.61 -35.21
CA ASP C 160 -0.53 14.30 -34.48
C ASP C 160 -0.63 15.82 -34.68
N GLU C 161 -0.87 16.24 -35.92
CA GLU C 161 -0.95 17.67 -36.23
C GLU C 161 -2.17 18.32 -35.58
N HIS C 162 -3.28 17.59 -35.53
CA HIS C 162 -4.50 18.09 -34.90
C HIS C 162 -4.27 18.36 -33.42
N LYS C 163 -3.59 17.43 -32.75
CA LYS C 163 -3.21 17.61 -31.35
C LYS C 163 -2.30 18.83 -31.19
N GLN C 164 -1.39 19.02 -32.13
CA GLN C 164 -0.40 20.08 -32.02
C GLN C 164 -1.01 21.47 -32.17
N GLN C 165 -2.14 21.56 -32.87
CA GLN C 165 -2.77 22.85 -33.12
C GLN C 165 -4.01 23.07 -32.25
N SER C 166 -4.31 22.09 -31.39
CA SER C 166 -5.44 22.19 -30.48
C SER C 166 -4.99 22.23 -29.03
N MET C 167 -3.89 21.56 -28.74
CA MET C 167 -3.36 21.50 -27.38
C MET C 167 -2.38 22.63 -27.10
N THR C 168 -2.20 22.95 -25.82
CA THR C 168 -1.18 23.89 -25.39
C THR C 168 0.19 23.23 -25.62
N PRO C 169 1.26 24.04 -25.77
CA PRO C 169 2.55 23.48 -26.18
C PRO C 169 3.14 22.45 -25.21
N GLU C 170 2.62 22.35 -24.00
CA GLU C 170 3.15 21.39 -23.05
C GLU C 170 2.07 20.48 -22.43
N LYS C 171 0.83 20.65 -22.88
CA LYS C 171 -0.20 19.64 -22.65
C LYS C 171 0.08 18.53 -23.65
N TYR C 172 0.59 18.93 -24.80
CA TYR C 172 1.07 18.02 -25.82
C TYR C 172 2.31 17.29 -25.31
N ASP C 173 3.19 18.01 -24.63
CA ASP C 173 4.36 17.42 -24.02
C ASP C 173 3.97 16.50 -22.86
N HIS C 174 2.92 16.89 -22.15
CA HIS C 174 2.41 16.07 -21.05
C HIS C 174 1.90 14.73 -21.56
N MET C 175 1.22 14.75 -22.70
CA MET C 175 0.67 13.53 -23.30
C MET C 175 1.78 12.58 -23.72
N LYS C 176 2.87 13.12 -24.26
CA LYS C 176 4.02 12.31 -24.63
C LYS C 176 4.63 11.67 -23.40
N ARG C 177 4.63 12.42 -22.29
CA ARG C 177 5.18 11.91 -21.03
C ARG C 177 4.27 10.83 -20.45
N CYS C 178 2.97 10.93 -20.72
CA CYS C 178 2.03 9.89 -20.32
C CYS C 178 2.31 8.59 -21.07
N GLU C 179 2.61 8.73 -22.36
CA GLU C 179 2.93 7.58 -23.20
C GLU C 179 4.24 6.93 -22.74
N PHE C 180 5.17 7.75 -22.27
CA PHE C 180 6.45 7.27 -21.78
C PHE C 180 6.30 6.52 -20.47
N SER C 181 5.37 6.99 -19.63
CA SER C 181 5.16 6.41 -18.31
C SER C 181 4.76 4.94 -18.37
N GLY C 182 4.09 4.56 -19.45
CA GLY C 182 3.68 3.19 -19.64
C GLY C 182 4.86 2.24 -19.78
N TYR C 183 5.82 2.62 -20.62
CA TYR C 183 7.01 1.82 -20.81
C TYR C 183 7.95 1.93 -19.60
N LYS C 184 7.90 3.08 -18.93
CA LYS C 184 8.70 3.29 -17.72
C LYS C 184 8.23 2.37 -16.61
N PHE C 185 6.91 2.20 -16.51
CA PHE C 185 6.31 1.31 -15.52
C PHE C 185 6.71 -0.14 -15.77
N GLU C 186 6.70 -0.53 -17.04
CA GLU C 186 7.13 -1.88 -17.42
C GLU C 186 8.58 -2.12 -17.02
N ALA C 187 9.39 -1.05 -17.07
CA ALA C 187 10.79 -1.14 -16.73
C ALA C 187 11.01 -1.35 -15.23
N ILE C 188 10.32 -0.56 -14.42
CA ILE C 188 10.52 -0.59 -12.97
C ILE C 188 9.76 -1.73 -12.30
N ALA C 189 8.87 -2.38 -13.05
CA ALA C 189 8.03 -3.43 -12.46
C ALA C 189 8.41 -4.82 -12.96
N THR C 190 9.46 -4.91 -13.76
CA THR C 190 9.84 -6.20 -14.34
C THR C 190 11.32 -6.53 -14.21
N LEU C 191 11.64 -7.81 -14.38
CA LEU C 191 13.01 -8.30 -14.35
C LEU C 191 13.30 -9.10 -15.61
N PRO C 192 14.56 -9.12 -16.06
CA PRO C 192 14.93 -9.91 -17.25
C PRO C 192 14.83 -11.41 -17.00
N LYS C 193 14.91 -11.81 -15.73
CA LYS C 193 14.84 -13.22 -15.34
C LYS C 193 14.07 -13.33 -14.02
N PRO C 194 13.69 -14.56 -13.62
CA PRO C 194 13.07 -14.72 -12.30
C PRO C 194 13.94 -14.17 -11.17
N TRP C 195 13.32 -13.69 -10.10
CA TRP C 195 14.01 -13.00 -9.02
C TRP C 195 15.22 -13.77 -8.49
N ALA C 196 15.09 -15.08 -8.38
CA ALA C 196 16.15 -15.92 -7.84
C ALA C 196 17.37 -15.98 -8.76
N ASP C 197 17.17 -15.64 -10.03
CA ASP C 197 18.23 -15.73 -11.02
C ASP C 197 18.74 -14.35 -11.43
N CYS C 198 18.48 -13.34 -10.61
CA CYS C 198 18.82 -11.97 -10.96
C CYS C 198 19.95 -11.40 -10.10
N SER C 199 20.61 -10.38 -10.63
CA SER C 199 21.62 -9.63 -9.89
C SER C 199 20.94 -8.71 -8.89
N ARG C 200 21.70 -8.22 -7.92
CA ARG C 200 21.14 -7.31 -6.94
C ARG C 200 20.94 -5.93 -7.56
N GLN C 201 21.76 -5.61 -8.56
CA GLN C 201 21.63 -4.35 -9.28
C GLN C 201 20.48 -4.40 -10.29
N GLN C 202 20.24 -5.60 -10.82
CA GLN C 202 19.12 -5.81 -11.73
C GLN C 202 17.78 -5.66 -11.01
N ILE C 203 17.83 -5.70 -9.69
CA ILE C 203 16.64 -5.62 -8.85
C ILE C 203 16.48 -4.24 -8.20
N ASP C 204 17.57 -3.75 -7.59
CA ASP C 204 17.50 -2.53 -6.77
C ASP C 204 17.40 -1.25 -7.60
N LYS C 205 18.22 -1.13 -8.62
CA LYS C 205 18.36 0.13 -9.35
C LYS C 205 17.62 0.13 -10.69
N ARG C 206 16.40 -0.38 -10.68
CA ARG C 206 15.62 -0.48 -11.92
C ARG C 206 15.20 0.89 -12.45
N GLY C 207 15.47 1.94 -11.68
CA GLY C 207 15.24 3.31 -12.09
C GLY C 207 16.34 3.84 -13.01
N LYS C 208 17.46 3.11 -13.02
CA LYS C 208 18.62 3.35 -13.88
C LYS C 208 18.43 2.79 -15.28
N LYS C 209 17.54 1.81 -15.37
CA LYS C 209 17.27 1.15 -16.65
C LYS C 209 16.77 2.14 -17.69
N MET C 210 17.30 2.07 -18.92
CA MET C 210 16.85 2.97 -19.97
C MET C 210 15.59 2.43 -20.65
N VAL C 211 14.63 3.32 -20.87
CA VAL C 211 13.31 2.91 -21.34
C VAL C 211 13.20 2.96 -22.87
N ASN C 212 12.56 1.95 -23.45
CA ASN C 212 12.41 1.87 -24.89
C ASN C 212 11.11 1.19 -25.32
N ASN C 213 10.77 1.33 -26.60
CA ASN C 213 9.64 0.61 -27.17
C ASN C 213 10.06 -0.21 -28.38
N TYR C 214 11.35 -0.55 -28.44
CA TYR C 214 11.88 -1.42 -29.47
C TYR C 214 11.61 -2.88 -29.14
N GLU C 215 11.87 -3.25 -27.90
CA GLU C 215 11.71 -4.63 -27.46
C GLU C 215 10.24 -5.04 -27.41
N GLN C 216 9.92 -6.13 -28.10
CA GLN C 216 8.56 -6.65 -28.12
C GLN C 216 8.55 -8.17 -28.08
N TYR C 217 7.78 -8.73 -27.14
CA TYR C 217 7.56 -10.17 -27.09
C TYR C 217 6.20 -10.49 -27.68
N ILE C 218 6.18 -11.18 -28.81
CA ILE C 218 4.93 -11.43 -29.52
C ILE C 218 4.52 -12.90 -29.47
N SER C 219 3.44 -13.17 -28.77
CA SER C 219 2.86 -14.51 -28.73
C SER C 219 1.90 -14.68 -29.90
N VAL C 220 1.87 -15.87 -30.48
CA VAL C 220 0.92 -16.18 -31.53
C VAL C 220 0.03 -17.33 -31.08
N ILE C 221 -1.27 -17.07 -30.99
CA ILE C 221 -2.20 -18.04 -30.42
C ILE C 221 -3.21 -18.56 -31.43
N LYS C 222 -3.67 -19.78 -31.18
CA LYS C 222 -4.76 -20.36 -31.94
C LYS C 222 -6.03 -20.28 -31.14
N THR C 223 -7.03 -19.57 -31.67
CA THR C 223 -8.29 -19.36 -30.97
C THR C 223 -9.43 -19.25 -31.96
N GLY C 224 -10.48 -18.51 -31.60
CA GLY C 224 -11.58 -18.27 -32.52
C GLY C 224 -12.85 -17.83 -31.84
N ILE C 225 -13.93 -17.80 -32.62
CA ILE C 225 -15.25 -17.45 -32.11
C ILE C 225 -16.32 -18.07 -33.01
N GLY C 226 -17.25 -18.80 -32.41
CA GLY C 226 -18.25 -19.51 -33.17
C GLY C 226 -17.62 -20.57 -34.05
N GLU C 227 -17.91 -20.51 -35.34
CA GLU C 227 -17.37 -21.47 -36.29
C GLU C 227 -16.01 -21.04 -36.84
N ALA C 228 -15.55 -19.87 -36.43
CA ALA C 228 -14.34 -19.30 -36.99
C ALA C 228 -13.07 -19.70 -36.22
N LYS C 229 -12.15 -20.33 -36.92
CA LYS C 229 -10.84 -20.64 -36.35
C LYS C 229 -9.86 -19.53 -36.71
N MET C 230 -9.21 -18.96 -35.70
CA MET C 230 -8.40 -17.76 -35.91
C MET C 230 -7.00 -17.84 -35.33
N LEU C 231 -6.06 -17.18 -36.01
CA LEU C 231 -4.70 -17.04 -35.53
C LEU C 231 -4.43 -15.59 -35.17
N LEU C 232 -4.09 -15.34 -33.91
CA LEU C 232 -3.82 -13.97 -33.44
C LEU C 232 -2.39 -13.81 -32.95
N ALA C 233 -1.72 -12.78 -33.47
CA ALA C 233 -0.40 -12.41 -32.97
C ALA C 233 -0.52 -11.15 -32.12
N GLY C 234 -0.06 -11.22 -30.87
CA GLY C 234 -0.19 -10.11 -29.96
C GLY C 234 0.97 -9.94 -29.00
N GLU C 235 1.33 -8.69 -28.74
CA GLU C 235 2.41 -8.36 -27.82
C GLU C 235 2.05 -8.72 -26.39
N VAL C 236 3.01 -9.32 -25.67
CA VAL C 236 2.81 -9.68 -24.27
C VAL C 236 3.85 -8.96 -23.40
N ASP C 237 3.38 -8.30 -22.34
CA ASP C 237 4.24 -7.47 -21.52
C ASP C 237 5.24 -8.27 -20.68
N CYS C 238 4.75 -9.25 -19.93
CA CYS C 238 5.63 -10.02 -19.06
C CYS C 238 5.00 -11.34 -18.60
N VAL C 239 5.79 -12.12 -17.87
CA VAL C 239 5.31 -13.35 -17.26
C VAL C 239 5.00 -13.10 -15.78
N TRP C 240 3.84 -13.58 -15.34
CA TRP C 240 3.38 -13.38 -13.97
C TRP C 240 4.20 -14.16 -12.95
N ASP C 241 4.55 -15.40 -13.28
CA ASP C 241 5.37 -16.21 -12.39
C ASP C 241 6.48 -16.96 -13.14
N TYR C 242 6.09 -17.92 -13.97
CA TYR C 242 7.07 -18.75 -14.68
C TYR C 242 6.51 -19.30 -15.98
N ILE C 243 7.40 -19.71 -16.86
CA ILE C 243 7.01 -20.47 -18.06
C ILE C 243 7.32 -21.94 -17.84
N PRO C 244 6.27 -22.78 -17.85
CA PRO C 244 6.42 -24.22 -17.58
C PRO C 244 7.26 -24.93 -18.63
N LYS C 248 3.31 -25.75 -22.02
CA LYS C 248 1.89 -26.11 -22.01
C LYS C 248 1.10 -25.16 -21.10
N ASP C 249 -0.03 -24.68 -21.60
CA ASP C 249 -0.89 -23.74 -20.89
C ASP C 249 -0.09 -22.49 -20.50
N VAL C 250 0.78 -22.05 -21.41
CA VAL C 250 1.68 -20.95 -21.15
C VAL C 250 0.94 -19.61 -21.08
N LEU C 251 -0.18 -19.51 -21.79
CA LEU C 251 -0.95 -18.27 -21.84
C LEU C 251 -1.44 -17.83 -20.45
N SER C 252 -1.73 -18.80 -19.59
CA SER C 252 -2.26 -18.52 -18.27
C SER C 252 -1.20 -17.90 -17.36
N HIS C 253 0.04 -17.81 -17.84
CA HIS C 253 1.13 -17.27 -17.05
C HIS C 253 1.53 -15.87 -17.50
N TYR C 254 0.96 -15.42 -18.63
CA TYR C 254 1.23 -14.08 -19.14
C TYR C 254 0.44 -13.03 -18.38
N MET C 255 0.85 -11.78 -18.54
CA MET C 255 0.16 -10.66 -17.88
C MET C 255 0.40 -9.35 -18.62
N GLU C 256 -0.59 -8.48 -18.58
CA GLU C 256 -0.48 -7.15 -19.19
C GLU C 256 -0.16 -6.09 -18.15
N LEU C 257 0.59 -5.07 -18.55
CA LEU C 257 0.95 -3.98 -17.66
C LEU C 257 0.56 -2.64 -18.26
N LYS C 258 -0.27 -1.89 -17.54
CA LYS C 258 -0.74 -0.60 -18.03
C LYS C 258 -0.68 0.49 -16.97
N THR C 259 -0.74 1.74 -17.41
CA THR C 259 -0.73 2.89 -16.52
C THR C 259 -1.88 3.84 -16.82
N THR C 260 -2.30 4.56 -15.79
CA THR C 260 -3.32 5.60 -15.95
C THR C 260 -3.27 6.55 -14.76
N ARG C 261 -3.95 7.68 -14.86
CA ARG C 261 -3.97 8.66 -13.80
C ARG C 261 -4.86 8.20 -12.65
N ILE C 262 -4.51 8.60 -11.43
CA ILE C 262 -5.31 8.29 -10.25
C ILE C 262 -6.74 8.80 -10.43
N LEU C 263 -7.70 8.06 -9.89
CA LEU C 263 -9.11 8.36 -10.07
C LEU C 263 -9.61 9.33 -9.01
N GLU C 264 -9.37 10.62 -9.21
CA GLU C 264 -9.73 11.63 -8.22
C GLU C 264 -10.92 12.50 -8.66
N SER C 265 -11.58 12.10 -9.75
CA SER C 265 -12.78 12.79 -10.20
C SER C 265 -13.70 11.83 -10.95
N ASN C 266 -14.98 12.19 -11.05
CA ASN C 266 -15.95 11.37 -11.76
C ASN C 266 -15.60 11.22 -13.24
N GLY C 267 -15.07 12.29 -13.83
CA GLY C 267 -14.69 12.28 -15.22
C GLY C 267 -13.54 11.34 -15.52
N GLN C 268 -12.62 11.22 -14.56
CA GLN C 268 -11.49 10.32 -14.71
C GLN C 268 -11.92 8.88 -14.51
N VAL C 269 -12.96 8.67 -13.71
CA VAL C 269 -13.55 7.35 -13.52
C VAL C 269 -14.21 6.92 -14.81
N VAL C 270 -14.90 7.86 -15.46
CA VAL C 270 -15.49 7.63 -16.78
C VAL C 270 -14.40 7.28 -17.79
N ASN C 271 -13.31 8.04 -17.76
CA ASN C 271 -12.16 7.78 -18.61
C ASN C 271 -11.59 6.38 -18.37
N PHE C 272 -11.48 6.00 -17.11
CA PHE C 272 -10.87 4.72 -16.75
C PHE C 272 -11.73 3.53 -17.16
N GLU C 273 -13.04 3.70 -17.11
CA GLU C 273 -13.96 2.63 -17.51
C GLU C 273 -13.78 2.30 -18.99
N LYS C 274 -13.59 3.34 -19.81
CA LYS C 274 -13.36 3.15 -21.23
C LYS C 274 -12.02 2.47 -21.48
N LYS C 275 -11.01 2.86 -20.72
CA LYS C 275 -9.68 2.25 -20.81
C LYS C 275 -9.73 0.80 -20.37
N LEU C 276 -10.50 0.53 -19.31
CA LEU C 276 -10.61 -0.81 -18.75
C LEU C 276 -11.31 -1.76 -19.72
N PHE C 277 -12.31 -1.23 -20.44
CA PHE C 277 -13.03 -2.02 -21.43
C PHE C 277 -12.11 -2.43 -22.58
N LYS C 278 -11.30 -1.50 -23.05
CA LYS C 278 -10.34 -1.79 -24.13
C LYS C 278 -9.30 -2.80 -23.67
N THR C 279 -8.87 -2.66 -22.42
CA THR C 279 -7.89 -3.57 -21.84
C THR C 279 -8.46 -4.99 -21.75
N TRP C 280 -9.72 -5.09 -21.32
CA TRP C 280 -10.40 -6.38 -21.29
C TRP C 280 -10.45 -6.98 -22.68
N ALA C 281 -10.85 -6.17 -23.67
CA ALA C 281 -10.94 -6.62 -25.05
C ALA C 281 -9.61 -7.17 -25.54
N GLN C 282 -8.54 -6.45 -25.23
CA GLN C 282 -7.19 -6.85 -25.60
C GLN C 282 -6.79 -8.19 -24.97
N CYS C 283 -7.04 -8.32 -23.68
CA CYS C 283 -6.62 -9.52 -22.95
C CYS C 283 -7.54 -10.70 -23.19
N PHE C 284 -8.83 -10.44 -23.36
CA PHE C 284 -9.81 -11.50 -23.59
C PHE C 284 -9.52 -12.24 -24.90
N LEU C 285 -9.21 -11.48 -25.95
CA LEU C 285 -8.93 -12.07 -27.25
C LEU C 285 -7.64 -12.86 -27.25
N MET C 286 -6.72 -12.49 -26.36
CA MET C 286 -5.39 -13.08 -26.34
C MET C 286 -5.28 -14.25 -25.35
N GLY C 287 -6.23 -14.33 -24.44
CA GLY C 287 -6.19 -15.38 -23.42
C GLY C 287 -5.38 -14.96 -22.21
N ILE C 288 -5.06 -13.67 -22.14
CA ILE C 288 -4.36 -13.12 -20.99
C ILE C 288 -5.31 -13.01 -19.81
N ARG C 289 -4.94 -13.56 -18.67
CA ARG C 289 -5.86 -13.67 -17.54
C ARG C 289 -5.63 -12.61 -16.46
N LYS C 290 -4.52 -11.88 -16.55
CA LYS C 290 -4.19 -10.89 -15.53
C LYS C 290 -3.76 -9.55 -16.12
N VAL C 291 -4.26 -8.47 -15.51
CA VAL C 291 -3.82 -7.11 -15.85
C VAL C 291 -3.44 -6.34 -14.60
N VAL C 292 -2.27 -5.70 -14.63
CA VAL C 292 -1.87 -4.84 -13.53
C VAL C 292 -1.89 -3.37 -13.97
N TYR C 293 -2.67 -2.56 -13.27
CA TYR C 293 -2.72 -1.13 -13.53
C TYR C 293 -1.91 -0.36 -12.50
N GLY C 294 -1.03 0.52 -12.99
CA GLY C 294 -0.29 1.42 -12.13
C GLY C 294 -0.89 2.81 -12.20
N PHE C 295 -1.30 3.32 -11.04
CA PHE C 295 -1.96 4.62 -10.98
C PHE C 295 -0.98 5.73 -10.58
N ARG C 296 -0.90 6.75 -11.42
CA ARG C 296 0.04 7.85 -11.22
C ARG C 296 -0.68 9.14 -10.87
N ASP C 297 -0.01 10.02 -10.12
CA ASP C 297 -0.57 11.34 -9.84
C ASP C 297 -0.20 12.31 -10.96
N ASP C 298 -0.46 13.60 -10.74
CA ASP C 298 -0.16 14.63 -11.72
C ASP C 298 1.33 14.78 -11.97
N SER C 299 2.14 14.39 -10.99
CA SER C 299 3.59 14.47 -11.11
C SER C 299 4.20 13.11 -11.46
N PHE C 300 3.38 12.23 -12.02
CA PHE C 300 3.82 10.92 -12.50
C PHE C 300 4.45 10.04 -11.43
N PHE C 301 4.01 10.18 -10.18
CA PHE C 301 4.47 9.30 -9.12
C PHE C 301 3.54 8.11 -8.94
N LEU C 302 4.12 6.92 -8.90
CA LEU C 302 3.34 5.69 -8.74
C LEU C 302 2.72 5.62 -7.35
N ARG C 303 1.41 5.82 -7.28
CA ARG C 303 0.71 5.93 -6.01
C ARG C 303 0.01 4.63 -5.61
N ASP C 304 -0.51 3.91 -6.60
CA ASP C 304 -1.27 2.70 -6.33
C ASP C 304 -1.14 1.68 -7.46
N VAL C 305 -1.28 0.41 -7.10
CA VAL C 305 -1.23 -0.68 -8.08
C VAL C 305 -2.40 -1.62 -7.85
N GLU C 306 -3.15 -1.91 -8.92
CA GLU C 306 -4.30 -2.80 -8.82
C GLU C 306 -4.19 -3.95 -9.81
N LEU C 307 -4.50 -5.15 -9.34
CA LEU C 307 -4.51 -6.34 -10.19
C LEU C 307 -5.95 -6.70 -10.57
N TYR C 308 -6.18 -6.93 -11.85
CA TYR C 308 -7.48 -7.35 -12.34
C TYR C 308 -7.41 -8.73 -12.97
N LYS C 309 -8.35 -9.59 -12.60
CA LYS C 309 -8.57 -10.81 -13.35
C LYS C 309 -9.40 -10.44 -14.57
N THR C 310 -8.96 -10.85 -15.75
CA THR C 310 -9.65 -10.48 -16.99
C THR C 310 -11.11 -10.91 -16.96
N GLU C 311 -11.37 -12.05 -16.33
CA GLU C 311 -12.71 -12.60 -16.24
C GLU C 311 -13.68 -11.74 -15.43
N GLU C 312 -13.16 -10.94 -14.51
CA GLU C 312 -14.01 -10.20 -13.58
C GLU C 312 -14.25 -8.75 -14.02
N ILE C 313 -13.59 -8.34 -15.11
CA ILE C 313 -13.75 -6.99 -15.63
C ILE C 313 -15.17 -6.69 -16.18
N PRO C 314 -15.77 -7.62 -16.95
CA PRO C 314 -17.12 -7.32 -17.44
C PRO C 314 -18.14 -7.01 -16.35
N LEU C 315 -18.11 -7.74 -15.24
CA LEU C 315 -19.05 -7.51 -14.14
C LEU C 315 -18.71 -6.20 -13.43
N LEU C 316 -17.43 -5.86 -13.38
CA LEU C 316 -17.00 -4.59 -12.79
C LEU C 316 -17.60 -3.41 -13.54
N ILE C 317 -17.52 -3.47 -14.87
CA ILE C 317 -18.02 -2.39 -15.72
C ILE C 317 -19.54 -2.31 -15.67
N LYS C 318 -20.19 -3.47 -15.66
CA LYS C 318 -21.65 -3.53 -15.64
C LYS C 318 -22.22 -2.95 -14.34
N ASN C 319 -21.55 -3.22 -13.23
CA ASN C 319 -22.03 -2.77 -11.92
C ASN C 319 -21.61 -1.34 -11.58
N ASN C 320 -20.90 -0.69 -12.50
CA ASN C 320 -20.50 0.70 -12.30
C ASN C 320 -21.39 1.65 -13.09
N LYS C 330 -24.57 2.38 -22.24
CA LYS C 330 -23.47 2.05 -21.34
C LYS C 330 -22.71 0.82 -21.84
N ILE C 331 -21.43 0.75 -21.49
CA ILE C 331 -20.55 -0.31 -21.96
C ILE C 331 -20.97 -1.69 -21.47
N ASN C 332 -21.10 -2.63 -22.40
CA ASN C 332 -21.42 -4.01 -22.07
C ASN C 332 -20.53 -4.97 -22.86
N CYS C 333 -19.71 -5.73 -22.15
CA CYS C 333 -18.72 -6.59 -22.80
C CYS C 333 -19.35 -7.71 -23.62
N THR C 334 -20.48 -8.24 -23.13
CA THR C 334 -21.18 -9.29 -23.84
C THR C 334 -21.76 -8.79 -25.15
N THR C 335 -22.30 -7.57 -25.12
CA THR C 335 -22.82 -6.93 -26.32
C THR C 335 -21.72 -6.75 -27.37
N ALA C 336 -20.56 -6.27 -26.92
CA ALA C 336 -19.42 -6.07 -27.81
C ALA C 336 -18.97 -7.38 -28.43
N LEU C 337 -19.02 -8.46 -27.64
CA LEU C 337 -18.60 -9.77 -28.10
C LEU C 337 -19.54 -10.32 -29.16
N LYS C 338 -20.82 -10.02 -29.02
CA LYS C 338 -21.83 -10.45 -29.99
C LYS C 338 -21.67 -9.71 -31.31
N TRP C 339 -21.29 -8.44 -31.22
CA TRP C 339 -20.99 -7.66 -32.41
C TRP C 339 -19.75 -8.20 -33.12
N TYR C 340 -18.72 -8.49 -32.34
CA TYR C 340 -17.46 -9.02 -32.87
C TYR C 340 -17.70 -10.33 -33.62
N GLY C 341 -18.50 -11.21 -33.03
CA GLY C 341 -18.83 -12.48 -33.66
C GLY C 341 -19.58 -12.28 -34.96
N ALA C 342 -20.44 -11.27 -34.99
CA ALA C 342 -21.21 -10.94 -36.19
C ALA C 342 -20.29 -10.48 -37.31
N VAL C 343 -19.30 -9.67 -36.96
CA VAL C 343 -18.34 -9.17 -37.94
C VAL C 343 -17.53 -10.31 -38.57
N ILE C 344 -16.98 -11.16 -37.71
CA ILE C 344 -16.17 -12.29 -38.16
C ILE C 344 -16.97 -13.22 -39.06
N GLU C 345 -18.20 -13.50 -38.66
CA GLU C 345 -19.09 -14.34 -39.47
C GLU C 345 -19.37 -13.66 -40.81
N TRP C 346 -19.60 -12.36 -40.77
CA TRP C 346 -19.90 -11.60 -41.98
C TRP C 346 -18.73 -11.62 -42.96
N LEU C 347 -17.51 -11.50 -42.43
CA LEU C 347 -16.32 -11.51 -43.28
C LEU C 347 -16.12 -12.86 -43.96
N LEU C 348 -16.34 -13.95 -43.21
CA LEU C 348 -16.16 -15.29 -43.74
C LEU C 348 -17.24 -15.66 -44.75
N GLN C 349 -18.40 -15.02 -44.65
CA GLN C 349 -19.51 -15.30 -45.55
C GLN C 349 -19.43 -14.47 -46.83
N GLU C 350 -18.92 -13.25 -46.71
CA GLU C 350 -18.95 -12.31 -47.83
C GLU C 350 -17.70 -12.36 -48.71
N ILE C 351 -16.59 -12.84 -48.14
CA ILE C 351 -15.35 -12.92 -48.89
C ILE C 351 -15.07 -14.34 -49.35
N PRO C 352 -15.19 -14.59 -50.67
CA PRO C 352 -14.94 -15.90 -51.27
C PRO C 352 -13.59 -16.47 -50.88
N ARG C 353 -13.60 -17.58 -50.16
CA ARG C 353 -12.39 -18.15 -49.58
C ARG C 353 -11.41 -18.66 -50.63
N ASP C 354 -11.94 -19.07 -51.78
CA ASP C 354 -11.14 -19.73 -52.81
C ASP C 354 -10.86 -18.83 -54.00
N ASP C 355 -11.27 -17.56 -53.91
CA ASP C 355 -10.99 -16.59 -54.96
C ASP C 355 -9.77 -15.76 -54.61
N THR C 356 -8.66 -16.01 -55.30
CA THR C 356 -7.39 -15.36 -54.99
C THR C 356 -7.07 -14.23 -55.96
N SER C 357 -8.06 -13.80 -56.73
CA SER C 357 -7.85 -12.78 -57.74
C SER C 357 -8.18 -11.37 -57.23
N LYS C 358 -8.73 -11.29 -56.02
CA LYS C 358 -9.20 -10.02 -55.47
C LYS C 358 -8.66 -9.74 -54.07
N ALA C 359 -8.66 -8.45 -53.71
CA ALA C 359 -8.38 -8.03 -52.34
C ALA C 359 -9.53 -7.14 -51.88
N TYR C 360 -9.73 -7.06 -50.56
CA TYR C 360 -10.88 -6.32 -50.04
C TYR C 360 -10.51 -5.32 -48.94
N ARG C 361 -11.35 -4.29 -48.81
CA ARG C 361 -11.18 -3.29 -47.78
C ARG C 361 -12.38 -3.26 -46.85
N VAL C 362 -12.14 -3.55 -45.57
CA VAL C 362 -13.17 -3.43 -44.56
C VAL C 362 -12.98 -2.11 -43.82
N SER C 363 -14.05 -1.31 -43.75
CA SER C 363 -13.91 0.04 -43.22
C SER C 363 -15.09 0.48 -42.35
N PHE C 364 -14.77 1.06 -41.20
CA PHE C 364 -15.77 1.77 -40.40
C PHE C 364 -15.52 3.27 -40.47
N ASP C 365 -16.49 4.00 -40.99
CA ASP C 365 -16.39 5.45 -41.11
C ASP C 365 -17.18 6.12 -40.01
N PRO C 366 -16.48 6.76 -39.05
CA PRO C 366 -17.11 7.40 -37.89
C PRO C 366 -18.04 8.55 -38.27
N SER C 367 -17.76 9.23 -39.39
CA SER C 367 -18.57 10.36 -39.81
C SER C 367 -19.96 9.92 -40.25
N THR C 368 -20.05 8.76 -40.89
CA THR C 368 -21.32 8.22 -41.36
C THR C 368 -21.80 7.08 -40.49
N ARG C 369 -20.91 6.61 -39.61
CA ARG C 369 -21.17 5.48 -38.72
C ARG C 369 -21.68 4.26 -39.49
N THR C 370 -20.94 3.89 -40.53
CA THR C 370 -21.27 2.72 -41.33
C THR C 370 -20.10 1.74 -41.37
N PHE C 371 -20.42 0.45 -41.43
CA PHE C 371 -19.42 -0.60 -41.51
C PHE C 371 -19.53 -1.29 -42.87
N THR C 372 -18.54 -1.08 -43.73
CA THR C 372 -18.65 -1.51 -45.12
C THR C 372 -17.53 -2.44 -45.58
N LEU C 373 -17.82 -3.16 -46.68
CA LEU C 373 -16.85 -4.02 -47.35
C LEU C 373 -16.86 -3.73 -48.84
N ARG C 374 -15.68 -3.55 -49.42
CA ARG C 374 -15.59 -3.27 -50.85
C ARG C 374 -14.33 -3.89 -51.46
N GLU C 375 -14.31 -3.98 -52.78
CA GLU C 375 -13.16 -4.52 -53.50
C GLU C 375 -12.13 -3.43 -53.75
N LEU C 376 -10.86 -3.78 -53.58
CA LEU C 376 -9.76 -2.86 -53.85
C LEU C 376 -9.37 -2.88 -55.32
N MET C 377 -8.60 -1.88 -55.75
CA MET C 377 -8.11 -1.84 -57.12
C MET C 377 -7.22 -3.05 -57.40
N GLY C 378 -7.14 -3.44 -58.67
CA GLY C 378 -6.33 -4.57 -59.07
C GLY C 378 -4.86 -4.40 -58.71
N ASN C 379 -4.37 -3.17 -58.80
CA ASN C 379 -2.98 -2.89 -58.49
C ASN C 379 -2.73 -2.84 -56.98
N GLU C 380 -3.78 -2.58 -56.23
CA GLU C 380 -3.70 -2.63 -54.76
C GLU C 380 -3.65 -4.09 -54.32
N ASN C 381 -4.45 -4.92 -54.98
CA ASN C 381 -4.42 -6.36 -54.75
C ASN C 381 -3.05 -6.95 -55.08
N SER C 382 -2.46 -6.47 -56.16
CA SER C 382 -1.14 -6.92 -56.59
C SER C 382 -0.07 -6.58 -55.56
N ARG C 383 -0.12 -5.37 -55.03
CA ARG C 383 0.87 -4.91 -54.06
C ARG C 383 0.80 -5.70 -52.76
N LEU C 384 -0.41 -6.04 -52.34
CA LEU C 384 -0.62 -6.79 -51.11
C LEU C 384 -0.11 -8.22 -51.24
N ARG C 385 -0.41 -8.86 -52.37
CA ARG C 385 -0.04 -10.26 -52.57
C ARG C 385 1.42 -10.43 -52.95
N ASN C 386 2.11 -9.31 -53.19
CA ASN C 386 3.51 -9.36 -53.58
C ASN C 386 4.39 -8.42 -52.75
N GLY C 387 4.19 -8.41 -51.45
CA GLY C 387 5.02 -7.60 -50.57
C GLY C 387 4.40 -7.20 -49.24
N GLU C 388 3.46 -6.26 -49.27
CA GLU C 388 2.94 -5.65 -48.06
C GLU C 388 2.19 -6.63 -47.15
N MET C 389 1.52 -7.60 -47.75
CA MET C 389 0.81 -8.61 -46.98
C MET C 389 1.49 -9.96 -47.13
N LEU C 390 1.32 -10.58 -48.29
CA LEU C 390 1.96 -11.86 -48.57
C LEU C 390 3.41 -11.67 -48.99
N THR C 391 4.27 -12.61 -48.62
CA THR C 391 5.67 -12.59 -49.03
C THR C 391 5.95 -13.79 -49.94
N SER C 392 6.98 -13.66 -50.77
CA SER C 392 7.34 -14.73 -51.69
C SER C 392 7.78 -15.99 -50.95
N GLU C 393 8.53 -15.79 -49.88
CA GLU C 393 9.02 -16.89 -49.04
C GLU C 393 7.86 -17.69 -48.47
N PHE C 394 6.84 -16.98 -48.00
CA PHE C 394 5.65 -17.62 -47.44
C PHE C 394 4.84 -18.32 -48.52
N LYS C 395 4.67 -17.65 -49.66
CA LYS C 395 3.91 -18.21 -50.77
C LYS C 395 4.58 -19.46 -51.32
N GLN C 396 5.89 -19.42 -51.49
CA GLN C 396 6.64 -20.56 -51.99
C GLN C 396 6.49 -21.76 -51.06
N TRP C 397 6.54 -21.50 -49.76
CA TRP C 397 6.37 -22.56 -48.76
C TRP C 397 4.98 -23.20 -48.87
N ARG C 398 3.96 -22.36 -48.93
CA ARG C 398 2.58 -22.84 -49.02
C ARG C 398 2.32 -23.59 -50.32
N GLU C 399 3.01 -23.18 -51.38
CA GLU C 399 2.87 -23.84 -52.68
C GLU C 399 3.40 -25.28 -52.64
N SER C 400 4.46 -25.50 -51.87
CA SER C 400 5.10 -26.79 -51.80
C SER C 400 4.28 -27.81 -51.00
N ILE C 401 3.37 -27.31 -50.17
CA ILE C 401 2.54 -28.18 -49.35
C ILE C 401 1.56 -29.00 -50.20
N MET D 9 16.34 26.80 -21.95
CA MET D 9 16.67 26.75 -20.54
C MET D 9 15.92 25.62 -19.83
N LYS D 10 16.67 24.69 -19.27
CA LYS D 10 16.09 23.54 -18.57
C LYS D 10 15.79 23.88 -17.12
N THR D 11 14.74 23.28 -16.57
CA THR D 11 14.29 23.60 -15.22
C THR D 11 14.18 22.35 -14.34
N LEU D 12 14.69 22.47 -13.12
CA LEU D 12 14.50 21.43 -12.11
C LEU D 12 13.47 21.91 -11.08
N SER D 13 12.42 21.11 -10.89
CA SER D 13 11.38 21.45 -9.92
C SER D 13 11.95 21.49 -8.51
N LEU D 14 11.50 22.46 -7.72
CA LEU D 14 11.97 22.60 -6.34
C LEU D 14 11.45 21.47 -5.45
N GLN D 15 10.47 20.74 -5.95
CA GLN D 15 9.89 19.63 -5.21
C GLN D 15 10.60 18.32 -5.53
N SER D 16 11.67 18.41 -6.30
CA SER D 16 12.44 17.23 -6.68
C SER D 16 13.16 16.62 -5.48
N ARG D 17 12.98 15.32 -5.29
CA ARG D 17 13.60 14.62 -4.17
C ARG D 17 14.23 13.31 -4.64
N ALA D 18 15.48 13.07 -4.22
CA ALA D 18 16.12 11.78 -4.43
C ALA D 18 16.00 10.94 -3.16
N LYS D 19 16.14 9.64 -3.30
CA LYS D 19 16.06 8.74 -2.15
C LYS D 19 17.43 8.56 -1.48
N LYS D 24 28.57 7.36 2.47
CA LYS D 24 29.19 8.45 1.71
C LYS D 24 30.39 8.98 2.49
N GLN D 25 31.10 8.05 3.10
CA GLN D 25 32.12 8.35 4.10
C GLN D 25 33.26 9.22 3.53
N PRO D 26 33.31 10.51 3.95
CA PRO D 26 34.36 11.42 3.46
C PRO D 26 35.70 11.19 4.14
N LYS D 27 36.78 11.46 3.42
CA LYS D 27 38.10 11.47 4.00
C LYS D 27 38.96 12.50 3.28
N GLU D 28 39.82 13.16 4.03
CA GLU D 28 40.74 14.12 3.44
C GLU D 28 41.80 13.40 2.64
N ILE D 29 42.12 13.91 1.45
CA ILE D 29 43.18 13.34 0.64
C ILE D 29 44.35 14.31 0.49
N PHE D 30 44.06 15.61 0.62
CA PHE D 30 45.12 16.62 0.72
C PHE D 30 44.59 17.94 1.25
N ALA D 31 45.49 18.86 1.53
CA ALA D 31 45.13 20.18 2.04
C ALA D 31 46.07 21.24 1.50
N PHE D 32 45.63 22.49 1.54
CA PHE D 32 46.48 23.62 1.22
C PHE D 32 46.03 24.83 2.04
N ALA D 33 46.85 25.87 2.05
CA ALA D 33 46.55 27.01 2.91
C ALA D 33 46.93 28.35 2.28
N ARG D 34 46.32 29.41 2.80
CA ARG D 34 46.69 30.78 2.45
C ARG D 34 47.32 31.43 3.67
N ASP D 35 48.50 32.03 3.50
CA ASP D 35 49.19 32.62 4.63
C ASP D 35 48.69 34.03 4.93
N ILE D 36 49.35 34.70 5.87
CA ILE D 36 48.91 36.01 6.33
C ILE D 36 49.14 37.10 5.28
N ASP D 37 49.91 36.76 4.24
CA ASP D 37 50.19 37.72 3.17
C ASP D 37 49.38 37.44 1.90
N GLY D 38 48.56 36.38 1.95
CA GLY D 38 47.72 36.04 0.82
C GLY D 38 48.35 35.03 -0.12
N GLU D 39 49.58 34.61 0.20
CA GLU D 39 50.26 33.61 -0.60
C GLU D 39 49.79 32.21 -0.21
N PHE D 40 49.74 31.31 -1.19
CA PHE D 40 49.25 29.96 -0.95
C PHE D 40 50.37 28.97 -0.64
N VAL D 41 50.11 28.07 0.29
CA VAL D 41 51.07 27.05 0.69
C VAL D 41 50.56 25.66 0.31
N TYR D 42 51.38 24.87 -0.37
CA TYR D 42 50.92 23.62 -0.94
C TYR D 42 51.62 22.37 -0.38
N ASP D 43 52.79 22.54 0.22
CA ASP D 43 53.51 21.41 0.80
C ASP D 43 52.74 20.85 1.99
N GLN D 44 52.46 19.54 1.95
CA GLN D 44 51.59 18.92 2.94
C GLN D 44 52.15 18.99 4.37
N LYS D 45 53.45 18.84 4.51
CA LYS D 45 54.07 18.86 5.83
C LYS D 45 54.02 20.26 6.43
N ILE D 46 54.41 21.26 5.63
CA ILE D 46 54.42 22.64 6.07
C ILE D 46 53.01 23.11 6.47
N VAL D 47 52.03 22.82 5.62
CA VAL D 47 50.65 23.20 5.89
C VAL D 47 50.16 22.61 7.21
N LYS D 48 50.45 21.34 7.46
CA LYS D 48 50.04 20.68 8.68
C LYS D 48 50.83 21.15 9.90
N ASP D 49 52.04 21.64 9.67
CA ASP D 49 52.93 22.00 10.78
C ASP D 49 52.79 23.44 11.27
N GLU D 50 52.31 24.34 10.43
CA GLU D 50 52.23 25.75 10.84
C GLU D 50 51.03 26.52 10.31
N ASN D 51 50.12 25.84 9.61
CA ASN D 51 48.91 26.51 9.13
C ASN D 51 47.64 25.95 9.75
N VAL D 52 47.80 25.18 10.82
CA VAL D 52 46.69 24.58 11.55
C VAL D 52 46.53 25.23 12.91
N SER D 53 45.30 25.56 13.29
CA SER D 53 45.02 26.09 14.63
C SER D 53 44.46 25.00 15.53
N TYR D 54 44.65 25.16 16.83
CA TYR D 54 44.20 24.17 17.81
C TYR D 54 43.26 24.78 18.85
N TYR D 55 42.13 24.13 19.07
CA TYR D 55 41.13 24.63 20.01
C TYR D 55 41.63 24.58 21.45
N TYR D 56 41.53 25.71 22.13
CA TYR D 56 41.85 25.79 23.55
C TYR D 56 41.13 26.98 24.19
N LEU D 57 40.11 26.67 24.98
CA LEU D 57 39.34 27.71 25.66
C LEU D 57 38.74 27.16 26.94
N PRO D 58 39.49 27.28 28.05
CA PRO D 58 39.06 26.78 29.37
C PRO D 58 37.71 27.33 29.79
N ASP D 59 36.89 26.48 30.40
CA ASP D 59 35.54 26.86 30.82
C ASP D 59 35.55 28.06 31.77
N SER D 60 36.59 28.17 32.57
CA SER D 60 36.68 29.23 33.57
C SER D 60 36.92 30.60 32.94
N LYS D 61 37.32 30.62 31.66
CA LYS D 61 37.57 31.86 30.96
C LYS D 61 36.27 32.50 30.47
N ILE D 62 35.20 31.71 30.45
CA ILE D 62 33.91 32.20 30.00
C ILE D 62 33.13 32.83 31.15
N ASP D 63 33.60 33.99 31.60
CA ASP D 63 32.97 34.69 32.72
C ASP D 63 32.42 36.04 32.28
N GLY D 64 32.40 36.29 30.97
CA GLY D 64 31.87 37.52 30.43
C GLY D 64 32.89 38.64 30.35
N SER D 65 34.16 38.29 30.50
CA SER D 65 35.23 39.28 30.50
C SER D 65 35.91 39.39 29.14
N ILE D 66 35.75 38.38 28.30
CA ILE D 66 36.40 38.38 26.98
C ILE D 66 35.63 39.28 26.01
N ASP D 67 36.32 40.32 25.54
CA ASP D 67 35.71 41.31 24.64
C ASP D 67 35.99 40.97 23.17
N LEU D 68 34.94 40.58 22.45
CA LEU D 68 35.09 40.11 21.08
C LEU D 68 35.10 41.23 20.04
N GLN D 69 35.09 42.49 20.50
CA GLN D 69 35.19 43.61 19.58
C GLN D 69 36.52 44.34 19.79
N ALA D 70 37.28 43.89 20.77
CA ALA D 70 38.59 44.47 21.05
C ALA D 70 39.56 44.24 19.90
N GLY D 71 40.20 45.30 19.44
CA GLY D 71 41.17 45.21 18.35
C GLY D 71 40.53 45.28 16.98
N TYR D 72 39.29 45.75 16.93
CA TYR D 72 38.54 45.85 15.68
C TYR D 72 39.24 46.77 14.67
N ALA D 73 39.98 47.75 15.18
CA ALA D 73 40.63 48.74 14.34
C ALA D 73 41.73 48.14 13.47
N LYS D 74 42.63 47.40 14.11
CA LYS D 74 43.78 46.82 13.41
C LYS D 74 43.43 45.48 12.77
N PHE D 75 42.16 45.30 12.43
CA PHE D 75 41.69 44.10 11.76
C PHE D 75 42.20 44.03 10.32
N LYS D 76 43.18 43.16 10.09
CA LYS D 76 43.73 42.98 8.76
C LYS D 76 42.72 42.27 7.87
N LYS D 77 41.98 43.04 7.08
CA LYS D 77 40.92 42.51 6.24
C LYS D 77 41.36 42.43 4.78
N ILE D 78 41.23 41.24 4.20
CA ILE D 78 41.64 41.03 2.81
C ILE D 78 40.61 41.64 1.85
N PRO D 79 41.11 42.35 0.81
CA PRO D 79 40.26 42.91 -0.24
C PRO D 79 39.36 41.84 -0.88
N GLU D 80 38.08 42.19 -1.08
CA GLU D 80 37.09 41.23 -1.56
C GLU D 80 37.44 40.60 -2.90
N GLU D 81 38.06 41.37 -3.79
CA GLU D 81 38.46 40.85 -5.10
C GLU D 81 39.49 39.75 -4.95
N LYS D 82 40.31 39.84 -3.91
CA LYS D 82 41.32 38.82 -3.64
C LYS D 82 40.80 37.75 -2.69
N ASN D 83 39.49 37.77 -2.42
CA ASN D 83 38.92 36.83 -1.45
C ASN D 83 37.79 35.98 -2.04
N MET D 84 37.75 35.90 -3.36
CA MET D 84 36.76 35.05 -4.03
C MET D 84 37.20 33.60 -4.05
N SER D 85 36.22 32.69 -4.05
CA SER D 85 36.51 31.27 -4.16
C SER D 85 37.25 31.02 -5.46
N ASP D 86 38.52 30.62 -5.33
CA ASP D 86 39.42 30.53 -6.46
C ASP D 86 39.70 29.08 -6.84
N MET D 87 39.30 28.69 -8.06
CA MET D 87 39.52 27.33 -8.54
C MET D 87 41.00 27.10 -8.84
N LYS D 88 41.72 28.17 -9.11
CA LYS D 88 43.13 28.08 -9.50
C LYS D 88 43.99 27.40 -8.44
N CYS D 89 43.86 27.85 -7.19
CA CYS D 89 44.66 27.28 -6.11
C CYS D 89 44.24 25.86 -5.79
N LEU D 90 42.95 25.57 -5.94
CA LEU D 90 42.45 24.21 -5.73
C LEU D 90 43.06 23.26 -6.77
N LEU D 91 43.12 23.73 -8.02
CA LEU D 91 43.65 22.91 -9.10
C LEU D 91 45.16 22.76 -9.00
N THR D 92 45.84 23.77 -8.48
CA THR D 92 47.27 23.70 -8.24
C THR D 92 47.55 22.61 -7.20
N ALA D 93 46.76 22.61 -6.14
CA ALA D 93 46.89 21.60 -5.08
C ALA D 93 46.52 20.21 -5.59
N LEU D 94 45.45 20.15 -6.40
CA LEU D 94 45.00 18.88 -6.97
C LEU D 94 46.06 18.30 -7.89
N THR D 95 46.68 19.15 -8.69
CA THR D 95 47.76 18.73 -9.58
C THR D 95 48.89 18.09 -8.79
N LYS D 96 49.27 18.75 -7.70
CA LYS D 96 50.33 18.26 -6.83
C LYS D 96 50.00 16.90 -6.24
N TYR D 97 48.75 16.74 -5.80
CA TYR D 97 48.28 15.49 -5.21
C TYR D 97 48.33 14.33 -6.19
N GLU D 98 47.80 14.56 -7.40
CA GLU D 98 47.75 13.53 -8.42
C GLU D 98 49.13 13.08 -8.86
N GLN D 99 50.07 14.03 -8.91
CA GLN D 99 51.44 13.74 -9.30
C GLN D 99 52.19 12.95 -8.25
N GLU D 100 52.00 13.32 -6.98
CA GLU D 100 52.86 12.81 -5.91
C GLU D 100 52.22 11.75 -5.03
N HIS D 101 50.90 11.60 -5.10
CA HIS D 101 50.20 10.69 -4.19
C HIS D 101 49.15 9.81 -4.85
N ASN D 102 48.90 10.04 -6.15
CA ASN D 102 47.90 9.23 -6.85
C ASN D 102 48.47 8.53 -8.08
N ASN D 103 49.76 8.24 -8.04
CA ASN D 103 50.46 7.51 -9.10
C ASN D 103 50.29 8.16 -10.47
N GLY D 104 50.26 9.48 -10.51
CA GLY D 104 50.15 10.21 -11.76
C GLY D 104 48.83 10.02 -12.47
N GLU D 105 47.78 9.70 -11.72
CA GLU D 105 46.45 9.52 -12.29
C GLU D 105 45.48 10.54 -11.72
N LYS D 106 44.47 10.91 -12.51
CA LYS D 106 43.49 11.88 -12.06
C LYS D 106 42.68 11.33 -10.89
N VAL D 107 42.23 12.22 -10.02
CA VAL D 107 41.41 11.82 -8.89
C VAL D 107 40.09 11.24 -9.40
N ASN D 108 39.69 10.10 -8.84
CA ASN D 108 38.50 9.40 -9.32
C ASN D 108 37.21 9.91 -8.67
N VAL D 109 36.80 11.11 -9.10
CA VAL D 109 35.52 11.68 -8.70
C VAL D 109 34.79 12.16 -9.93
N ASP D 110 33.49 12.42 -9.79
CA ASP D 110 32.68 12.92 -10.89
C ASP D 110 32.59 14.45 -10.87
N ILE D 111 32.66 15.02 -9.68
CA ILE D 111 32.51 16.47 -9.51
C ILE D 111 33.63 17.06 -8.65
N ILE D 112 34.16 18.20 -9.08
CA ILE D 112 35.18 18.93 -8.33
C ILE D 112 34.70 20.35 -8.05
N THR D 113 34.58 20.70 -6.77
CA THR D 113 34.05 22.01 -6.40
C THR D 113 34.37 22.39 -4.95
N TYR D 114 33.84 23.54 -4.51
CA TYR D 114 34.02 24.01 -3.15
C TYR D 114 32.82 23.67 -2.28
N ARG D 115 33.06 23.45 -0.99
CA ARG D 115 32.02 23.08 -0.04
C ARG D 115 30.91 24.13 0.06
N GLY D 116 31.31 25.39 0.12
CA GLY D 116 30.36 26.49 0.30
C GLY D 116 29.30 26.55 -0.79
N LEU D 117 29.69 26.16 -1.99
CA LEU D 117 28.77 26.18 -3.14
C LEU D 117 27.73 25.08 -3.02
N MET D 118 28.14 23.92 -2.52
CA MET D 118 27.23 22.80 -2.31
C MET D 118 26.35 23.08 -1.11
N THR D 119 26.85 23.83 -0.15
CA THR D 119 26.08 24.22 1.04
C THR D 119 24.89 25.08 0.64
N LYS D 120 25.11 25.97 -0.32
CA LYS D 120 24.05 26.84 -0.81
C LYS D 120 22.94 26.04 -1.50
N LEU D 121 23.34 24.96 -2.19
CA LEU D 121 22.39 24.08 -2.84
C LEU D 121 21.60 23.28 -1.80
N LEU D 122 22.31 22.76 -0.81
CA LEU D 122 21.71 21.96 0.24
C LEU D 122 20.74 22.76 1.11
N ALA D 123 21.07 24.03 1.34
CA ALA D 123 20.27 24.88 2.22
C ALA D 123 19.20 25.67 1.47
N LEU D 124 19.16 25.52 0.16
CA LEU D 124 18.22 26.26 -0.70
C LEU D 124 16.73 26.14 -0.31
N PRO D 125 16.22 24.91 -0.05
CA PRO D 125 14.77 24.78 0.19
C PRO D 125 14.20 25.63 1.32
N TYR D 126 15.06 26.07 2.25
CA TYR D 126 14.61 26.88 3.37
C TYR D 126 15.30 28.22 3.38
N ASN D 127 15.83 28.59 2.22
CA ASN D 127 16.42 29.90 2.00
C ASN D 127 16.09 30.39 0.59
N LEU D 128 14.79 30.49 0.31
CA LEU D 128 14.31 30.77 -1.04
C LEU D 128 14.43 32.23 -1.45
N ASN D 129 14.99 33.05 -0.57
CA ASN D 129 15.25 34.45 -0.89
C ASN D 129 16.69 34.67 -1.34
N ASP D 130 17.54 33.68 -1.11
CA ASP D 130 18.94 33.78 -1.49
C ASP D 130 19.18 33.28 -2.91
N PRO D 131 19.80 34.13 -3.75
CA PRO D 131 20.12 33.75 -5.13
C PRO D 131 21.34 32.83 -5.20
N VAL D 132 21.33 31.90 -6.16
CA VAL D 132 22.46 31.02 -6.38
C VAL D 132 22.85 31.04 -7.85
N ASP D 133 24.14 31.26 -8.13
CA ASP D 133 24.63 31.25 -9.50
C ASP D 133 25.95 30.49 -9.59
N LEU D 134 25.95 29.41 -10.36
CA LEU D 134 27.12 28.55 -10.47
C LEU D 134 27.52 28.31 -11.93
N ASN D 135 28.81 28.28 -12.18
CA ASN D 135 29.34 27.90 -13.48
C ASN D 135 29.76 26.44 -13.47
N VAL D 136 29.31 25.69 -14.47
CA VAL D 136 29.65 24.27 -14.57
C VAL D 136 30.20 23.95 -15.95
N LEU D 137 31.29 23.21 -16.00
CA LEU D 137 31.84 22.76 -17.28
C LEU D 137 32.44 21.36 -17.15
N ALA D 138 32.37 20.59 -18.24
CA ALA D 138 32.93 19.24 -18.25
C ALA D 138 34.34 19.26 -18.83
N TYR D 139 35.24 18.55 -18.16
CA TYR D 139 36.61 18.41 -18.63
C TYR D 139 37.24 17.13 -18.10
N ASP D 140 37.83 16.35 -18.99
CA ASP D 140 38.50 15.10 -18.64
C ASP D 140 37.54 14.15 -17.93
N GLY D 141 36.27 14.17 -18.33
CA GLY D 141 35.27 13.27 -17.78
C GLY D 141 34.79 13.68 -16.40
N GLN D 142 35.04 14.92 -16.03
CA GLN D 142 34.66 15.42 -14.71
C GLN D 142 33.98 16.79 -14.80
N LEU D 143 33.08 17.07 -13.87
CA LEU D 143 32.42 18.37 -13.80
C LEU D 143 33.14 19.28 -12.82
N PHE D 144 33.43 20.50 -13.27
CA PHE D 144 34.05 21.50 -12.42
C PHE D 144 33.06 22.62 -12.11
N ILE D 145 32.83 22.86 -10.83
CA ILE D 145 31.79 23.80 -10.42
C ILE D 145 32.35 24.90 -9.52
N ASN D 146 32.14 26.15 -9.93
CA ASN D 146 32.54 27.29 -9.12
C ASN D 146 31.55 28.43 -9.28
N SER D 147 31.54 29.35 -8.31
CA SER D 147 30.73 30.55 -8.41
C SER D 147 31.29 31.44 -9.52
N ASP D 148 30.47 32.34 -10.03
CA ASP D 148 30.94 33.26 -11.07
C ASP D 148 31.58 34.49 -10.44
N GLU D 149 32.82 34.75 -10.82
CA GLU D 149 33.62 35.82 -10.24
C GLU D 149 32.98 37.20 -10.31
N GLU D 150 32.57 37.59 -11.52
CA GLU D 150 31.98 38.92 -11.73
C GLU D 150 30.66 39.07 -10.99
N ILE D 151 29.82 38.05 -11.08
CA ILE D 151 28.53 38.05 -10.41
C ILE D 151 28.71 38.17 -8.90
N GLU D 152 29.62 37.38 -8.35
CA GLU D 152 29.88 37.40 -6.92
C GLU D 152 30.40 38.75 -6.45
N LEU D 153 31.36 39.30 -7.19
CA LEU D 153 31.93 40.60 -6.84
C LEU D 153 30.85 41.69 -6.88
N ALA D 154 30.01 41.66 -7.91
CA ALA D 154 28.95 42.62 -8.07
C ALA D 154 27.87 42.43 -7.01
N ARG D 155 27.63 41.17 -6.62
CA ARG D 155 26.59 40.89 -5.65
C ARG D 155 27.03 41.34 -4.25
N ARG D 156 28.31 41.15 -3.94
CA ARG D 156 28.83 41.57 -2.64
C ARG D 156 28.80 43.09 -2.51
N LYS D 157 29.28 43.77 -3.54
CA LYS D 157 29.28 45.23 -3.59
C LYS D 157 27.87 45.77 -3.37
N GLU D 158 26.91 45.22 -4.10
CA GLU D 158 25.52 45.65 -3.99
C GLU D 158 24.95 45.40 -2.61
N GLU D 159 25.19 44.20 -2.07
CA GLU D 159 24.66 43.83 -0.76
C GLU D 159 25.23 44.70 0.35
N ASP D 160 26.50 45.10 0.21
CA ASP D 160 27.12 45.99 1.18
C ASP D 160 26.51 47.40 1.08
N GLU D 161 26.28 47.85 -0.14
CA GLU D 161 25.68 49.16 -0.37
C GLU D 161 24.24 49.22 0.11
N HIS D 162 23.52 48.12 -0.05
CA HIS D 162 22.13 48.04 0.38
C HIS D 162 22.02 48.16 1.89
N LYS D 163 22.82 47.39 2.61
CA LYS D 163 22.85 47.45 4.07
C LYS D 163 23.21 48.85 4.55
N GLN D 164 24.17 49.47 3.88
CA GLN D 164 24.68 50.77 4.28
C GLN D 164 23.63 51.86 4.09
N GLN D 165 22.73 51.66 3.13
CA GLN D 165 21.68 52.64 2.85
C GLN D 165 20.36 52.29 3.51
N SER D 166 20.27 51.09 4.10
CA SER D 166 19.05 50.67 4.78
C SER D 166 19.24 50.69 6.29
N MET D 167 20.45 50.99 6.73
CA MET D 167 20.76 51.03 8.16
C MET D 167 21.33 52.38 8.57
N THR D 168 21.16 52.72 9.84
CA THR D 168 21.85 53.85 10.43
C THR D 168 23.34 53.56 10.42
N PRO D 169 24.18 54.61 10.34
CA PRO D 169 25.63 54.41 10.30
C PRO D 169 26.17 53.61 11.49
N GLU D 170 25.42 53.58 12.60
CA GLU D 170 25.87 52.86 13.79
C GLU D 170 25.37 51.42 13.84
N LYS D 171 24.19 51.17 13.28
CA LYS D 171 23.69 49.81 13.16
C LYS D 171 24.53 49.09 12.10
N TYR D 172 24.99 49.85 11.12
CA TYR D 172 25.86 49.34 10.07
C TYR D 172 27.25 49.03 10.62
N ASP D 173 27.78 49.95 11.42
CA ASP D 173 29.10 49.76 12.03
C ASP D 173 29.07 48.61 13.04
N HIS D 174 27.96 48.50 13.76
CA HIS D 174 27.75 47.41 14.70
C HIS D 174 27.77 46.06 13.98
N MET D 175 27.24 46.05 12.77
CA MET D 175 27.17 44.82 11.98
C MET D 175 28.55 44.37 11.51
N LYS D 176 29.40 45.33 11.17
CA LYS D 176 30.76 45.03 10.75
C LYS D 176 31.59 44.52 11.92
N ARG D 177 31.27 45.01 13.12
CA ARG D 177 31.94 44.55 14.32
C ARG D 177 31.52 43.12 14.65
N CYS D 178 30.28 42.78 14.29
CA CYS D 178 29.78 41.42 14.47
C CYS D 178 30.55 40.45 13.56
N GLU D 179 30.80 40.89 12.33
CA GLU D 179 31.60 40.11 11.39
C GLU D 179 33.00 39.92 11.92
N PHE D 180 33.58 40.99 12.47
CA PHE D 180 34.90 40.95 13.07
C PHE D 180 34.93 40.00 14.26
N SER D 181 33.84 39.97 15.02
CA SER D 181 33.77 39.19 16.24
C SER D 181 33.93 37.69 15.96
N GLY D 182 33.56 37.27 14.76
CA GLY D 182 33.71 35.88 14.35
C GLY D 182 35.17 35.48 14.28
N TYR D 183 35.98 36.30 13.62
CA TYR D 183 37.40 36.05 13.50
C TYR D 183 38.13 36.31 14.82
N LYS D 184 37.58 37.24 15.61
CA LYS D 184 38.15 37.56 16.92
C LYS D 184 38.03 36.36 17.86
N PHE D 185 36.86 35.73 17.84
CA PHE D 185 36.60 34.55 18.66
C PHE D 185 37.55 33.43 18.26
N GLU D 186 37.79 33.29 16.97
CA GLU D 186 38.74 32.32 16.45
C GLU D 186 40.13 32.55 17.04
N ALA D 187 40.53 33.81 17.18
CA ALA D 187 41.84 34.15 17.71
C ALA D 187 41.97 33.82 19.20
N ILE D 188 40.93 34.13 19.97
CA ILE D 188 41.00 33.96 21.42
C ILE D 188 40.65 32.54 21.87
N ALA D 189 40.19 31.71 20.95
CA ALA D 189 39.78 30.35 21.30
C ALA D 189 40.72 29.29 20.71
N THR D 190 41.75 29.74 20.00
CA THR D 190 42.69 28.79 19.38
C THR D 190 44.15 29.13 19.66
N LEU D 191 45.01 28.16 19.37
CA LEU D 191 46.45 28.32 19.51
C LEU D 191 47.13 27.90 18.21
N PRO D 192 48.31 28.48 17.91
CA PRO D 192 49.05 28.11 16.70
C PRO D 192 49.62 26.68 16.79
N LYS D 193 49.82 26.21 18.01
CA LYS D 193 50.35 24.87 18.25
C LYS D 193 49.54 24.20 19.35
N PRO D 194 49.75 22.89 19.58
CA PRO D 194 49.18 22.29 20.80
C PRO D 194 49.66 23.04 22.05
N TRP D 195 48.87 23.00 23.11
CA TRP D 195 49.14 23.77 24.32
C TRP D 195 50.56 23.57 24.85
N ALA D 196 51.03 22.33 24.80
CA ALA D 196 52.33 21.97 25.36
C ALA D 196 53.49 22.61 24.62
N ASP D 197 53.25 23.05 23.39
CA ASP D 197 54.31 23.61 22.55
C ASP D 197 54.28 25.13 22.47
N CYS D 198 53.29 25.73 23.13
CA CYS D 198 53.12 27.18 23.07
C CYS D 198 53.87 27.91 24.18
N SER D 199 54.21 29.17 23.92
CA SER D 199 54.82 30.02 24.93
C SER D 199 53.75 30.61 25.83
N ARG D 200 54.17 31.35 26.85
CA ARG D 200 53.23 31.98 27.77
C ARG D 200 52.49 33.12 27.08
N GLN D 201 53.19 33.85 26.21
CA GLN D 201 52.59 34.93 25.45
C GLN D 201 51.48 34.43 24.53
N GLN D 202 51.74 33.33 23.84
CA GLN D 202 50.81 32.77 22.87
C GLN D 202 49.53 32.26 23.52
N ILE D 203 49.65 31.86 24.79
CA ILE D 203 48.51 31.30 25.51
C ILE D 203 47.73 32.36 26.28
N ASP D 204 48.43 33.19 27.02
CA ASP D 204 47.79 34.09 27.98
C ASP D 204 47.26 35.39 27.37
N LYS D 205 47.98 35.97 26.41
CA LYS D 205 47.59 37.26 25.86
C LYS D 205 47.07 37.17 24.43
N ARG D 206 46.01 36.38 24.23
CA ARG D 206 45.40 36.22 22.92
C ARG D 206 44.47 37.39 22.60
N GLY D 207 44.10 38.13 23.64
CA GLY D 207 43.23 39.29 23.48
C GLY D 207 43.91 40.43 22.76
N LYS D 208 45.24 40.38 22.70
CA LYS D 208 46.04 41.40 22.03
C LYS D 208 46.46 40.94 20.64
N LYS D 209 46.28 39.66 20.37
CA LYS D 209 46.68 39.06 19.10
C LYS D 209 45.97 39.72 17.91
N MET D 210 46.72 40.05 16.87
CA MET D 210 46.14 40.69 15.69
C MET D 210 45.20 39.74 14.97
N VAL D 211 44.05 40.26 14.57
CA VAL D 211 43.02 39.46 13.92
C VAL D 211 43.00 39.71 12.41
N ASN D 212 42.95 38.63 11.62
CA ASN D 212 42.91 38.73 10.18
C ASN D 212 42.04 37.65 9.54
N ASN D 213 41.64 37.85 8.30
CA ASN D 213 40.94 36.84 7.54
C ASN D 213 41.73 36.42 6.30
N TYR D 214 43.04 36.68 6.35
CA TYR D 214 43.96 36.24 5.31
C TYR D 214 44.28 34.77 5.48
N GLU D 215 44.63 34.40 6.71
CA GLU D 215 45.00 33.03 7.03
C GLU D 215 43.80 32.09 6.93
N GLN D 216 44.02 30.97 6.26
CA GLN D 216 43.02 30.02 5.76
C GLN D 216 43.55 28.64 5.52
N TYR D 217 43.01 27.67 6.25
CA TYR D 217 43.37 26.27 6.14
C TYR D 217 42.30 25.50 5.41
N ILE D 218 42.63 25.02 4.22
CA ILE D 218 41.65 24.39 3.35
C ILE D 218 41.86 22.88 3.28
N SER D 219 40.87 22.12 3.74
CA SER D 219 40.88 20.68 3.62
C SER D 219 40.14 20.25 2.35
N VAL D 220 40.71 19.30 1.62
CA VAL D 220 40.08 18.79 0.41
C VAL D 220 39.75 17.32 0.58
N ILE D 221 38.46 17.00 0.54
CA ILE D 221 38.01 15.65 0.87
C ILE D 221 37.41 14.92 -0.33
N LYS D 222 37.48 13.60 -0.28
CA LYS D 222 36.80 12.75 -1.25
C LYS D 222 35.54 12.21 -0.61
N THR D 223 34.38 12.53 -1.21
CA THR D 223 33.10 12.14 -0.66
C THR D 223 32.11 11.83 -1.77
N GLY D 224 30.82 11.93 -1.46
CA GLY D 224 29.81 11.73 -2.48
C GLY D 224 28.39 11.67 -1.96
N ILE D 225 27.44 11.53 -2.88
CA ILE D 225 26.04 11.33 -2.53
C ILE D 225 25.39 10.50 -3.62
N GLY D 226 24.61 9.50 -3.21
CA GLY D 226 24.09 8.52 -4.15
C GLY D 226 25.26 7.73 -4.72
N GLU D 227 25.36 7.69 -6.04
CA GLU D 227 26.49 7.04 -6.69
C GLU D 227 27.42 8.08 -7.32
N ALA D 228 27.19 9.34 -6.98
CA ALA D 228 28.05 10.42 -7.44
C ALA D 228 29.26 10.58 -6.53
N LYS D 229 30.45 10.60 -7.11
CA LYS D 229 31.67 10.83 -6.35
C LYS D 229 32.09 12.29 -6.48
N MET D 230 32.45 12.90 -5.36
CA MET D 230 32.72 14.33 -5.34
C MET D 230 33.99 14.71 -4.59
N LEU D 231 34.70 15.70 -5.12
CA LEU D 231 35.85 16.30 -4.44
C LEU D 231 35.43 17.66 -3.90
N LEU D 232 35.50 17.83 -2.57
CA LEU D 232 35.08 19.08 -1.94
C LEU D 232 36.22 19.76 -1.21
N ALA D 233 36.45 21.03 -1.52
CA ALA D 233 37.42 21.84 -0.79
C ALA D 233 36.67 22.77 0.16
N GLY D 234 37.10 22.81 1.42
CA GLY D 234 36.45 23.63 2.42
C GLY D 234 37.38 24.09 3.51
N GLU D 235 37.19 25.32 3.95
CA GLU D 235 38.00 25.88 5.04
C GLU D 235 37.69 25.17 6.35
N VAL D 236 38.73 24.86 7.11
CA VAL D 236 38.59 24.26 8.43
C VAL D 236 39.13 25.21 9.48
N ASP D 237 38.33 25.51 10.49
CA ASP D 237 38.68 26.53 11.47
C ASP D 237 39.82 26.08 12.40
N CYS D 238 39.73 24.87 12.93
CA CYS D 238 40.78 24.35 13.81
C CYS D 238 40.67 22.85 14.08
N VAL D 239 41.62 22.34 14.82
CA VAL D 239 41.61 20.94 15.25
C VAL D 239 41.07 20.84 16.68
N TRP D 240 40.14 19.92 16.90
CA TRP D 240 39.51 19.73 18.20
C TRP D 240 40.48 19.22 19.27
N ASP D 241 41.26 18.20 18.91
CA ASP D 241 42.22 17.64 19.85
C ASP D 241 43.62 17.55 19.26
N TYR D 242 43.79 16.69 18.27
CA TYR D 242 45.11 16.47 17.67
C TYR D 242 44.99 15.97 16.23
N ILE D 243 46.01 16.24 15.43
CA ILE D 243 46.11 15.61 14.13
C ILE D 243 46.63 14.21 14.34
N PRO D 244 45.88 13.20 13.86
CA PRO D 244 46.18 11.77 14.03
C PRO D 244 47.66 11.51 13.88
N GLU D 245 48.17 10.68 14.76
CA GLU D 245 49.62 10.59 14.96
C GLU D 245 50.33 10.26 13.63
N ASP D 246 49.75 9.34 12.86
CA ASP D 246 50.25 9.03 11.52
C ASP D 246 49.55 9.83 10.40
N GLY D 247 48.24 9.97 10.45
CA GLY D 247 47.56 10.83 9.48
C GLY D 247 46.30 10.23 8.91
N LYS D 248 45.71 9.31 9.65
CA LYS D 248 44.51 8.64 9.18
C LYS D 248 43.26 9.24 9.85
N ASP D 249 42.23 9.44 9.05
CA ASP D 249 40.96 9.97 9.51
C ASP D 249 41.13 11.30 10.26
N VAL D 250 41.85 12.22 9.63
CA VAL D 250 42.10 13.52 10.25
C VAL D 250 40.80 14.34 10.28
N LEU D 251 39.89 14.03 9.36
CA LEU D 251 38.62 14.73 9.24
C LEU D 251 37.83 14.74 10.54
N SER D 252 37.88 13.63 11.27
CA SER D 252 37.12 13.48 12.52
C SER D 252 37.69 14.34 13.65
N HIS D 253 38.86 14.93 13.42
CA HIS D 253 39.51 15.73 14.45
C HIS D 253 39.38 17.23 14.18
N TYR D 254 38.69 17.58 13.10
CA TYR D 254 38.44 18.98 12.75
C TYR D 254 37.20 19.50 13.47
N MET D 255 37.06 20.82 13.51
CA MET D 255 35.86 21.44 14.06
C MET D 255 35.67 22.85 13.53
N GLU D 256 34.44 23.34 13.58
CA GLU D 256 34.14 24.70 13.15
C GLU D 256 33.84 25.60 14.34
N LEU D 257 34.14 26.89 14.18
CA LEU D 257 33.89 27.88 15.21
C LEU D 257 32.94 28.96 14.71
N LYS D 258 31.88 29.22 15.47
CA LYS D 258 30.89 30.21 15.08
C LYS D 258 30.60 31.18 16.24
N THR D 259 30.13 32.38 15.91
CA THR D 259 29.68 33.33 16.91
C THR D 259 28.29 33.84 16.58
N THR D 260 27.52 34.16 17.60
CA THR D 260 26.20 34.73 17.43
C THR D 260 25.78 35.46 18.70
N ARG D 261 24.72 36.25 18.62
CA ARG D 261 24.24 36.99 19.77
C ARG D 261 23.60 36.05 20.78
N ILE D 262 23.69 36.39 22.06
CA ILE D 262 23.01 35.62 23.11
C ILE D 262 21.51 35.60 22.84
N LEU D 263 20.86 34.52 23.26
CA LEU D 263 19.44 34.34 23.00
C LEU D 263 18.59 34.82 24.18
N GLU D 264 17.82 35.88 23.95
CA GLU D 264 17.03 36.49 25.02
C GLU D 264 15.54 36.54 24.69
N SER D 265 15.17 36.10 23.49
CA SER D 265 13.76 36.07 23.10
C SER D 265 13.47 34.87 22.20
N ASN D 266 12.18 34.56 22.06
CA ASN D 266 11.77 33.44 21.21
C ASN D 266 12.10 33.68 19.74
N GLY D 267 12.01 34.93 19.32
CA GLY D 267 12.33 35.29 17.94
C GLY D 267 13.80 35.09 17.62
N GLN D 268 14.65 35.35 18.60
CA GLN D 268 16.09 35.16 18.43
C GLN D 268 16.44 33.68 18.37
N VAL D 269 15.66 32.85 19.08
CA VAL D 269 15.83 31.41 19.04
C VAL D 269 15.51 30.88 17.65
N VAL D 270 14.41 31.35 17.08
CA VAL D 270 14.00 30.96 15.74
C VAL D 270 15.07 31.31 14.71
N ASN D 271 15.61 32.52 14.81
CA ASN D 271 16.66 32.96 13.90
C ASN D 271 17.96 32.17 14.10
N PHE D 272 18.18 31.70 15.32
CA PHE D 272 19.36 30.91 15.62
C PHE D 272 19.26 29.51 15.01
N GLU D 273 18.04 28.99 14.93
CA GLU D 273 17.81 27.67 14.33
C GLU D 273 18.05 27.74 12.82
N LYS D 274 17.83 28.91 12.25
CA LYS D 274 18.11 29.12 10.83
C LYS D 274 19.62 29.11 10.59
N LYS D 275 20.36 29.72 11.51
CA LYS D 275 21.81 29.69 11.46
C LYS D 275 22.34 28.28 11.64
N LEU D 276 21.73 27.53 12.55
CA LEU D 276 22.15 26.17 12.85
C LEU D 276 21.99 25.26 11.64
N PHE D 277 20.91 25.45 10.89
CA PHE D 277 20.66 24.66 9.69
C PHE D 277 21.77 24.86 8.66
N LYS D 278 22.17 26.11 8.46
CA LYS D 278 23.26 26.42 7.54
C LYS D 278 24.57 25.83 8.03
N THR D 279 24.81 25.94 9.33
CA THR D 279 26.00 25.37 9.96
C THR D 279 26.03 23.86 9.78
N TRP D 280 24.88 23.22 10.02
CA TRP D 280 24.78 21.78 9.83
C TRP D 280 25.12 21.39 8.41
N ALA D 281 24.53 22.09 7.44
CA ALA D 281 24.78 21.83 6.03
C ALA D 281 26.26 21.96 5.70
N GLN D 282 26.89 22.98 6.27
CA GLN D 282 28.30 23.24 6.06
C GLN D 282 29.18 22.11 6.58
N CYS D 283 28.89 21.63 7.79
CA CYS D 283 29.70 20.61 8.43
C CYS D 283 29.40 19.20 7.91
N PHE D 284 28.13 18.93 7.65
CA PHE D 284 27.70 17.61 7.20
C PHE D 284 28.33 17.24 5.86
N LEU D 285 28.42 18.21 4.96
CA LEU D 285 29.01 17.98 3.64
C LEU D 285 30.51 17.73 3.72
N MET D 286 31.17 18.37 4.69
CA MET D 286 32.62 18.23 4.84
C MET D 286 33.02 17.07 5.73
N GLY D 287 32.05 16.49 6.43
CA GLY D 287 32.34 15.43 7.38
C GLY D 287 32.89 15.97 8.68
N ILE D 288 32.66 17.25 8.93
CA ILE D 288 33.03 17.88 10.19
C ILE D 288 32.03 17.45 11.26
N ARG D 289 32.54 16.95 12.38
CA ARG D 289 31.68 16.32 13.38
C ARG D 289 31.35 17.23 14.56
N LYS D 290 32.08 18.31 14.71
CA LYS D 290 31.89 19.21 15.86
C LYS D 290 31.87 20.68 15.47
N VAL D 291 31.03 21.45 16.15
CA VAL D 291 31.00 22.88 15.97
C VAL D 291 30.80 23.58 17.32
N VAL D 292 31.59 24.64 17.57
CA VAL D 292 31.47 25.40 18.79
C VAL D 292 30.90 26.78 18.52
N TYR D 293 29.86 27.14 19.27
CA TYR D 293 29.26 28.47 19.17
C TYR D 293 29.65 29.34 20.36
N GLY D 294 30.12 30.54 20.08
CA GLY D 294 30.36 31.53 21.12
C GLY D 294 29.24 32.54 21.14
N PHE D 295 28.66 32.75 22.31
CA PHE D 295 27.53 33.67 22.45
C PHE D 295 27.95 34.98 23.11
N ARG D 296 27.66 36.09 22.43
CA ARG D 296 28.07 37.42 22.89
C ARG D 296 26.87 38.32 23.15
N ASP D 297 27.05 39.33 24.00
CA ASP D 297 26.01 40.32 24.21
C ASP D 297 26.20 41.50 23.26
N ASP D 298 25.39 42.55 23.44
CA ASP D 298 25.45 43.70 22.55
C ASP D 298 26.73 44.53 22.75
N SER D 299 27.47 44.25 23.82
CA SER D 299 28.76 44.87 24.04
C SER D 299 29.88 43.91 23.65
N PHE D 300 29.49 42.85 22.94
CA PHE D 300 30.43 41.86 22.37
C PHE D 300 31.23 41.10 23.43
N PHE D 301 30.70 41.00 24.64
CA PHE D 301 31.34 40.19 25.67
C PHE D 301 30.90 38.73 25.56
N LEU D 302 31.87 37.82 25.60
CA LEU D 302 31.59 36.40 25.47
C LEU D 302 30.95 35.85 26.76
N ARG D 303 29.67 35.52 26.68
CA ARG D 303 28.90 35.13 27.86
C ARG D 303 28.70 33.62 27.97
N ASP D 304 28.72 32.91 26.85
CA ASP D 304 28.48 31.48 26.86
C ASP D 304 29.12 30.78 25.67
N VAL D 305 29.49 29.52 25.86
CA VAL D 305 30.06 28.70 24.79
C VAL D 305 29.41 27.32 24.77
N GLU D 306 28.94 26.90 23.60
CA GLU D 306 28.31 25.59 23.46
C GLU D 306 28.95 24.78 22.34
N LEU D 307 29.23 23.51 22.63
CA LEU D 307 29.71 22.59 21.61
C LEU D 307 28.56 21.73 21.12
N TYR D 308 28.42 21.62 19.80
CA TYR D 308 27.41 20.76 19.21
C TYR D 308 28.04 19.68 18.34
N LYS D 309 27.51 18.47 18.44
CA LYS D 309 27.85 17.43 17.47
C LYS D 309 27.00 17.65 16.24
N THR D 310 27.60 17.54 15.06
CA THR D 310 26.91 17.81 13.81
C THR D 310 25.66 16.95 13.66
N GLU D 311 25.75 15.69 14.07
CA GLU D 311 24.66 14.74 13.89
C GLU D 311 23.47 15.01 14.83
N GLU D 312 23.66 15.86 15.83
CA GLU D 312 22.58 16.15 16.77
C GLU D 312 21.92 17.51 16.50
N ILE D 313 22.53 18.28 15.60
CA ILE D 313 21.98 19.58 15.22
C ILE D 313 20.55 19.50 14.64
N PRO D 314 20.25 18.51 13.78
CA PRO D 314 18.86 18.43 13.30
C PRO D 314 17.83 18.30 14.43
N LEU D 315 18.26 17.76 15.57
CA LEU D 315 17.37 17.59 16.72
C LEU D 315 17.19 18.90 17.48
N LEU D 316 18.04 19.88 17.19
CA LEU D 316 17.96 21.18 17.84
C LEU D 316 17.01 22.11 17.09
N ILE D 317 16.78 21.82 15.82
CA ILE D 317 15.89 22.62 15.00
C ILE D 317 14.46 22.08 15.09
N LYS D 318 13.67 22.65 16.00
CA LYS D 318 12.36 22.10 16.32
C LYS D 318 11.21 22.82 15.63
N ASN D 319 11.49 23.98 15.05
CA ASN D 319 10.49 24.76 14.32
C ASN D 319 9.24 25.05 15.16
N LYS D 330 9.12 24.21 9.41
CA LYS D 330 9.56 24.21 8.02
C LYS D 330 10.81 23.37 7.80
N ILE D 331 11.90 23.76 8.46
CA ILE D 331 13.21 23.16 8.23
C ILE D 331 13.27 21.67 8.54
N ASN D 332 13.67 20.90 7.53
CA ASN D 332 13.85 19.46 7.66
C ASN D 332 15.14 19.04 6.96
N CYS D 333 16.14 18.67 7.75
CA CYS D 333 17.46 18.34 7.21
C CYS D 333 17.41 17.14 6.26
N THR D 334 16.58 16.16 6.57
CA THR D 334 16.40 15.00 5.71
C THR D 334 15.83 15.40 4.36
N THR D 335 14.83 16.28 4.39
CA THR D 335 14.22 16.79 3.16
C THR D 335 15.22 17.58 2.33
N ALA D 336 16.00 18.42 3.00
CA ALA D 336 17.03 19.23 2.34
C ALA D 336 18.06 18.34 1.66
N LEU D 337 18.43 17.26 2.32
CA LEU D 337 19.41 16.33 1.78
C LEU D 337 18.87 15.62 0.54
N LYS D 338 17.57 15.34 0.54
CA LYS D 338 16.92 14.69 -0.58
C LYS D 338 16.90 15.60 -1.82
N TRP D 339 16.66 16.89 -1.59
CA TRP D 339 16.70 17.87 -2.67
C TRP D 339 18.11 18.00 -3.23
N TYR D 340 19.09 18.00 -2.34
CA TYR D 340 20.49 18.11 -2.73
C TYR D 340 20.91 16.94 -3.63
N GLY D 341 20.49 15.74 -3.26
CA GLY D 341 20.77 14.56 -4.05
C GLY D 341 20.13 14.60 -5.41
N ALA D 342 18.97 15.23 -5.49
CA ALA D 342 18.26 15.38 -6.75
C ALA D 342 18.99 16.35 -7.68
N VAL D 343 19.52 17.41 -7.11
CA VAL D 343 20.27 18.41 -7.87
C VAL D 343 21.53 17.81 -8.48
N ILE D 344 22.30 17.12 -7.63
CA ILE D 344 23.54 16.48 -8.06
C ILE D 344 23.28 15.46 -9.15
N GLU D 345 22.25 14.65 -8.97
CA GLU D 345 21.86 13.66 -9.98
C GLU D 345 21.44 14.34 -11.27
N TRP D 346 20.70 15.44 -11.14
CA TRP D 346 20.21 16.19 -12.28
C TRP D 346 21.34 16.75 -13.14
N LEU D 347 22.35 17.32 -12.48
CA LEU D 347 23.50 17.90 -13.17
C LEU D 347 24.29 16.85 -13.94
N LEU D 348 24.43 15.67 -13.35
CA LEU D 348 25.18 14.58 -13.97
C LEU D 348 24.41 13.97 -15.14
N GLN D 349 23.09 14.10 -15.11
CA GLN D 349 22.25 13.58 -16.19
C GLN D 349 22.14 14.57 -17.35
N GLU D 350 22.11 15.86 -17.02
CA GLU D 350 21.81 16.88 -18.01
C GLU D 350 23.03 17.49 -18.69
N ILE D 351 24.20 17.34 -18.07
CA ILE D 351 25.41 17.90 -18.65
C ILE D 351 26.32 16.80 -19.18
N PRO D 352 26.40 16.68 -20.52
CA PRO D 352 27.25 15.72 -21.21
C PRO D 352 28.70 15.82 -20.74
N ARG D 353 29.22 14.73 -20.20
CA ARG D 353 30.50 14.76 -19.52
C ARG D 353 31.69 14.77 -20.48
N ASP D 354 31.45 14.38 -21.73
CA ASP D 354 32.54 14.27 -22.69
C ASP D 354 32.50 15.37 -23.76
N ASP D 355 31.60 16.34 -23.59
CA ASP D 355 31.53 17.48 -24.48
C ASP D 355 32.21 18.68 -23.86
N THR D 356 33.42 18.98 -24.33
CA THR D 356 34.23 20.07 -23.78
C THR D 356 34.06 21.36 -24.56
N SER D 357 33.01 21.43 -25.36
CA SER D 357 32.76 22.62 -26.17
C SER D 357 31.75 23.55 -25.50
N LYS D 358 31.20 23.10 -24.38
CA LYS D 358 30.13 23.83 -23.70
C LYS D 358 30.47 24.19 -22.26
N ALA D 359 29.90 25.30 -21.80
CA ALA D 359 29.92 25.66 -20.38
C ALA D 359 28.51 26.07 -19.97
N TYR D 360 28.15 25.81 -18.72
CA TYR D 360 26.78 26.02 -18.29
C TYR D 360 26.64 26.87 -17.04
N ARG D 361 25.51 27.57 -16.95
CA ARG D 361 25.17 28.35 -15.78
C ARG D 361 23.99 27.73 -15.04
N VAL D 362 24.24 27.31 -13.80
CA VAL D 362 23.18 26.81 -12.95
C VAL D 362 22.74 27.93 -12.01
N SER D 363 21.47 28.28 -12.05
CA SER D 363 20.99 29.43 -11.31
C SER D 363 19.67 29.20 -10.58
N PHE D 364 19.57 29.78 -9.38
CA PHE D 364 18.30 29.86 -8.67
C PHE D 364 17.88 31.32 -8.57
N ASP D 365 16.71 31.63 -9.13
CA ASP D 365 16.19 32.99 -9.11
C ASP D 365 15.09 33.14 -8.07
N PRO D 366 15.36 33.89 -7.00
CA PRO D 366 14.41 34.07 -5.89
C PRO D 366 13.08 34.69 -6.32
N SER D 367 13.13 35.66 -7.23
CA SER D 367 11.93 36.38 -7.66
C SER D 367 10.92 35.48 -8.35
N THR D 368 11.42 34.45 -9.04
CA THR D 368 10.54 33.52 -9.76
C THR D 368 10.57 32.14 -9.12
N ARG D 369 11.50 31.94 -8.20
CA ARG D 369 11.68 30.67 -7.50
C ARG D 369 11.85 29.50 -8.47
N THR D 370 12.69 29.72 -9.48
CA THR D 370 12.99 28.68 -10.46
C THR D 370 14.46 28.26 -10.41
N PHE D 371 14.70 26.98 -10.60
CA PHE D 371 16.05 26.43 -10.60
C PHE D 371 16.40 25.99 -12.02
N THR D 372 17.29 26.73 -12.68
CA THR D 372 17.50 26.55 -14.11
C THR D 372 18.92 26.19 -14.53
N LEU D 373 19.02 25.62 -15.73
CA LEU D 373 20.30 25.28 -16.35
C LEU D 373 20.32 25.81 -17.79
N ARG D 374 21.31 26.64 -18.10
CA ARG D 374 21.42 27.19 -19.44
C ARG D 374 22.86 27.23 -19.93
N GLU D 375 23.03 27.23 -21.24
CA GLU D 375 24.36 27.26 -21.85
C GLU D 375 24.95 28.67 -21.84
N LEU D 376 26.20 28.77 -21.41
CA LEU D 376 26.91 30.04 -21.44
C LEU D 376 27.35 30.37 -22.86
N MET D 377 27.69 31.63 -23.09
CA MET D 377 28.16 32.05 -24.41
C MET D 377 29.58 31.56 -24.67
N GLY D 378 29.99 31.59 -25.93
CA GLY D 378 31.29 31.05 -26.33
C GLY D 378 32.48 31.68 -25.64
N ASN D 379 32.48 33.00 -25.52
CA ASN D 379 33.59 33.70 -24.89
C ASN D 379 33.68 33.41 -23.39
N GLU D 380 32.53 33.19 -22.78
CA GLU D 380 32.47 32.84 -21.36
C GLU D 380 33.02 31.44 -21.16
N ASN D 381 32.62 30.51 -22.02
CA ASN D 381 33.15 29.15 -22.00
C ASN D 381 34.66 29.15 -22.20
N SER D 382 35.13 30.00 -23.11
CA SER D 382 36.54 30.07 -23.44
C SER D 382 37.38 30.58 -22.28
N ARG D 383 36.94 31.66 -21.65
CA ARG D 383 37.68 32.26 -20.55
C ARG D 383 37.68 31.35 -19.32
N LEU D 384 36.59 30.62 -19.11
CA LEU D 384 36.51 29.67 -18.00
C LEU D 384 37.49 28.51 -18.19
N ARG D 385 37.60 28.03 -19.43
CA ARG D 385 38.44 26.89 -19.74
C ARG D 385 39.91 27.28 -19.93
N ASN D 386 40.19 28.57 -19.92
CA ASN D 386 41.54 29.05 -20.19
C ASN D 386 42.04 30.08 -19.18
N GLY D 387 41.81 29.85 -17.89
CA GLY D 387 42.36 30.72 -16.87
C GLY D 387 41.50 30.99 -15.66
N GLU D 388 40.21 31.22 -15.86
CA GLU D 388 39.33 31.67 -14.78
C GLU D 388 38.75 30.51 -13.97
N MET D 389 38.58 29.36 -14.60
CA MET D 389 38.19 28.14 -13.90
C MET D 389 39.31 27.12 -14.01
N LEU D 390 39.48 26.56 -15.20
CA LEU D 390 40.60 25.69 -15.48
C LEU D 390 41.85 26.52 -15.67
N THR D 391 43.00 25.98 -15.29
CA THR D 391 44.26 26.68 -15.48
C THR D 391 45.11 25.96 -16.53
N SER D 392 46.04 26.68 -17.14
CA SER D 392 46.91 26.12 -18.16
C SER D 392 47.76 24.99 -17.60
N GLU D 393 48.26 25.18 -16.38
CA GLU D 393 49.12 24.20 -15.73
C GLU D 393 48.36 22.90 -15.43
N PHE D 394 47.10 23.03 -15.02
CA PHE D 394 46.28 21.87 -14.70
C PHE D 394 45.95 21.07 -15.95
N LYS D 395 45.56 21.77 -17.01
CA LYS D 395 45.19 21.10 -18.25
C LYS D 395 46.39 20.42 -18.90
N GLN D 396 47.55 21.08 -18.82
CA GLN D 396 48.76 20.51 -19.40
C GLN D 396 49.20 19.27 -18.62
N TRP D 397 48.91 19.25 -17.33
CA TRP D 397 49.18 18.07 -16.51
C TRP D 397 48.28 16.91 -16.92
N ARG D 398 46.98 17.18 -16.99
CA ARG D 398 46.00 16.15 -17.36
C ARG D 398 46.24 15.62 -18.76
N GLU D 399 46.64 16.50 -19.67
CA GLU D 399 46.93 16.10 -21.04
C GLU D 399 48.13 15.14 -21.12
N SER D 400 49.06 15.31 -20.20
CA SER D 400 50.30 14.52 -20.20
C SER D 400 50.09 13.11 -19.66
N ILE D 401 49.00 12.90 -18.93
CA ILE D 401 48.71 11.58 -18.37
C ILE D 401 48.33 10.59 -19.46
CA CA E . 15.00 -9.62 28.21
C1M 0WD F . 15.67 -12.18 16.01
C2M 0WD F . 14.75 -11.26 16.75
O2M 0WD F . 14.69 -9.97 16.13
C3M 0WD F . 15.53 -11.20 18.02
O3M 0WD F . 16.78 -10.58 17.73
O4M 0WD F . 15.70 -13.30 16.91
C4M 0WD F . 15.77 -12.70 18.25
C5M 0WD F . 14.72 -13.34 19.17
O5M 0WD F . 13.45 -13.47 18.55
PN 0WD F . 12.12 -13.32 19.47
O1N 0WD F . 12.68 -13.99 20.67
O2N 0WD F . 11.11 -13.91 18.57
O3P 0WD F . 11.97 -11.73 19.68
PA 0WD F . 11.31 -10.98 20.93
O1A 0WD F . 10.78 -9.69 20.47
O2A 0WD F . 10.43 -11.93 21.66
O5B 0WD F . 12.61 -10.69 21.85
C5B 0WD F . 13.12 -9.36 21.96
C4B 0WD F . 14.65 -9.41 22.09
C3B 0WD F . 15.16 -8.34 23.02
O3B 0WD F . 14.79 -8.61 24.39
P2' 0WD F . 13.59 -7.82 25.09
OP2 0WD F . 14.05 -7.79 26.49
OP1 0WD F . 13.60 -6.51 24.42
OP3 0WD F . 12.41 -8.67 24.84
O4B 0WD F . 15.31 -9.02 20.86
C1B 0WD F . 16.63 -8.56 21.28
C2B 0WD F . 16.61 -8.63 22.80
O2B 0WD F . 16.87 -9.97 23.22
CA CA G . -36.98 -4.20 13.01
O7N 0WD H . -39.58 -1.62 -0.93
C7N 0WD H . -39.61 -2.67 -1.57
N7N 0WD H . -40.48 -2.95 -2.52
C3N 0WD H . -38.67 -3.67 -1.31
C2N 0WD H . -37.70 -3.49 -0.34
C4N 0WD H . -38.73 -4.86 -2.02
C5N 0WD H . -37.81 -5.87 -1.77
C6N 0WD H . -36.83 -5.69 -0.81
N1N 0WD H . -36.76 -4.50 -0.08
C1M 0WD H . -35.71 -4.34 0.94
C2M 0WD H . -36.27 -4.19 2.34
O2M 0WD H . -36.83 -2.88 2.54
C3M 0WD H . -34.97 -4.36 3.06
O3M 0WD H . -34.09 -3.30 2.66
O4M 0WD H . -34.97 -5.57 1.04
C4M 0WD H . -34.52 -5.67 2.42
C5M 0WD H . -35.16 -6.88 3.11
O5M 0WD H . -36.44 -7.21 2.56
PN 0WD H . -37.66 -7.58 3.56
O1N 0WD H . -36.82 -8.10 4.67
O2N 0WD H . -38.48 -8.42 2.67
O3P 0WD H . -38.32 -6.17 3.96
PA 0WD H . -39.46 -5.89 5.06
O1A 0WD H . -39.82 -7.17 5.72
O2A 0WD H . -40.52 -5.08 4.43
O5B 0WD H . -38.69 -4.97 6.13
C5B 0WD H . -37.73 -5.52 7.04
C4B 0WD H . -36.66 -4.48 7.36
C3B 0WD H . -37.26 -3.27 8.02
O3B 0WD H . -37.62 -3.55 9.38
P2' 0WD H . -38.93 -2.93 10.04
OP2 0WD H . -38.76 -3.33 11.46
OP1 0WD H . -40.03 -3.61 9.35
OP3 0WD H . -38.80 -1.48 9.81
O4B 0WD H . -36.15 -3.91 6.12
C1B 0WD H . -35.69 -2.58 6.47
C2B 0WD H . -36.03 -2.41 7.96
O2B 0WD H . -35.02 -3.05 8.75
N9A 0WD H . -36.40 -1.62 5.57
C4A 0WD H . -35.78 -0.63 4.94
N3A 0WD H . -34.49 -0.26 4.92
C2A 0WD H . -34.08 0.83 4.15
N1A 0WD H . -35.06 1.51 3.42
C5A 0WD H . -36.68 0.04 4.22
C6A 0WD H . -36.32 1.09 3.48
N6A 0WD H . -37.29 1.69 2.80
N7A 0WD H . -37.86 -0.55 4.41
C8A 0WD H . -37.69 -1.57 5.24
O11 PPV I . 0.87 -5.86 -32.14
P1 PPV I . -0.42 -5.80 -31.37
O21 PPV I . -0.27 -6.56 -30.07
O31 PPV I . -1.54 -6.42 -32.20
OPP PPV I . -0.78 -4.29 -31.08
P2 PPV I . -1.68 -3.78 -29.88
O12 PPV I . -0.81 -3.14 -28.82
O22 PPV I . -2.67 -2.76 -30.39
O32 PPV I . -2.43 -4.94 -29.27
O11 PPV J . 35.82 28.20 0.78
P1 PPV J . 34.57 27.57 1.38
O21 PPV J . 34.95 26.84 2.64
O31 PPV J . 33.98 26.60 0.38
OPP PPV J . 33.51 28.70 1.69
P2 PPV J . 32.48 28.65 2.89
O12 PPV J . 33.17 29.09 4.15
O22 PPV J . 31.32 29.56 2.59
O32 PPV J . 31.98 27.24 3.06
#